data_5CDM
#
_entry.id   5CDM
#
_cell.length_a   93.884
_cell.length_b   93.884
_cell.length_c   412.482
_cell.angle_alpha   90.000
_cell.angle_beta   90.000
_cell.angle_gamma   120.000
#
_symmetry.space_group_name_H-M   'P 61'
#
loop_
_entity.id
_entity.type
_entity.pdbx_description
1 polymer 'DNA gyrase subunit B,DNA gyrase subunit B'
2 polymer 'DNA gyrase subunit A'
3 polymer "DNA (5'-D(P*GP*AP*GP*CP*GP*TP*AP*C*GP*GP*CP*CP*GP*TP*AP*CP*GP*CP*TP*T)-3')"
4 polymer "DNA (5'-D(P*GP*AP*GP*CP*GP*TP*AP*C*GP*GP*CP*CP*GP*TP*AP*CP*GP*CP*TP*T)-3')"
5 non-polymer 'MANGANESE (II) ION'
6 non-polymer GLYCEROL
7 non-polymer 'SULFATE ION'
8 non-polymer 'SODIUM ION'
9 non-polymer "(2R,4S,4aS)-2,4-dimethyl-8-nitro-1,2,4,4a-tetrahydro-2'H,6H-spiro[1,4-oxazino[4,3-a]quinoline-5,5'-pyrimidine]-2',4',6'(1'H,3'H)-trione"
10 non-polymer "THYMIDINE-5'-MONOPHOSPHATE"
11 water water
#
loop_
_entity_poly.entity_id
_entity_poly.type
_entity_poly.pdbx_seq_one_letter_code
_entity_poly.pdbx_strand_id
1 'polypeptide(L)'
;GKLADCSSKSPEECEIFLVEGDSAGGSTKSGRDSRTQAILPLRGKILNVEKARLDRILNNNEIRQMITAFGTGIGGDFDL
AKARYHKIVIMTDADVDGAHIRTLLLTFFYRFMRPLIEAGYVYIAQPPTGYKGLGEMNADQLWETTMNPEHRALLQVKLE
DAIEADQTFEMLMGDVVENRRQFIEDNAVY
;
B,D
2 'polypeptide(L)'
;INERNITSEMRESFLDYAMSVIVARALPDVRDGLKPVHRRILYGLNEQGMTPDKSYKKSARIVGDVMGKYHPHGDSSIYE
AMVRMAQDFSYRYPLVDGQGNFGSMDGDGAAAMR(PTR)TEARMTKITLELLRDINKDTIDFIDNYDGNEREPSVLPARF
PNLLANGASGIAVGMATNIPPHNLTELINGVLSLSKNPDISIAELMEDIEGPDFPTAGLILGKSGIRRAYETGRGSIQMR
SRAVIEERGGGRQRIVVTEIPFQVNKARMIEKIAELVRDKKIDGITDLRDETSLRTGVRVVIDVRKDANASVILNNLYKQ
TPLQTSFGVNMIALVNGRPKLINLKEALVHYLEHQKTVVRRRTQYNLRKAKDRAHILEGLRIALDHIDEIISTIRESDTD
KVAMESLQQRFKLSEKQAQAILDMRLRRLTGLERDKIEAEYNELLNYISELETILADEEVLLQLVRDELTEIRDRFGDDR
RTEIQL
;
A,C
3 'polydeoxyribonucleotide' (DG)(DA)(DG)(DC)(DG)(DT)(DA)(DC) E,F
4 'polydeoxyribonucleotide' (DG)(DG)(DC)(DC)(DG)(DT)(DA)(DC)(DG)(DC)(DT)(DT) I,N
#
# COMPACT_ATOMS: atom_id res chain seq x y z
N LYS A 2 1.51 -23.32 12.44
CA LYS A 2 1.16 -24.20 13.55
C LYS A 2 -0.34 -24.52 13.55
N LEU A 3 -0.68 -25.64 14.17
CA LEU A 3 -1.99 -26.28 14.02
C LEU A 3 -3.04 -25.79 15.02
N ALA A 4 -4.28 -25.69 14.54
CA ALA A 4 -5.45 -25.47 15.38
C ALA A 4 -6.29 -26.73 15.36
N ASP A 5 -6.53 -27.30 16.53
CA ASP A 5 -7.10 -28.64 16.64
C ASP A 5 -8.47 -28.65 17.25
N CYS A 6 -9.29 -29.52 16.71
CA CYS A 6 -10.64 -29.69 17.19
C CYS A 6 -10.65 -30.35 18.56
N SER A 7 -11.72 -30.11 19.32
CA SER A 7 -11.83 -30.65 20.66
C SER A 7 -11.95 -32.17 20.64
N SER A 8 -12.73 -32.69 19.70
CA SER A 8 -13.02 -34.11 19.69
C SER A 8 -11.76 -34.93 19.49
N LYS A 9 -11.64 -35.99 20.27
CA LYS A 9 -10.49 -36.90 20.22
C LYS A 9 -10.78 -38.14 19.40
N SER A 10 -11.96 -38.17 18.79
CA SER A 10 -12.41 -39.33 18.03
C SER A 10 -12.13 -39.16 16.53
N PRO A 11 -11.12 -39.88 16.00
CA PRO A 11 -10.65 -39.70 14.62
C PRO A 11 -11.73 -39.81 13.54
N GLU A 12 -12.69 -40.72 13.73
CA GLU A 12 -13.70 -41.06 12.70
C GLU A 12 -14.42 -39.81 12.22
N GLU A 13 -14.66 -38.90 13.15
CA GLU A 13 -15.52 -37.75 12.92
C GLU A 13 -14.74 -36.46 12.74
N CYS A 14 -13.41 -36.54 12.84
CA CYS A 14 -12.57 -35.35 12.86
C CYS A 14 -11.88 -35.10 11.54
N GLU A 15 -11.84 -33.83 11.14
CA GLU A 15 -11.35 -33.42 9.83
C GLU A 15 -10.33 -32.30 9.99
N ILE A 16 -9.21 -32.44 9.28
CA ILE A 16 -8.21 -31.40 9.21
C ILE A 16 -8.21 -30.74 7.82
N PHE A 17 -8.39 -29.42 7.81
CA PHE A 17 -8.30 -28.64 6.59
C PHE A 17 -6.89 -28.12 6.46
N LEU A 18 -6.29 -28.33 5.29
CA LEU A 18 -5.00 -27.76 4.95
C LEU A 18 -5.22 -26.50 4.12
N VAL A 19 -5.00 -25.34 4.74
CA VAL A 19 -5.42 -24.05 4.18
C VAL A 19 -4.25 -23.22 3.63
N GLU A 20 -4.47 -22.54 2.50
CA GLU A 20 -3.42 -21.74 1.86
C GLU A 20 -3.33 -20.34 2.44
N GLY A 21 -2.27 -20.07 3.19
CA GLY A 21 -2.01 -18.73 3.68
C GLY A 21 -2.40 -18.55 5.13
N ASP A 22 -1.71 -17.66 5.83
CA ASP A 22 -1.95 -17.40 7.24
C ASP A 22 -3.15 -16.46 7.43
N SER A 23 -3.53 -15.76 6.37
CA SER A 23 -4.74 -14.96 6.40
C SER A 23 -5.95 -15.89 6.39
N ALA A 24 -5.96 -16.82 5.44
CA ALA A 24 -7.07 -17.76 5.30
C ALA A 24 -7.16 -18.64 6.52
N GLY A 25 -6.00 -19.01 7.06
CA GLY A 25 -5.95 -19.84 8.25
C GLY A 25 -6.70 -19.21 9.41
N GLY A 26 -6.41 -17.94 9.69
CA GLY A 26 -7.03 -17.25 10.81
C GLY A 26 -8.55 -17.19 10.71
N SER A 27 -9.04 -16.86 9.51
CA SER A 27 -10.47 -16.77 9.23
C SER A 27 -11.12 -18.14 9.43
N THR A 28 -10.42 -19.16 8.99
CA THR A 28 -10.90 -20.53 9.04
C THR A 28 -11.02 -20.99 10.50
N LYS A 29 -10.06 -20.63 11.35
CA LYS A 29 -10.11 -21.04 12.75
C LYS A 29 -11.33 -20.53 13.49
N SER A 30 -11.66 -19.25 13.29
CA SER A 30 -12.91 -18.70 13.84
C SER A 30 -14.12 -19.29 13.14
N GLY A 31 -14.04 -19.39 11.81
CA GLY A 31 -15.15 -19.83 11.00
C GLY A 31 -15.57 -21.29 11.19
N ARG A 32 -14.58 -22.15 11.41
CA ARG A 32 -14.81 -23.59 11.54
C ARG A 32 -15.56 -23.98 12.78
N ASP A 33 -16.12 -25.18 12.75
CA ASP A 33 -16.71 -25.78 13.94
C ASP A 33 -15.61 -26.42 14.79
N SER A 34 -15.33 -25.86 15.95
CA SER A 34 -14.17 -26.28 16.73
C SER A 34 -14.22 -27.76 17.21
N ARG A 35 -15.41 -28.33 17.34
N ARG A 35 -15.40 -28.35 17.38
CA ARG A 35 -15.59 -29.70 17.80
CA ARG A 35 -15.49 -29.74 17.86
C ARG A 35 -14.82 -30.76 17.01
C ARG A 35 -14.77 -30.78 17.01
N THR A 36 -14.86 -30.61 15.69
CA THR A 36 -14.52 -31.69 14.75
C THR A 36 -13.55 -31.28 13.65
N GLN A 37 -13.24 -29.99 13.62
CA GLN A 37 -12.55 -29.39 12.48
C GLN A 37 -11.26 -28.74 12.92
N ALA A 38 -10.15 -29.20 12.35
CA ALA A 38 -8.83 -28.69 12.70
C ALA A 38 -8.21 -27.97 11.49
N ILE A 39 -7.28 -27.06 11.75
CA ILE A 39 -6.70 -26.26 10.67
C ILE A 39 -5.18 -26.22 10.71
N LEU A 40 -4.57 -26.64 9.62
CA LEU A 40 -3.13 -26.50 9.42
C LEU A 40 -2.83 -25.55 8.26
N PRO A 41 -2.45 -24.28 8.56
CA PRO A 41 -2.17 -23.45 7.38
C PRO A 41 -0.84 -23.78 6.70
N LEU A 42 -0.73 -23.45 5.42
CA LEU A 42 0.48 -23.69 4.61
C LEU A 42 1.08 -22.37 4.11
N ARG A 43 2.34 -22.11 4.46
CA ARG A 43 2.95 -20.84 4.09
C ARG A 43 3.52 -20.86 2.67
N GLY A 44 2.61 -20.70 1.72
CA GLY A 44 2.96 -20.56 0.31
C GLY A 44 3.24 -21.88 -0.35
N LYS A 45 4.09 -21.85 -1.37
CA LYS A 45 4.48 -23.06 -2.09
C LYS A 45 5.26 -23.96 -1.19
N ILE A 46 4.96 -25.25 -1.28
CA ILE A 46 5.60 -26.22 -0.42
C ILE A 46 6.55 -27.06 -1.24
N LEU A 47 7.45 -27.73 -0.54
CA LEU A 47 8.49 -28.49 -1.19
C LEU A 47 7.90 -29.51 -2.15
N ASN A 48 8.49 -29.61 -3.34
CA ASN A 48 8.21 -30.68 -4.30
C ASN A 48 9.13 -31.89 -4.03
N VAL A 49 8.55 -32.94 -3.46
CA VAL A 49 9.28 -34.13 -3.04
C VAL A 49 9.73 -35.06 -4.17
N GLU A 50 9.09 -34.94 -5.32
CA GLU A 50 9.49 -35.72 -6.48
C GLU A 50 10.85 -35.27 -6.97
N LYS A 51 11.28 -34.10 -6.49
CA LYS A 51 12.56 -33.53 -6.90
C LYS A 51 13.59 -33.56 -5.75
N ALA A 52 13.12 -33.90 -4.55
CA ALA A 52 13.96 -33.83 -3.37
C ALA A 52 14.32 -35.21 -2.88
N ARG A 53 15.44 -35.30 -2.16
CA ARG A 53 15.90 -36.52 -1.54
C ARG A 53 15.38 -36.57 -0.10
N LEU A 54 15.39 -37.77 0.47
CA LEU A 54 14.79 -38.02 1.77
C LEU A 54 15.29 -37.08 2.87
N ASP A 55 16.59 -36.85 2.92
CA ASP A 55 17.18 -36.00 3.95
C ASP A 55 16.38 -34.71 4.04
N ARG A 56 16.30 -34.02 2.92
CA ARG A 56 15.67 -32.72 2.89
C ARG A 56 14.20 -32.82 3.24
N ILE A 57 13.53 -33.79 2.63
CA ILE A 57 12.10 -33.97 2.84
C ILE A 57 11.77 -34.08 4.32
N LEU A 58 12.53 -34.91 5.03
CA LEU A 58 12.22 -35.14 6.44
C LEU A 58 12.59 -33.95 7.32
N ASN A 59 13.30 -32.99 6.76
CA ASN A 59 13.71 -31.80 7.51
C ASN A 59 12.83 -30.61 7.23
N ASN A 60 11.96 -30.76 6.24
CA ASN A 60 11.05 -29.70 5.89
C ASN A 60 9.99 -29.46 6.98
N ASN A 61 9.96 -28.24 7.53
CA ASN A 61 9.03 -27.83 8.55
C ASN A 61 7.63 -28.21 8.14
N GLU A 62 7.24 -27.76 6.96
CA GLU A 62 5.87 -27.97 6.48
C GLU A 62 5.58 -29.47 6.40
N ILE A 63 6.49 -30.21 5.77
CA ILE A 63 6.32 -31.65 5.64
C ILE A 63 6.29 -32.31 7.01
N ARG A 64 7.09 -31.77 7.92
CA ARG A 64 7.17 -32.31 9.26
C ARG A 64 5.89 -32.09 10.06
N GLN A 65 5.27 -30.93 9.87
CA GLN A 65 4.05 -30.58 10.60
C GLN A 65 2.90 -31.49 10.19
N MET A 66 2.86 -31.88 8.93
CA MET A 66 1.79 -32.74 8.43
C MET A 66 1.94 -34.16 8.93
N ILE A 67 3.13 -34.72 8.77
CA ILE A 67 3.44 -36.03 9.32
C ILE A 67 2.96 -36.08 10.76
N THR A 68 3.45 -35.14 11.57
CA THR A 68 3.08 -35.09 12.97
C THR A 68 1.56 -35.01 13.18
N ALA A 69 0.91 -34.15 12.41
CA ALA A 69 -0.53 -33.94 12.56
C ALA A 69 -1.36 -35.15 12.17
N PHE A 70 -0.91 -35.89 11.16
CA PHE A 70 -1.62 -37.11 10.73
C PHE A 70 -1.33 -38.27 11.67
N GLY A 71 -0.10 -38.29 12.21
CA GLY A 71 0.32 -39.31 13.16
C GLY A 71 0.25 -40.75 12.64
N THR A 72 0.28 -40.90 11.32
CA THR A 72 0.15 -42.21 10.69
C THR A 72 1.50 -42.79 10.30
N GLY A 73 2.53 -41.95 10.36
CA GLY A 73 3.85 -42.34 9.91
C GLY A 73 3.91 -42.34 8.40
N ILE A 74 5.11 -42.50 7.84
CA ILE A 74 5.32 -42.49 6.40
C ILE A 74 5.96 -43.77 5.94
N GLY A 75 5.71 -44.12 4.68
CA GLY A 75 6.27 -45.31 4.08
C GLY A 75 5.83 -46.56 4.80
N GLY A 76 6.69 -47.59 4.77
CA GLY A 76 6.39 -48.84 5.43
C GLY A 76 5.85 -48.66 6.83
N ASP A 77 6.36 -47.64 7.52
CA ASP A 77 5.91 -47.33 8.89
C ASP A 77 4.53 -46.69 8.89
N PHE A 78 3.98 -46.45 7.71
CA PHE A 78 2.68 -45.83 7.58
C PHE A 78 1.64 -46.73 8.22
N ASP A 79 0.99 -46.23 9.26
CA ASP A 79 -0.03 -46.97 9.95
C ASP A 79 -1.35 -46.23 9.85
N LEU A 80 -2.08 -46.49 8.76
CA LEU A 80 -3.40 -45.89 8.56
C LEU A 80 -4.26 -45.99 9.81
N ALA A 81 -3.93 -46.91 10.70
CA ALA A 81 -4.70 -47.11 11.92
C ALA A 81 -4.47 -45.99 12.93
N LYS A 82 -3.39 -45.24 12.75
CA LYS A 82 -3.08 -44.19 13.69
C LYS A 82 -3.55 -42.81 13.21
N ALA A 83 -4.20 -42.77 12.05
CA ALA A 83 -4.73 -41.51 11.49
C ALA A 83 -5.64 -40.74 12.45
N ARG A 84 -5.22 -39.52 12.79
CA ARG A 84 -5.93 -38.72 13.78
C ARG A 84 -7.14 -38.00 13.19
N TYR A 85 -7.24 -38.05 11.86
CA TYR A 85 -8.37 -37.50 11.13
C TYR A 85 -8.74 -38.42 9.99
N HIS A 86 -10.03 -38.61 9.76
CA HIS A 86 -10.47 -39.52 8.72
C HIS A 86 -10.76 -38.77 7.43
N LYS A 87 -10.98 -37.47 7.55
CA LYS A 87 -11.02 -36.55 6.41
C LYS A 87 -9.84 -35.61 6.43
N ILE A 88 -8.96 -35.73 5.44
CA ILE A 88 -7.89 -34.77 5.23
C ILE A 88 -8.22 -33.93 4.01
N VAL A 89 -8.42 -32.63 4.22
CA VAL A 89 -8.96 -31.76 3.19
C VAL A 89 -7.94 -30.77 2.64
N ILE A 90 -7.82 -30.73 1.32
CA ILE A 90 -6.97 -29.75 0.65
C ILE A 90 -7.77 -28.50 0.29
N MET A 91 -7.49 -27.40 0.97
CA MET A 91 -8.22 -26.15 0.73
C MET A 91 -7.29 -25.05 0.18
N THR A 92 -7.37 -24.77 -1.12
CA THR A 92 -6.53 -23.76 -1.75
C THR A 92 -7.36 -22.74 -2.55
N ASP A 93 -6.73 -21.63 -2.94
CA ASP A 93 -7.37 -20.60 -3.75
C ASP A 93 -7.87 -21.17 -5.07
N ALA A 94 -8.90 -20.54 -5.64
CA ALA A 94 -9.39 -20.93 -6.96
C ALA A 94 -8.58 -20.27 -8.07
N ASP A 95 -7.26 -20.27 -7.93
CA ASP A 95 -6.37 -19.79 -8.98
C ASP A 95 -5.36 -20.87 -9.34
N VAL A 96 -4.50 -20.56 -10.29
CA VAL A 96 -3.52 -21.52 -10.79
C VAL A 96 -2.44 -21.82 -9.77
N ASP A 97 -2.14 -20.86 -8.88
CA ASP A 97 -1.17 -21.10 -7.83
C ASP A 97 -1.75 -22.06 -6.82
N GLY A 98 -3.03 -21.89 -6.50
CA GLY A 98 -3.72 -22.76 -5.57
C GLY A 98 -3.86 -24.16 -6.12
N ALA A 99 -3.87 -24.27 -7.44
CA ALA A 99 -3.90 -25.56 -8.11
C ALA A 99 -2.51 -26.15 -8.13
N HIS A 100 -1.50 -25.30 -8.22
CA HIS A 100 -0.12 -25.75 -8.15
C HIS A 100 0.14 -26.38 -6.79
N ILE A 101 -0.32 -25.71 -5.76
CA ILE A 101 -0.16 -26.18 -4.41
C ILE A 101 -0.86 -27.51 -4.25
N ARG A 102 -2.01 -27.66 -4.88
CA ARG A 102 -2.74 -28.92 -4.80
C ARG A 102 -1.91 -30.09 -5.35
N THR A 103 -1.17 -29.85 -6.42
CA THR A 103 -0.38 -30.90 -7.05
C THR A 103 0.86 -31.20 -6.23
N LEU A 104 1.29 -30.22 -5.43
CA LEU A 104 2.45 -30.40 -4.57
C LEU A 104 2.06 -31.32 -3.43
N LEU A 105 0.82 -31.22 -2.96
CA LEU A 105 0.36 -32.02 -1.85
C LEU A 105 0.12 -33.46 -2.28
N LEU A 106 -0.54 -33.60 -3.42
CA LEU A 106 -0.86 -34.94 -3.93
C LEU A 106 0.38 -35.78 -4.20
N THR A 107 1.41 -35.14 -4.72
CA THR A 107 2.67 -35.81 -4.96
C THR A 107 3.17 -36.42 -3.67
N PHE A 108 3.10 -35.64 -2.59
CA PHE A 108 3.56 -36.09 -1.28
C PHE A 108 2.74 -37.26 -0.74
N PHE A 109 1.43 -37.08 -0.68
CA PHE A 109 0.56 -38.13 -0.20
C PHE A 109 0.81 -39.41 -0.98
N TYR A 110 0.88 -39.27 -2.30
CA TYR A 110 1.06 -40.43 -3.16
C TYR A 110 2.38 -41.13 -2.92
N ARG A 111 3.40 -40.35 -2.61
CA ARG A 111 4.75 -40.86 -2.45
C ARG A 111 5.13 -41.29 -1.03
N PHE A 112 4.29 -40.96 -0.05
CA PHE A 112 4.64 -41.23 1.35
C PHE A 112 3.49 -41.72 2.20
N MET A 113 2.26 -41.41 1.79
CA MET A 113 1.08 -41.83 2.50
C MET A 113 0.08 -42.37 1.53
N ARG A 114 0.56 -43.15 0.56
CA ARG A 114 -0.29 -43.70 -0.47
C ARG A 114 -1.53 -44.41 0.12
N PRO A 115 -1.35 -45.25 1.14
CA PRO A 115 -2.51 -45.95 1.70
C PRO A 115 -3.59 -44.98 2.21
N LEU A 116 -3.19 -43.78 2.59
CA LEU A 116 -4.11 -42.74 3.02
C LEU A 116 -5.11 -42.37 1.93
N ILE A 117 -4.66 -42.43 0.68
CA ILE A 117 -5.52 -42.09 -0.45
C ILE A 117 -6.44 -43.26 -0.78
N GLU A 118 -5.86 -44.46 -0.79
CA GLU A 118 -6.59 -45.69 -1.08
C GLU A 118 -7.74 -45.85 -0.09
N ALA A 119 -7.51 -45.40 1.13
CA ALA A 119 -8.53 -45.39 2.17
C ALA A 119 -9.55 -44.27 1.93
N GLY A 120 -9.33 -43.47 0.90
CA GLY A 120 -10.22 -42.38 0.55
C GLY A 120 -10.26 -41.29 1.60
N TYR A 121 -9.19 -41.13 2.36
CA TYR A 121 -9.17 -40.12 3.41
C TYR A 121 -8.96 -38.70 2.90
N VAL A 122 -8.44 -38.57 1.68
CA VAL A 122 -8.02 -37.27 1.17
C VAL A 122 -9.06 -36.67 0.21
N TYR A 123 -9.40 -35.41 0.47
CA TYR A 123 -10.48 -34.72 -0.23
C TYR A 123 -9.97 -33.40 -0.76
N ILE A 124 -10.73 -32.83 -1.69
CA ILE A 124 -10.44 -31.51 -2.22
C ILE A 124 -11.66 -30.61 -2.01
N ALA A 125 -11.44 -29.47 -1.37
CA ALA A 125 -12.51 -28.52 -1.12
C ALA A 125 -12.96 -27.87 -2.41
N GLN A 126 -14.11 -27.19 -2.38
CA GLN A 126 -14.57 -26.47 -3.54
C GLN A 126 -15.15 -25.13 -3.12
N PRO A 127 -14.26 -24.15 -2.94
CA PRO A 127 -14.65 -22.78 -2.60
C PRO A 127 -15.23 -22.11 -3.81
N PRO A 128 -15.85 -20.95 -3.60
CA PRO A 128 -16.37 -20.18 -4.73
C PRO A 128 -15.29 -19.94 -5.77
N THR A 129 -15.60 -20.34 -7.01
CA THR A 129 -14.76 -20.03 -8.14
C THR A 129 -15.02 -18.59 -8.45
N GLY A 130 -13.95 -17.83 -8.63
CA GLY A 130 -14.14 -16.42 -8.77
C GLY A 130 -12.85 -15.70 -8.58
N TYR A 131 -13.05 -14.46 -8.22
CA TYR A 131 -12.03 -13.49 -8.35
C TYR A 131 -11.42 -13.19 -7.00
N LYS A 132 -11.83 -13.96 -5.98
CA LYS A 132 -11.39 -13.74 -4.61
C LYS A 132 -10.64 -14.94 -4.05
N GLY A 133 -9.47 -14.68 -3.48
CA GLY A 133 -8.71 -15.69 -2.78
C GLY A 133 -9.33 -15.97 -1.42
N LEU A 134 -8.87 -17.04 -0.77
CA LEU A 134 -9.42 -17.45 0.53
C LEU A 134 -9.17 -16.43 1.63
N GLY A 135 -7.99 -15.83 1.61
CA GLY A 135 -7.62 -14.82 2.60
C GLY A 135 -8.32 -13.49 2.40
N GLU A 136 -9.36 -13.44 1.58
CA GLU A 136 -10.12 -12.21 1.37
C GLU A 136 -11.58 -12.38 1.69
N MET A 137 -11.96 -13.61 2.06
CA MET A 137 -13.34 -13.95 2.34
C MET A 137 -13.64 -13.86 3.82
N ASN A 138 -14.88 -13.51 4.15
CA ASN A 138 -15.32 -13.50 5.55
C ASN A 138 -15.24 -14.91 6.10
N ALA A 139 -14.96 -15.03 7.39
CA ALA A 139 -14.92 -16.33 8.04
C ALA A 139 -16.29 -17.00 7.97
N ASP A 140 -17.35 -16.21 8.18
CA ASP A 140 -18.70 -16.74 8.09
C ASP A 140 -18.99 -17.23 6.66
N GLN A 141 -18.45 -16.50 5.68
CA GLN A 141 -18.54 -16.89 4.27
C GLN A 141 -17.78 -18.18 3.96
N LEU A 142 -16.60 -18.34 4.56
CA LEU A 142 -15.81 -19.56 4.38
C LEU A 142 -16.51 -20.77 4.95
N TRP A 143 -17.18 -20.61 6.08
CA TRP A 143 -17.83 -21.73 6.75
C TRP A 143 -18.98 -22.33 5.92
N GLU A 144 -19.86 -21.47 5.38
CA GLU A 144 -21.08 -21.96 4.74
C GLU A 144 -20.78 -22.59 3.39
N THR A 145 -19.95 -21.93 2.61
CA THR A 145 -19.63 -22.39 1.27
C THR A 145 -18.74 -23.63 1.29
N THR A 146 -17.72 -23.59 2.13
CA THR A 146 -16.57 -24.48 1.97
C THR A 146 -16.51 -25.52 3.07
N MET A 147 -17.09 -25.22 4.21
CA MET A 147 -16.73 -25.94 5.44
C MET A 147 -17.91 -26.63 6.10
N ASN A 148 -19.09 -26.02 6.04
CA ASN A 148 -20.27 -26.59 6.64
C ASN A 148 -20.67 -27.83 5.85
N PRO A 149 -20.64 -29.01 6.48
CA PRO A 149 -20.94 -30.26 5.76
C PRO A 149 -22.31 -30.32 5.12
N GLU A 150 -23.21 -29.43 5.54
CA GLU A 150 -24.56 -29.37 4.99
C GLU A 150 -24.61 -28.74 3.61
N HIS A 151 -23.61 -27.92 3.31
CA HIS A 151 -23.65 -27.04 2.16
C HIS A 151 -22.46 -27.26 1.23
N ARG A 152 -21.38 -27.83 1.76
CA ARG A 152 -20.13 -27.93 1.04
C ARG A 152 -20.14 -29.10 0.08
N ALA A 153 -19.37 -28.98 -1.00
CA ALA A 153 -19.19 -30.05 -1.96
C ALA A 153 -17.72 -30.50 -2.06
N LEU A 154 -17.36 -31.52 -1.29
CA LEU A 154 -16.00 -32.06 -1.30
C LEU A 154 -15.77 -33.03 -2.44
N LEU A 155 -14.51 -33.15 -2.82
CA LEU A 155 -14.11 -34.06 -3.87
C LEU A 155 -13.18 -35.09 -3.30
N GLN A 156 -13.69 -36.29 -3.07
CA GLN A 156 -12.84 -37.38 -2.64
C GLN A 156 -11.88 -37.72 -3.76
N VAL A 157 -10.61 -37.82 -3.42
CA VAL A 157 -9.59 -38.16 -4.38
C VAL A 157 -9.55 -39.68 -4.57
N LYS A 158 -9.65 -40.10 -5.82
CA LYS A 158 -9.68 -41.52 -6.15
C LYS A 158 -8.45 -41.91 -6.98
N LEU A 159 -7.80 -43.00 -6.58
CA LEU A 159 -6.70 -43.59 -7.35
C LEU A 159 -7.19 -44.79 -8.14
N GLU A 160 -7.36 -44.62 -9.44
CA GLU A 160 -7.77 -45.71 -10.32
C GLU A 160 -6.67 -46.74 -10.57
N ASP A 161 -5.44 -46.26 -10.72
CA ASP A 161 -4.36 -47.07 -11.27
C ASP A 161 -2.97 -46.55 -10.86
N ALA A 162 -2.13 -47.45 -10.35
CA ALA A 162 -0.87 -47.08 -9.71
C ALA A 162 0.22 -46.83 -10.72
N ILE A 163 0.28 -47.66 -11.74
CA ILE A 163 1.28 -47.49 -12.78
C ILE A 163 1.06 -46.14 -13.45
N GLU A 164 -0.17 -45.87 -13.86
CA GLU A 164 -0.46 -44.61 -14.52
C GLU A 164 -0.16 -43.44 -13.62
N ALA A 165 -0.48 -43.58 -12.34
CA ALA A 165 -0.19 -42.54 -11.37
C ALA A 165 1.34 -42.40 -11.17
N ASP A 166 2.05 -43.52 -11.14
CA ASP A 166 3.50 -43.45 -10.91
C ASP A 166 4.21 -42.70 -12.05
N GLN A 167 3.80 -42.97 -13.29
CA GLN A 167 4.43 -42.33 -14.47
C GLN A 167 4.12 -40.86 -14.59
N THR A 168 2.88 -40.51 -14.26
CA THR A 168 2.42 -39.13 -14.35
C THR A 168 3.12 -38.23 -13.34
N PHE A 169 3.22 -38.67 -12.10
CA PHE A 169 3.88 -37.87 -11.06
C PHE A 169 5.34 -37.63 -11.43
N GLU A 170 5.98 -38.64 -11.98
CA GLU A 170 7.38 -38.56 -12.36
C GLU A 170 7.59 -37.61 -13.53
N MET A 171 6.67 -37.63 -14.47
CA MET A 171 6.72 -36.70 -15.59
C MET A 171 6.41 -35.27 -15.18
N LEU A 172 5.33 -35.09 -14.42
CA LEU A 172 4.88 -33.77 -14.02
C LEU A 172 5.75 -33.13 -12.95
N MET A 173 6.12 -33.87 -11.92
CA MET A 173 6.84 -33.30 -10.80
C MET A 173 8.32 -33.63 -10.88
N GLY A 174 8.73 -34.26 -11.96
CA GLY A 174 10.06 -34.83 -12.03
C GLY A 174 11.18 -33.84 -12.22
N ASP A 175 12.40 -34.31 -12.01
CA ASP A 175 13.60 -33.50 -12.16
C ASP A 175 13.92 -33.17 -13.63
N VAL A 176 13.58 -34.07 -14.54
CA VAL A 176 13.86 -33.87 -15.96
C VAL A 176 12.84 -32.91 -16.59
N VAL A 177 13.34 -31.78 -17.06
CA VAL A 177 12.49 -30.74 -17.65
C VAL A 177 11.83 -31.14 -18.98
N GLU A 178 12.57 -31.84 -19.82
CA GLU A 178 12.16 -32.01 -21.20
C GLU A 178 10.82 -32.73 -21.33
N ASN A 179 10.63 -33.79 -20.56
CA ASN A 179 9.40 -34.56 -20.63
C ASN A 179 8.20 -33.74 -20.16
N ARG A 180 8.44 -32.90 -19.17
CA ARG A 180 7.48 -31.89 -18.75
C ARG A 180 7.23 -30.89 -19.88
N ARG A 181 8.29 -30.48 -20.57
CA ARG A 181 8.16 -29.59 -21.70
C ARG A 181 7.35 -30.23 -22.83
N GLN A 182 7.60 -31.51 -23.07
CA GLN A 182 6.87 -32.24 -24.09
C GLN A 182 5.39 -32.32 -23.72
N PHE A 183 5.11 -32.63 -22.46
CA PHE A 183 3.74 -32.79 -22.00
C PHE A 183 2.94 -31.52 -22.26
N ILE A 184 3.54 -30.40 -21.91
CA ILE A 184 2.91 -29.13 -22.14
C ILE A 184 2.69 -28.95 -23.63
N GLU A 185 3.70 -29.27 -24.43
CA GLU A 185 3.64 -29.06 -25.87
C GLU A 185 2.52 -29.88 -26.49
N ASP A 186 2.39 -31.12 -26.04
CA ASP A 186 1.37 -32.02 -26.52
C ASP A 186 -0.02 -31.52 -26.16
N ASN A 187 -0.14 -30.94 -24.97
CA ASN A 187 -1.45 -30.71 -24.35
C ASN A 187 -1.90 -29.27 -24.23
N ALA A 188 -0.97 -28.35 -24.43
CA ALA A 188 -1.32 -26.94 -24.52
C ALA A 188 -2.38 -26.69 -25.59
N VAL A 189 -3.47 -26.06 -25.20
CA VAL A 189 -4.31 -25.36 -26.16
C VAL A 189 -4.23 -23.90 -25.75
N TYR A 190 -3.92 -23.05 -26.72
CA TYR A 190 -3.37 -21.74 -26.44
C TYR A 190 -4.39 -20.62 -26.70
N ILE B 1 -19.35 -37.72 -8.54
CA ILE B 1 -19.64 -36.31 -8.27
C ILE B 1 -18.93 -35.86 -7.01
N ASN B 2 -18.61 -36.82 -6.14
CA ASN B 2 -17.70 -36.58 -5.04
C ASN B 2 -16.31 -37.01 -5.41
N GLU B 3 -16.18 -37.57 -6.60
CA GLU B 3 -14.98 -38.33 -6.93
C GLU B 3 -14.09 -37.66 -7.95
N ARG B 4 -12.81 -37.60 -7.62
CA ARG B 4 -11.81 -37.11 -8.56
C ARG B 4 -10.68 -38.13 -8.73
N ASN B 5 -10.31 -38.40 -9.98
CA ASN B 5 -9.20 -39.29 -10.30
C ASN B 5 -7.89 -38.58 -10.07
N ILE B 6 -6.96 -39.22 -9.35
CA ILE B 6 -5.71 -38.56 -9.01
C ILE B 6 -4.86 -38.21 -10.23
N THR B 7 -4.85 -39.09 -11.23
CA THR B 7 -4.11 -38.88 -12.47
C THR B 7 -4.67 -37.70 -13.23
N SER B 8 -5.98 -37.71 -13.41
CA SER B 8 -6.65 -36.66 -14.14
C SER B 8 -6.56 -35.29 -13.44
N GLU B 9 -6.69 -35.28 -12.12
CA GLU B 9 -6.55 -34.06 -11.35
C GLU B 9 -5.16 -33.47 -11.50
N MET B 10 -4.15 -34.32 -11.37
CA MET B 10 -2.77 -33.87 -11.42
C MET B 10 -2.39 -33.29 -12.79
N ARG B 11 -2.81 -33.95 -13.87
CA ARG B 11 -2.54 -33.48 -15.23
C ARG B 11 -3.22 -32.14 -15.48
N GLU B 12 -4.48 -32.05 -15.09
CA GLU B 12 -5.24 -30.83 -15.31
C GLU B 12 -4.74 -29.70 -14.46
N SER B 13 -4.52 -29.97 -13.18
CA SER B 13 -4.10 -28.93 -12.24
C SER B 13 -2.73 -28.38 -12.57
N PHE B 14 -1.80 -29.28 -12.92
CA PHE B 14 -0.44 -28.86 -13.25
C PHE B 14 -0.38 -28.09 -14.57
N LEU B 15 -1.18 -28.50 -15.53
CA LEU B 15 -1.20 -27.83 -16.82
C LEU B 15 -1.74 -26.41 -16.69
N ASP B 16 -2.77 -26.23 -15.87
CA ASP B 16 -3.34 -24.90 -15.72
C ASP B 16 -2.32 -23.94 -15.16
N TYR B 17 -1.53 -24.43 -14.22
CA TYR B 17 -0.49 -23.61 -13.62
C TYR B 17 0.61 -23.31 -14.62
N ALA B 18 1.16 -24.37 -15.20
CA ALA B 18 2.26 -24.24 -16.13
C ALA B 18 1.91 -23.30 -17.26
N MET B 19 0.73 -23.50 -17.84
N MET B 19 0.72 -23.48 -17.82
CA MET B 19 0.26 -22.64 -18.92
CA MET B 19 0.25 -22.65 -18.93
C MET B 19 0.24 -21.19 -18.47
C MET B 19 0.20 -21.19 -18.50
N SER B 20 -0.30 -20.95 -17.29
CA SER B 20 -0.42 -19.59 -16.78
C SER B 20 0.94 -18.96 -16.58
N VAL B 21 1.90 -19.67 -15.99
CA VAL B 21 3.18 -19.05 -15.70
C VAL B 21 3.88 -18.70 -16.99
N ILE B 22 3.79 -19.63 -17.94
CA ILE B 22 4.39 -19.48 -19.25
C ILE B 22 3.84 -18.25 -19.99
N VAL B 23 2.52 -18.18 -20.18
CA VAL B 23 1.94 -17.13 -21.02
C VAL B 23 1.46 -15.90 -20.26
N ALA B 24 1.45 -15.96 -18.93
CA ALA B 24 0.95 -14.86 -18.12
C ALA B 24 1.71 -14.71 -16.81
N ARG B 25 3.03 -14.84 -16.86
CA ARG B 25 3.85 -14.50 -15.69
C ARG B 25 5.34 -14.38 -16.00
N ALA B 26 5.94 -15.46 -16.48
CA ALA B 26 7.40 -15.58 -16.52
C ALA B 26 8.07 -15.16 -17.83
N LEU B 27 7.33 -15.13 -18.94
CA LEU B 27 7.95 -14.85 -20.24
C LEU B 27 7.52 -13.51 -20.82
N PRO B 28 8.42 -12.85 -21.58
CA PRO B 28 8.15 -11.56 -22.19
C PRO B 28 7.45 -11.70 -23.51
N ASP B 29 6.68 -10.68 -23.90
CA ASP B 29 6.09 -10.68 -25.23
C ASP B 29 7.12 -10.19 -26.23
N VAL B 30 7.19 -10.88 -27.36
CA VAL B 30 8.19 -10.56 -28.34
C VAL B 30 8.02 -9.11 -28.83
N ARG B 31 6.85 -8.52 -28.62
CA ARG B 31 6.53 -7.20 -29.21
C ARG B 31 6.86 -5.97 -28.35
N ASP B 32 6.49 -5.96 -27.07
CA ASP B 32 6.91 -4.87 -26.20
C ASP B 32 7.99 -5.35 -25.25
N GLY B 33 8.29 -6.64 -25.28
CA GLY B 33 9.34 -7.20 -24.46
C GLY B 33 9.00 -7.17 -22.99
N LEU B 34 7.70 -7.19 -22.67
CA LEU B 34 7.25 -7.09 -21.29
C LEU B 34 6.62 -8.35 -20.77
N LYS B 35 6.78 -8.59 -19.47
CA LYS B 35 5.98 -9.57 -18.74
C LYS B 35 4.74 -8.88 -18.23
N PRO B 36 3.72 -9.65 -17.84
CA PRO B 36 2.47 -9.00 -17.42
C PRO B 36 2.66 -8.03 -16.26
N VAL B 37 3.33 -8.44 -15.19
CA VAL B 37 3.50 -7.55 -14.06
C VAL B 37 4.08 -6.23 -14.57
N HIS B 38 5.09 -6.29 -15.43
CA HIS B 38 5.75 -5.09 -15.96
C HIS B 38 4.85 -4.27 -16.86
N ARG B 39 4.06 -4.95 -17.69
CA ARG B 39 3.14 -4.24 -18.55
C ARG B 39 2.11 -3.46 -17.72
N ARG B 40 1.62 -4.04 -16.63
CA ARG B 40 0.56 -3.43 -15.86
C ARG B 40 1.04 -2.23 -15.03
N ILE B 41 2.31 -2.26 -14.65
CA ILE B 41 2.93 -1.20 -13.87
C ILE B 41 2.99 0.05 -14.70
N LEU B 42 3.45 -0.12 -15.93
CA LEU B 42 3.65 0.99 -16.84
C LEU B 42 2.34 1.55 -17.35
N TYR B 43 1.38 0.66 -17.58
CA TYR B 43 0.02 1.05 -17.87
C TYR B 43 -0.57 1.84 -16.74
N GLY B 44 -0.34 1.36 -15.52
CA GLY B 44 -0.78 2.04 -14.33
C GLY B 44 -0.11 3.39 -14.19
N LEU B 45 1.19 3.44 -14.37
CA LEU B 45 1.87 4.73 -14.33
C LEU B 45 1.22 5.69 -15.33
N ASN B 46 0.78 5.14 -16.46
CA ASN B 46 0.13 5.95 -17.47
C ASN B 46 -1.29 6.32 -17.06
N GLU B 47 -2.06 5.32 -16.66
CA GLU B 47 -3.40 5.56 -16.13
C GLU B 47 -3.45 6.60 -15.02
N GLN B 48 -2.34 6.77 -14.30
CA GLN B 48 -2.32 7.64 -13.12
C GLN B 48 -1.68 9.01 -13.36
N GLY B 49 -1.29 9.30 -14.61
CA GLY B 49 -0.69 10.57 -14.94
C GLY B 49 0.70 10.73 -14.34
N MET B 50 1.40 9.60 -14.17
CA MET B 50 2.75 9.63 -13.61
C MET B 50 3.81 9.78 -14.68
N THR B 51 3.85 10.98 -15.27
CA THR B 51 4.76 11.25 -16.38
C THR B 51 6.00 11.99 -15.86
N PRO B 52 7.02 12.14 -16.73
CA PRO B 52 8.24 12.77 -16.19
C PRO B 52 8.04 14.20 -15.69
N ASP B 53 7.18 14.95 -16.34
CA ASP B 53 6.88 16.33 -15.94
C ASP B 53 6.16 16.38 -14.59
N LYS B 54 5.28 15.41 -14.36
CA LYS B 54 4.52 15.32 -13.12
C LYS B 54 5.41 14.94 -11.96
N SER B 55 5.02 15.37 -10.78
CA SER B 55 5.79 15.08 -9.59
C SER B 55 5.73 13.61 -9.20
N TYR B 56 6.73 13.19 -8.43
CA TYR B 56 6.83 11.82 -7.96
C TYR B 56 5.65 11.50 -7.06
N LYS B 57 5.18 10.26 -7.13
CA LYS B 57 4.11 9.76 -6.27
C LYS B 57 4.65 8.62 -5.41
N LYS B 58 4.16 8.50 -4.19
CA LYS B 58 4.66 7.45 -3.30
C LYS B 58 4.42 6.08 -3.93
N SER B 59 5.41 5.19 -3.81
CA SER B 59 5.33 3.93 -4.54
C SER B 59 4.21 3.03 -4.01
N ALA B 60 3.79 3.23 -2.77
CA ALA B 60 2.73 2.43 -2.18
C ALA B 60 1.37 2.66 -2.84
N ARG B 61 1.11 3.91 -3.21
CA ARG B 61 -0.11 4.26 -3.91
C ARG B 61 -0.10 3.63 -5.29
N ILE B 62 1.05 3.71 -5.94
CA ILE B 62 1.20 3.13 -7.27
C ILE B 62 0.96 1.63 -7.21
N VAL B 63 1.62 0.97 -6.25
CA VAL B 63 1.50 -0.48 -6.15
C VAL B 63 0.04 -0.89 -5.88
N GLY B 64 -0.64 -0.15 -5.01
CA GLY B 64 -2.02 -0.47 -4.65
C GLY B 64 -2.94 -0.41 -5.84
N ASP B 65 -2.74 0.60 -6.67
CA ASP B 65 -3.48 0.74 -7.90
C ASP B 65 -3.16 -0.37 -8.88
N VAL B 66 -1.88 -0.69 -9.03
CA VAL B 66 -1.46 -1.77 -9.93
C VAL B 66 -2.06 -3.07 -9.44
N MET B 67 -1.96 -3.30 -8.13
CA MET B 67 -2.48 -4.51 -7.53
C MET B 67 -3.98 -4.56 -7.71
N GLY B 68 -4.67 -3.57 -7.16
CA GLY B 68 -6.11 -3.56 -7.13
C GLY B 68 -6.81 -3.61 -8.49
N LYS B 69 -6.17 -3.09 -9.52
CA LYS B 69 -6.85 -2.90 -10.80
C LYS B 69 -6.47 -3.92 -11.86
N TYR B 70 -5.22 -4.34 -11.88
CA TYR B 70 -4.72 -5.17 -12.97
C TYR B 70 -4.05 -6.42 -12.48
N HIS B 71 -3.42 -6.35 -11.30
CA HIS B 71 -2.50 -7.41 -10.87
C HIS B 71 -2.82 -7.99 -9.48
N PRO B 72 -3.59 -9.08 -9.45
CA PRO B 72 -4.11 -9.65 -8.19
C PRO B 72 -3.11 -10.57 -7.50
N HIS B 73 -1.90 -10.07 -7.24
CA HIS B 73 -0.85 -10.88 -6.64
C HIS B 73 -0.18 -10.12 -5.50
N GLY B 74 0.86 -10.69 -4.91
CA GLY B 74 1.53 -10.05 -3.79
C GLY B 74 2.21 -8.77 -4.20
N ASP B 75 2.11 -7.76 -3.34
CA ASP B 75 2.65 -6.46 -3.65
C ASP B 75 4.18 -6.46 -3.69
N SER B 76 4.77 -7.54 -3.22
CA SER B 76 6.22 -7.63 -3.20
C SER B 76 6.76 -7.94 -4.58
N SER B 77 6.12 -8.84 -5.32
CA SER B 77 6.52 -9.13 -6.69
C SER B 77 6.42 -7.85 -7.49
N ILE B 78 5.33 -7.12 -7.24
CA ILE B 78 5.04 -5.87 -7.92
C ILE B 78 6.16 -4.85 -7.70
N TYR B 79 6.24 -4.34 -6.48
CA TYR B 79 7.18 -3.28 -6.14
C TYR B 79 8.61 -3.64 -6.54
N GLU B 80 8.93 -4.91 -6.48
CA GLU B 80 10.29 -5.36 -6.76
C GLU B 80 10.64 -5.25 -8.23
N ALA B 81 9.71 -5.70 -9.07
CA ALA B 81 9.82 -5.52 -10.51
C ALA B 81 9.99 -4.04 -10.86
N MET B 82 9.10 -3.23 -10.32
CA MET B 82 9.15 -1.78 -10.48
C MET B 82 10.49 -1.20 -10.07
N VAL B 83 11.09 -1.77 -9.02
CA VAL B 83 12.36 -1.29 -8.51
C VAL B 83 13.49 -1.66 -9.45
N ARG B 84 13.43 -2.86 -10.02
CA ARG B 84 14.40 -3.25 -11.01
C ARG B 84 14.39 -2.25 -12.16
N MET B 85 13.21 -1.94 -12.66
CA MET B 85 13.10 -1.02 -13.80
C MET B 85 13.66 0.38 -13.55
N ALA B 86 13.92 0.72 -12.28
CA ALA B 86 14.40 2.04 -11.89
C ALA B 86 15.90 2.06 -11.59
N GLN B 87 16.53 0.89 -11.61
CA GLN B 87 17.96 0.75 -11.31
C GLN B 87 18.81 0.77 -12.58
N ASP B 88 19.77 1.68 -12.65
CA ASP B 88 20.54 1.80 -13.88
C ASP B 88 21.59 0.68 -14.01
N PHE B 89 21.78 -0.11 -12.96
CA PHE B 89 22.67 -1.27 -13.03
C PHE B 89 21.89 -2.53 -13.37
N SER B 90 20.57 -2.39 -13.50
CA SER B 90 19.71 -3.48 -13.93
C SER B 90 19.19 -3.23 -15.34
N TYR B 91 18.65 -2.02 -15.56
CA TYR B 91 18.04 -1.70 -16.82
C TYR B 91 18.96 -0.91 -17.73
N ARG B 92 19.23 -1.47 -18.91
CA ARG B 92 20.09 -0.81 -19.86
C ARG B 92 19.47 0.51 -20.30
N TYR B 93 18.14 0.56 -20.18
CA TYR B 93 17.34 1.73 -20.51
C TYR B 93 16.17 1.77 -19.52
N PRO B 94 16.39 2.34 -18.32
CA PRO B 94 15.40 2.29 -17.23
C PRO B 94 14.12 2.98 -17.58
N LEU B 95 13.02 2.33 -17.22
CA LEU B 95 11.69 2.79 -17.55
C LEU B 95 10.96 3.43 -16.36
N VAL B 96 11.61 3.40 -15.21
CA VAL B 96 11.03 3.94 -13.99
C VAL B 96 11.98 4.95 -13.40
N ASP B 97 11.41 6.03 -12.89
CA ASP B 97 12.18 7.09 -12.31
C ASP B 97 11.89 7.13 -10.82
N GLY B 98 12.86 6.74 -10.03
CA GLY B 98 12.65 6.63 -8.61
C GLY B 98 13.33 7.71 -7.80
N GLN B 99 12.58 8.25 -6.86
CA GLN B 99 13.15 9.10 -5.82
C GLN B 99 13.18 8.27 -4.55
N GLY B 100 14.31 8.33 -3.87
CA GLY B 100 14.51 7.54 -2.67
C GLY B 100 15.56 6.48 -2.85
N ASN B 101 15.70 5.63 -1.84
CA ASN B 101 16.62 4.49 -1.86
C ASN B 101 16.09 3.34 -2.71
N PHE B 102 16.55 3.23 -3.96
CA PHE B 102 16.14 2.12 -4.81
C PHE B 102 17.19 1.02 -4.89
N GLY B 103 18.21 1.08 -4.05
CA GLY B 103 19.13 -0.03 -3.87
C GLY B 103 20.35 0.05 -4.78
N SER B 104 21.24 -0.94 -4.70
CA SER B 104 22.62 -0.75 -5.13
C SER B 104 23.29 -1.93 -5.81
N MET B 105 24.47 -1.68 -6.39
CA MET B 105 25.24 -2.73 -7.07
C MET B 105 25.56 -3.89 -6.16
N ASP B 106 25.94 -3.56 -4.93
CA ASP B 106 26.11 -4.53 -3.88
C ASP B 106 24.81 -5.28 -3.75
N GLY B 107 23.75 -4.53 -4.01
CA GLY B 107 22.43 -5.10 -3.97
C GLY B 107 21.90 -5.07 -2.55
N ASP B 108 21.82 -3.89 -1.96
CA ASP B 108 20.93 -3.72 -0.81
C ASP B 108 19.55 -3.72 -1.44
N GLY B 109 18.54 -3.67 -0.60
CA GLY B 109 17.20 -3.58 -1.10
C GLY B 109 16.89 -2.12 -1.28
N ALA B 110 15.85 -1.88 -2.04
CA ALA B 110 15.21 -0.58 -2.03
C ALA B 110 14.65 -0.40 -0.63
N ALA B 111 14.28 0.83 -0.28
CA ALA B 111 13.52 1.02 0.93
C ALA B 111 12.12 0.45 0.64
N ALA B 112 11.39 0.08 1.67
CA ALA B 112 10.01 -0.33 1.49
C ALA B 112 9.26 0.76 0.74
N MET B 113 8.16 0.39 0.10
CA MET B 113 7.52 1.30 -0.86
C MET B 113 6.91 2.55 -0.23
N ARG B 114 6.80 2.57 1.09
CA ARG B 114 6.22 3.71 1.77
C ARG B 114 7.26 4.81 1.99
N THR B 116 9.60 5.32 -0.64
CA THR B 116 10.05 5.71 -1.97
C THR B 116 8.95 6.26 -2.86
N GLU B 117 9.38 7.02 -3.86
CA GLU B 117 8.47 7.59 -4.84
C GLU B 117 8.95 7.28 -6.24
N ALA B 118 8.07 7.48 -7.21
CA ALA B 118 8.44 7.23 -8.58
C ALA B 118 7.52 7.90 -9.61
N ARG B 119 7.86 7.71 -10.89
CA ARG B 119 7.09 8.17 -12.04
C ARG B 119 7.76 7.56 -13.27
N MET B 120 7.23 7.83 -14.45
CA MET B 120 7.82 7.33 -15.69
C MET B 120 9.18 7.91 -16.00
N THR B 121 9.98 7.20 -16.81
CA THR B 121 11.14 7.80 -17.47
C THR B 121 10.70 8.34 -18.82
N LYS B 122 11.45 9.30 -19.36
CA LYS B 122 11.11 9.87 -20.65
C LYS B 122 11.05 8.80 -21.73
N ILE B 123 11.89 7.76 -21.61
CA ILE B 123 11.92 6.70 -22.63
C ILE B 123 10.66 5.86 -22.59
N THR B 124 10.11 5.64 -21.40
CA THR B 124 8.88 4.88 -21.22
C THR B 124 7.69 5.44 -21.98
N LEU B 125 7.58 6.76 -21.99
CA LEU B 125 6.56 7.43 -22.78
C LEU B 125 6.49 6.85 -24.19
N GLU B 126 7.66 6.43 -24.69
CA GLU B 126 7.74 5.89 -26.04
C GLU B 126 7.15 4.49 -26.14
N LEU B 127 7.09 3.79 -25.03
CA LEU B 127 6.40 2.52 -25.01
C LEU B 127 4.90 2.72 -25.09
N LEU B 128 4.45 3.82 -24.49
CA LEU B 128 3.02 4.09 -24.36
C LEU B 128 2.49 4.99 -25.44
N ARG B 129 3.39 5.49 -26.27
CA ARG B 129 3.01 6.39 -27.34
C ARG B 129 1.90 5.75 -28.15
N ASP B 130 0.84 6.52 -28.42
CA ASP B 130 -0.20 6.12 -29.37
C ASP B 130 -1.09 4.99 -28.85
N ILE B 131 -0.96 4.67 -27.57
CA ILE B 131 -1.68 3.54 -27.00
C ILE B 131 -3.18 3.84 -27.00
N ASN B 132 -3.51 5.13 -26.99
CA ASN B 132 -4.90 5.53 -26.95
C ASN B 132 -5.45 5.85 -28.33
N LYS B 133 -4.75 5.42 -29.35
CA LYS B 133 -5.20 5.61 -30.71
C LYS B 133 -5.51 4.28 -31.35
N ASP B 134 -6.15 3.43 -30.54
CA ASP B 134 -6.53 2.10 -30.98
C ASP B 134 -5.42 1.49 -31.82
N THR B 135 -4.22 1.47 -31.25
CA THR B 135 -3.03 0.91 -31.88
C THR B 135 -2.84 -0.52 -31.43
N ILE B 136 -3.26 -0.80 -30.20
CA ILE B 136 -3.17 -2.14 -29.63
C ILE B 136 -4.50 -2.59 -29.05
N ASP B 137 -4.69 -3.91 -28.96
CA ASP B 137 -5.92 -4.49 -28.40
C ASP B 137 -5.96 -4.52 -26.88
N PHE B 138 -6.98 -3.86 -26.34
CA PHE B 138 -7.29 -3.89 -24.92
C PHE B 138 -8.08 -5.13 -24.62
N ILE B 139 -8.17 -5.47 -23.33
CA ILE B 139 -8.84 -6.66 -22.88
C ILE B 139 -9.42 -6.40 -21.50
N ASP B 140 -10.22 -7.33 -21.02
CA ASP B 140 -10.75 -7.22 -19.68
C ASP B 140 -9.72 -7.57 -18.61
N ASN B 141 -9.76 -6.82 -17.51
CA ASN B 141 -9.00 -7.17 -16.31
C ASN B 141 -9.70 -8.34 -15.61
N TYR B 142 -9.00 -8.95 -14.65
CA TYR B 142 -9.48 -10.17 -13.98
C TYR B 142 -10.90 -10.10 -13.37
N ASP B 143 -11.15 -9.09 -12.52
CA ASP B 143 -12.46 -8.88 -11.91
C ASP B 143 -13.45 -8.34 -12.95
N GLY B 144 -13.01 -8.21 -14.20
CA GLY B 144 -13.85 -7.74 -15.28
C GLY B 144 -14.40 -6.35 -15.04
N ASN B 145 -13.78 -5.63 -14.11
CA ASN B 145 -14.22 -4.30 -13.75
C ASN B 145 -13.44 -3.20 -14.47
N GLU B 146 -12.40 -3.60 -15.19
CA GLU B 146 -11.52 -2.64 -15.86
C GLU B 146 -11.03 -3.21 -17.18
N ARG B 147 -10.22 -2.42 -17.88
CA ARG B 147 -9.63 -2.83 -19.14
C ARG B 147 -8.15 -2.56 -19.09
N GLU B 148 -7.35 -3.48 -19.59
CA GLU B 148 -5.91 -3.32 -19.64
C GLU B 148 -5.39 -3.66 -21.05
N PRO B 149 -4.17 -3.18 -21.40
CA PRO B 149 -3.75 -3.55 -22.75
C PRO B 149 -3.15 -4.96 -22.83
N SER B 150 -3.28 -5.61 -23.98
CA SER B 150 -2.65 -6.92 -24.21
C SER B 150 -1.17 -6.80 -24.57
N VAL B 151 -0.74 -5.58 -24.90
CA VAL B 151 0.61 -5.29 -25.33
C VAL B 151 0.74 -3.77 -25.47
N LEU B 152 1.96 -3.23 -25.43
CA LEU B 152 2.16 -1.80 -25.63
C LEU B 152 2.61 -1.48 -27.05
N PRO B 153 2.28 -0.26 -27.53
CA PRO B 153 2.70 0.18 -28.86
C PRO B 153 4.21 0.05 -29.02
N ALA B 154 4.96 0.26 -27.94
CA ALA B 154 6.38 -0.09 -27.92
C ALA B 154 7.14 0.50 -29.07
N ARG B 155 7.16 1.82 -29.17
CA ARG B 155 7.74 2.48 -30.32
C ARG B 155 9.26 2.38 -30.35
N PHE B 156 9.84 1.57 -29.46
CA PHE B 156 11.23 1.10 -29.62
C PHE B 156 11.33 -0.41 -29.31
N PRO B 157 12.39 -1.07 -29.81
CA PRO B 157 12.58 -2.53 -29.68
C PRO B 157 12.97 -2.95 -28.29
N ASN B 158 12.01 -2.96 -27.39
CA ASN B 158 12.35 -3.07 -25.98
C ASN B 158 12.74 -4.47 -25.51
N LEU B 159 12.24 -5.53 -26.14
CA LEU B 159 12.63 -6.87 -25.72
C LEU B 159 14.16 -7.02 -25.72
N LEU B 160 14.77 -6.66 -26.84
CA LEU B 160 16.22 -6.73 -26.98
C LEU B 160 16.97 -5.60 -26.27
N ALA B 161 16.32 -4.46 -26.11
CA ALA B 161 16.94 -3.30 -25.50
C ALA B 161 17.32 -3.55 -24.04
N ASN B 162 16.34 -3.91 -23.23
CA ASN B 162 16.57 -4.22 -21.82
C ASN B 162 16.76 -5.72 -21.54
N GLY B 163 16.24 -6.56 -22.44
CA GLY B 163 16.36 -8.00 -22.32
C GLY B 163 15.36 -8.57 -21.34
N ALA B 164 15.41 -9.88 -21.10
CA ALA B 164 14.53 -10.49 -20.10
C ALA B 164 15.17 -11.71 -19.50
N SER B 165 14.88 -11.96 -18.23
CA SER B 165 15.17 -13.24 -17.61
C SER B 165 13.95 -13.72 -16.81
N GLY B 166 13.63 -15.00 -16.95
CA GLY B 166 12.50 -15.56 -16.23
C GLY B 166 12.47 -17.08 -16.22
N ILE B 167 12.14 -17.66 -15.07
CA ILE B 167 12.06 -19.11 -14.94
C ILE B 167 10.59 -19.49 -15.04
N ALA B 168 10.24 -20.15 -16.13
CA ALA B 168 8.87 -20.58 -16.36
C ALA B 168 8.67 -21.97 -15.76
N VAL B 169 7.71 -22.71 -16.31
CA VAL B 169 7.59 -24.15 -16.07
C VAL B 169 7.90 -24.88 -17.37
N GLY B 170 8.87 -25.77 -17.33
CA GLY B 170 9.28 -26.55 -18.49
C GLY B 170 10.24 -25.79 -19.40
N MET B 171 10.45 -24.52 -19.10
CA MET B 171 11.34 -23.67 -19.88
C MET B 171 11.76 -22.43 -19.11
N ALA B 172 12.79 -21.77 -19.61
CA ALA B 172 13.30 -20.57 -18.96
C ALA B 172 13.69 -19.64 -20.10
N THR B 173 14.01 -18.39 -19.77
CA THR B 173 14.41 -17.47 -20.81
C THR B 173 15.52 -16.58 -20.29
N ASN B 174 16.56 -16.40 -21.11
CA ASN B 174 17.63 -15.45 -20.84
C ASN B 174 18.03 -14.66 -22.08
N ILE B 175 17.76 -13.35 -22.03
CA ILE B 175 17.99 -12.45 -23.14
C ILE B 175 18.70 -11.22 -22.64
N PRO B 176 19.88 -10.90 -23.19
CA PRO B 176 20.70 -9.80 -22.69
C PRO B 176 20.32 -8.42 -23.23
N PRO B 177 20.73 -7.35 -22.52
CA PRO B 177 20.49 -5.99 -22.99
C PRO B 177 21.37 -5.58 -24.16
N HIS B 178 20.93 -4.59 -24.92
CA HIS B 178 21.63 -4.12 -26.12
C HIS B 178 21.64 -2.62 -26.25
N ASN B 179 22.54 -2.13 -27.10
CA ASN B 179 22.62 -0.71 -27.39
C ASN B 179 21.49 -0.33 -28.32
N LEU B 180 20.74 0.70 -27.92
CA LEU B 180 19.56 1.11 -28.64
C LEU B 180 19.91 1.66 -30.02
N THR B 181 21.03 2.36 -30.10
CA THR B 181 21.46 2.89 -31.38
C THR B 181 21.66 1.74 -32.36
N GLU B 182 22.42 0.74 -31.92
CA GLU B 182 22.70 -0.43 -32.76
C GLU B 182 21.48 -1.24 -33.00
N LEU B 183 20.56 -1.20 -32.04
CA LEU B 183 19.33 -1.92 -32.16
C LEU B 183 18.46 -1.33 -33.27
N ILE B 184 18.16 -0.04 -33.18
CA ILE B 184 17.34 0.62 -34.20
C ILE B 184 17.99 0.51 -35.59
N ASN B 185 19.30 0.70 -35.67
CA ASN B 185 19.97 0.61 -36.96
C ASN B 185 19.78 -0.77 -37.57
N GLY B 186 19.83 -1.79 -36.73
CA GLY B 186 19.57 -3.15 -37.19
C GLY B 186 18.23 -3.23 -37.86
N VAL B 187 17.20 -2.75 -37.17
CA VAL B 187 15.84 -2.76 -37.69
C VAL B 187 15.73 -2.01 -39.00
N LEU B 188 16.31 -0.81 -39.05
CA LEU B 188 16.31 -0.04 -40.28
C LEU B 188 16.88 -0.83 -41.43
N SER B 189 17.91 -1.60 -41.16
CA SER B 189 18.55 -2.39 -42.18
C SER B 189 17.66 -3.56 -42.61
N LEU B 190 16.94 -4.13 -41.66
CA LEU B 190 16.02 -5.23 -41.94
C LEU B 190 14.88 -4.76 -42.85
N SER B 191 14.42 -3.55 -42.60
CA SER B 191 13.25 -3.00 -43.28
C SER B 191 13.50 -2.73 -44.75
N LYS B 192 14.77 -2.60 -45.12
CA LYS B 192 15.16 -2.33 -46.49
C LYS B 192 15.59 -3.63 -47.17
N ASN B 193 15.60 -4.72 -46.41
CA ASN B 193 16.11 -5.96 -46.93
C ASN B 193 15.54 -7.17 -46.16
N PRO B 194 14.33 -7.57 -46.52
CA PRO B 194 13.64 -8.67 -45.86
C PRO B 194 14.44 -9.98 -45.83
N ASP B 195 15.60 -9.99 -46.50
CA ASP B 195 16.41 -11.18 -46.67
C ASP B 195 17.76 -11.09 -46.00
N ILE B 196 17.99 -9.99 -45.30
CA ILE B 196 19.26 -9.75 -44.64
C ILE B 196 19.70 -10.96 -43.79
N SER B 197 20.99 -11.27 -43.81
CA SER B 197 21.54 -12.37 -43.01
C SER B 197 21.83 -11.89 -41.59
N ILE B 198 21.87 -12.81 -40.64
CA ILE B 198 22.26 -12.46 -39.28
C ILE B 198 23.64 -11.81 -39.31
N ALA B 199 24.54 -12.41 -40.08
CA ALA B 199 25.90 -11.92 -40.19
C ALA B 199 25.89 -10.44 -40.56
N GLU B 200 25.08 -10.10 -41.55
CA GLU B 200 24.90 -8.73 -42.00
C GLU B 200 24.32 -7.88 -40.90
N LEU B 201 23.31 -8.40 -40.23
CA LEU B 201 22.70 -7.67 -39.15
C LEU B 201 23.74 -7.31 -38.10
N MET B 202 24.70 -8.21 -37.93
CA MET B 202 25.74 -8.04 -36.91
C MET B 202 26.72 -6.93 -37.26
N GLU B 203 26.62 -6.41 -38.48
CA GLU B 203 27.39 -5.22 -38.85
C GLU B 203 26.86 -4.02 -38.08
N ASP B 204 25.54 -3.99 -37.87
CA ASP B 204 24.92 -2.99 -37.00
C ASP B 204 25.00 -3.38 -35.54
N ILE B 205 24.47 -4.56 -35.22
CA ILE B 205 24.39 -5.00 -33.83
C ILE B 205 25.57 -5.89 -33.43
N GLU B 206 26.53 -5.32 -32.72
CA GLU B 206 27.74 -6.06 -32.38
C GLU B 206 27.53 -7.16 -31.38
N GLY B 207 26.68 -6.94 -30.41
CA GLY B 207 26.51 -7.88 -29.34
C GLY B 207 25.79 -7.16 -28.23
N PRO B 208 25.58 -7.84 -27.11
CA PRO B 208 24.94 -7.23 -25.93
C PRO B 208 25.68 -6.00 -25.41
N ASP B 209 25.00 -5.24 -24.56
CA ASP B 209 25.48 -3.97 -24.06
C ASP B 209 24.85 -3.85 -22.68
N PHE B 210 25.57 -4.27 -21.66
CA PHE B 210 25.05 -4.34 -20.32
C PHE B 210 25.09 -2.97 -19.67
N PRO B 211 24.07 -2.67 -18.85
CA PRO B 211 24.15 -1.39 -18.15
C PRO B 211 25.40 -1.28 -17.29
N THR B 212 25.80 -2.40 -16.68
CA THR B 212 27.01 -2.50 -15.87
C THR B 212 28.29 -2.46 -16.73
N ALA B 213 28.11 -2.51 -18.04
CA ALA B 213 29.21 -2.44 -18.98
C ALA B 213 30.16 -3.62 -18.86
N GLY B 214 31.46 -3.38 -18.73
CA GLY B 214 32.41 -4.47 -18.67
C GLY B 214 32.77 -4.94 -20.06
N LEU B 215 33.35 -6.14 -20.15
CA LEU B 215 33.89 -6.65 -21.40
C LEU B 215 33.28 -7.97 -21.82
N ILE B 216 33.32 -8.26 -23.12
CA ILE B 216 32.93 -9.56 -23.65
C ILE B 216 34.09 -10.16 -24.43
N LEU B 217 34.30 -11.47 -24.28
CA LEU B 217 35.41 -12.17 -24.97
C LEU B 217 35.00 -12.99 -26.18
N GLY B 218 35.46 -12.58 -27.36
CA GLY B 218 35.21 -13.31 -28.58
C GLY B 218 33.84 -13.00 -29.16
N LYS B 219 33.71 -13.18 -30.47
CA LYS B 219 32.44 -12.94 -31.15
C LYS B 219 31.69 -14.25 -31.38
N SER B 220 32.34 -15.38 -31.09
CA SER B 220 31.78 -16.68 -31.42
C SER B 220 30.55 -16.99 -30.58
N GLY B 221 30.58 -16.65 -29.30
CA GLY B 221 29.44 -16.91 -28.44
C GLY B 221 28.22 -16.14 -28.92
N ILE B 222 28.45 -14.87 -29.25
CA ILE B 222 27.39 -13.97 -29.71
C ILE B 222 26.79 -14.47 -31.01
N ARG B 223 27.64 -14.95 -31.91
CA ARG B 223 27.20 -15.35 -33.23
C ARG B 223 26.29 -16.55 -33.11
N ARG B 224 26.70 -17.50 -32.28
CA ARG B 224 25.90 -18.69 -32.06
C ARG B 224 24.56 -18.28 -31.42
N ALA B 225 24.63 -17.39 -30.44
CA ALA B 225 23.43 -16.90 -29.78
C ALA B 225 22.45 -16.29 -30.79
N TYR B 226 22.98 -15.52 -31.73
CA TYR B 226 22.16 -14.79 -32.71
C TYR B 226 21.66 -15.63 -33.87
N GLU B 227 22.38 -16.69 -34.19
N GLU B 227 22.38 -16.69 -34.19
CA GLU B 227 21.99 -17.58 -35.28
CA GLU B 227 22.00 -17.58 -35.29
C GLU B 227 20.96 -18.60 -34.82
C GLU B 227 20.97 -18.60 -34.83
N THR B 228 21.09 -19.01 -33.57
CA THR B 228 20.29 -20.11 -33.05
C THR B 228 19.43 -19.72 -31.88
N GLY B 229 19.83 -18.71 -31.12
CA GLY B 229 19.04 -18.27 -29.98
C GLY B 229 19.62 -18.71 -28.66
N ARG B 230 20.57 -19.64 -28.73
CA ARG B 230 21.28 -20.09 -27.55
C ARG B 230 22.78 -20.05 -27.74
N GLY B 231 23.50 -19.75 -26.67
CA GLY B 231 24.94 -19.64 -26.72
C GLY B 231 25.47 -19.04 -25.43
N SER B 232 26.74 -19.31 -25.18
CA SER B 232 27.41 -18.87 -23.97
C SER B 232 28.29 -17.67 -24.31
N ILE B 233 28.05 -16.56 -23.62
CA ILE B 233 28.77 -15.34 -23.85
C ILE B 233 29.52 -15.03 -22.57
N GLN B 234 30.79 -14.65 -22.71
CA GLN B 234 31.72 -14.58 -21.61
C GLN B 234 31.93 -13.16 -21.14
N MET B 235 31.61 -12.94 -19.88
CA MET B 235 31.47 -11.62 -19.31
C MET B 235 32.60 -11.36 -18.34
N ARG B 236 33.52 -10.52 -18.74
CA ARG B 236 34.71 -10.25 -17.95
C ARG B 236 34.59 -8.85 -17.36
N SER B 237 35.08 -8.68 -16.13
CA SER B 237 35.07 -7.37 -15.50
C SER B 237 36.12 -6.47 -16.13
N ARG B 238 36.02 -5.16 -15.89
CA ARG B 238 37.09 -4.27 -16.27
C ARG B 238 38.03 -4.10 -15.09
N ALA B 239 39.22 -4.71 -15.22
CA ALA B 239 40.28 -4.61 -14.23
C ALA B 239 41.62 -4.31 -14.86
N VAL B 240 42.41 -3.46 -14.20
CA VAL B 240 43.73 -3.09 -14.68
C VAL B 240 44.76 -3.33 -13.58
N ILE B 241 46.04 -3.49 -13.95
CA ILE B 241 47.11 -3.62 -12.96
C ILE B 241 47.81 -2.27 -12.81
N GLU B 242 48.10 -1.87 -11.57
CA GLU B 242 48.74 -0.58 -11.31
C GLU B 242 49.60 -0.59 -10.04
N GLU B 243 50.62 0.27 -10.03
CA GLU B 243 51.55 0.43 -8.91
C GLU B 243 50.94 1.18 -7.73
N ARG B 244 51.36 0.84 -6.50
CA ARG B 244 50.79 1.47 -5.29
C ARG B 244 51.85 2.06 -4.38
N GLY B 245 53.12 1.82 -4.69
CA GLY B 245 54.21 2.31 -3.88
C GLY B 245 55.05 1.20 -3.31
N GLY B 246 56.36 1.42 -3.25
CA GLY B 246 57.27 0.42 -2.74
C GLY B 246 57.51 -0.67 -3.77
N GLY B 247 57.12 -0.41 -5.01
CA GLY B 247 57.36 -1.35 -6.09
C GLY B 247 56.33 -2.46 -6.07
N ARG B 248 55.34 -2.32 -5.19
CA ARG B 248 54.23 -3.27 -5.13
C ARG B 248 53.10 -2.83 -6.04
N GLN B 249 52.11 -3.69 -6.21
CA GLN B 249 50.98 -3.43 -7.12
C GLN B 249 49.61 -3.81 -6.55
N ARG B 250 48.57 -3.42 -7.30
CA ARG B 250 47.20 -3.76 -6.95
C ARG B 250 46.41 -3.98 -8.22
N ILE B 251 45.36 -4.77 -8.12
CA ILE B 251 44.37 -4.88 -9.17
C ILE B 251 43.19 -3.99 -8.81
N VAL B 252 42.75 -3.16 -9.75
CA VAL B 252 41.58 -2.32 -9.54
C VAL B 252 40.48 -2.68 -10.52
N VAL B 253 39.30 -2.97 -9.97
CA VAL B 253 38.10 -3.40 -10.72
C VAL B 253 37.08 -2.29 -10.76
N THR B 254 36.57 -1.98 -11.95
CA THR B 254 35.74 -0.80 -12.08
C THR B 254 34.45 -1.06 -12.84
N GLU B 255 34.38 -2.20 -13.50
CA GLU B 255 33.14 -2.67 -14.09
C GLU B 255 33.08 -4.16 -13.91
N ILE B 256 32.03 -4.63 -13.24
CA ILE B 256 31.84 -6.05 -13.01
C ILE B 256 30.78 -6.57 -13.97
N PRO B 257 30.65 -7.91 -14.07
CA PRO B 257 29.69 -8.48 -15.02
C PRO B 257 28.24 -8.29 -14.61
N PHE B 258 27.37 -8.43 -15.60
CA PHE B 258 25.96 -8.14 -15.44
C PHE B 258 25.27 -9.12 -14.52
N GLN B 259 24.45 -8.58 -13.62
CA GLN B 259 23.63 -9.37 -12.70
C GLN B 259 24.43 -10.00 -11.57
N VAL B 260 25.75 -9.75 -11.56
CA VAL B 260 26.56 -10.09 -10.43
C VAL B 260 26.36 -9.07 -9.33
N ASN B 261 26.18 -9.59 -8.13
CA ASN B 261 26.21 -8.81 -6.92
C ASN B 261 27.66 -8.49 -6.61
N LYS B 262 27.99 -7.21 -6.44
CA LYS B 262 29.35 -6.85 -6.13
C LYS B 262 29.79 -7.40 -4.78
N ALA B 263 28.96 -7.23 -3.76
CA ALA B 263 29.32 -7.67 -2.41
C ALA B 263 29.58 -9.18 -2.31
N ARG B 264 28.70 -9.98 -2.90
CA ARG B 264 28.81 -11.43 -2.86
C ARG B 264 30.08 -11.84 -3.56
N MET B 265 30.39 -11.17 -4.65
CA MET B 265 31.59 -11.45 -5.41
C MET B 265 32.80 -11.20 -4.53
N ILE B 266 32.77 -10.08 -3.81
CA ILE B 266 33.88 -9.72 -2.94
C ILE B 266 34.07 -10.75 -1.83
N GLU B 267 32.98 -11.27 -1.29
CA GLU B 267 33.04 -12.30 -0.26
C GLU B 267 33.75 -13.55 -0.75
N LYS B 268 33.48 -13.92 -2.00
CA LYS B 268 34.08 -15.10 -2.62
C LYS B 268 35.58 -14.93 -2.72
N ILE B 269 36.01 -13.73 -3.11
CA ILE B 269 37.42 -13.42 -3.16
C ILE B 269 38.01 -13.55 -1.76
N ALA B 270 37.32 -12.97 -0.78
CA ALA B 270 37.79 -13.01 0.60
C ALA B 270 37.91 -14.44 1.07
N GLU B 271 36.91 -15.25 0.71
CA GLU B 271 36.87 -16.62 1.13
C GLU B 271 38.07 -17.38 0.59
N LEU B 272 38.42 -17.12 -0.68
CA LEU B 272 39.51 -17.84 -1.32
C LEU B 272 40.82 -17.57 -0.62
N VAL B 273 41.04 -16.31 -0.27
CA VAL B 273 42.23 -15.95 0.46
C VAL B 273 42.26 -16.67 1.80
N ARG B 274 41.13 -16.62 2.50
CA ARG B 274 41.02 -17.25 3.82
C ARG B 274 41.29 -18.73 3.71
N ASP B 275 40.75 -19.34 2.68
CA ASP B 275 40.86 -20.79 2.53
C ASP B 275 42.12 -21.19 1.77
N LYS B 276 42.95 -20.20 1.42
CA LYS B 276 44.27 -20.47 0.83
C LYS B 276 44.16 -21.04 -0.58
N LYS B 277 42.98 -20.93 -1.16
CA LYS B 277 42.76 -21.41 -2.52
C LYS B 277 43.51 -20.61 -3.57
N ILE B 278 43.71 -19.33 -3.28
CA ILE B 278 44.48 -18.47 -4.16
C ILE B 278 45.69 -17.87 -3.43
N ASP B 279 46.70 -17.46 -4.19
CA ASP B 279 47.93 -16.97 -3.60
C ASP B 279 48.32 -15.57 -4.08
N GLY B 280 49.11 -14.86 -3.27
CA GLY B 280 49.67 -13.58 -3.65
C GLY B 280 48.86 -12.36 -3.30
N ILE B 281 47.78 -12.53 -2.55
CA ILE B 281 46.91 -11.42 -2.18
C ILE B 281 47.08 -11.01 -0.72
N THR B 282 47.40 -9.74 -0.53
CA THR B 282 47.67 -9.19 0.80
C THR B 282 46.53 -8.32 1.33
N ASP B 283 45.67 -7.83 0.44
CA ASP B 283 44.52 -7.05 0.90
C ASP B 283 43.40 -7.03 -0.12
N LEU B 284 42.21 -6.71 0.36
CA LEU B 284 41.02 -6.59 -0.47
C LEU B 284 40.18 -5.42 0.05
N ARG B 285 39.78 -4.52 -0.85
CA ARG B 285 39.06 -3.32 -0.45
C ARG B 285 38.07 -2.82 -1.48
N ASP B 286 36.83 -2.69 -1.06
CA ASP B 286 35.85 -1.95 -1.83
C ASP B 286 36.02 -0.48 -1.50
N GLU B 287 36.46 0.29 -2.48
CA GLU B 287 36.52 1.73 -2.33
C GLU B 287 35.48 2.42 -3.21
N THR B 288 34.45 1.68 -3.60
CA THR B 288 33.34 2.24 -4.36
C THR B 288 32.77 3.45 -3.63
N SER B 289 32.48 4.52 -4.35
CA SER B 289 31.71 5.63 -3.79
C SER B 289 30.92 6.29 -4.90
N LEU B 290 29.93 7.10 -4.55
CA LEU B 290 29.04 7.65 -5.56
C LEU B 290 29.82 8.52 -6.54
N ARG B 291 30.73 9.32 -6.00
CA ARG B 291 31.57 10.18 -6.85
C ARG B 291 32.58 9.33 -7.63
N THR B 292 33.23 8.42 -6.91
CA THR B 292 34.31 7.63 -7.48
C THR B 292 33.76 6.64 -8.49
N GLY B 293 32.59 6.09 -8.20
CA GLY B 293 32.05 4.99 -8.99
C GLY B 293 32.55 3.67 -8.41
N VAL B 294 32.31 2.58 -9.11
CA VAL B 294 32.74 1.28 -8.62
C VAL B 294 34.25 1.14 -8.64
N ARG B 295 34.82 0.94 -7.46
CA ARG B 295 36.23 0.63 -7.31
C ARG B 295 36.48 -0.51 -6.33
N VAL B 296 36.94 -1.64 -6.83
CA VAL B 296 37.29 -2.75 -5.96
C VAL B 296 38.78 -2.95 -6.10
N VAL B 297 39.48 -2.96 -4.97
CA VAL B 297 40.95 -3.02 -4.98
C VAL B 297 41.52 -4.31 -4.36
N ILE B 298 42.35 -4.98 -5.13
CA ILE B 298 43.03 -6.19 -4.68
C ILE B 298 44.52 -5.93 -4.57
N ASP B 299 45.07 -6.10 -3.38
CA ASP B 299 46.49 -5.83 -3.16
C ASP B 299 47.30 -7.08 -3.32
N VAL B 300 48.37 -6.96 -4.11
CA VAL B 300 49.22 -8.09 -4.46
C VAL B 300 50.59 -8.03 -3.78
N ARG B 301 51.04 -9.14 -3.21
CA ARG B 301 52.32 -9.16 -2.54
C ARG B 301 53.47 -8.87 -3.50
N LYS B 302 54.50 -8.17 -3.05
CA LYS B 302 55.57 -7.76 -3.94
C LYS B 302 56.27 -8.97 -4.55
N ASP B 303 56.73 -8.80 -5.80
CA ASP B 303 57.46 -9.84 -6.52
C ASP B 303 56.54 -11.00 -6.89
N ALA B 304 55.23 -10.78 -6.76
CA ALA B 304 54.25 -11.77 -7.15
C ALA B 304 53.63 -11.30 -8.47
N ASN B 305 53.48 -12.21 -9.42
CA ASN B 305 52.94 -11.85 -10.73
C ASN B 305 51.45 -11.58 -10.66
N ALA B 306 51.09 -10.32 -10.83
CA ALA B 306 49.70 -9.91 -10.72
C ALA B 306 48.87 -10.48 -11.87
N SER B 307 49.32 -10.29 -13.10
CA SER B 307 48.57 -10.74 -14.26
C SER B 307 48.20 -12.21 -14.13
N VAL B 308 49.03 -12.96 -13.42
CA VAL B 308 48.76 -14.35 -13.12
C VAL B 308 47.66 -14.46 -12.07
N ILE B 309 47.81 -13.73 -10.98
CA ILE B 309 46.79 -13.68 -9.95
C ILE B 309 45.46 -13.25 -10.56
N LEU B 310 45.51 -12.31 -11.50
CA LEU B 310 44.30 -11.86 -12.16
C LEU B 310 43.56 -13.00 -12.85
N ASN B 311 44.26 -13.67 -13.76
CA ASN B 311 43.71 -14.82 -14.46
C ASN B 311 43.07 -15.82 -13.52
N ASN B 312 43.65 -15.98 -12.34
CA ASN B 312 43.14 -16.95 -11.40
C ASN B 312 41.83 -16.49 -10.78
N LEU B 313 41.60 -15.18 -10.70
CA LEU B 313 40.34 -14.70 -10.15
C LEU B 313 39.21 -14.78 -11.18
N TYR B 314 39.57 -14.70 -12.44
CA TYR B 314 38.63 -14.97 -13.52
C TYR B 314 38.16 -16.40 -13.47
N LYS B 315 39.11 -17.33 -13.36
CA LYS B 315 38.83 -18.75 -13.28
C LYS B 315 38.09 -19.13 -11.98
N GLN B 316 38.46 -18.50 -10.88
CA GLN B 316 38.00 -18.94 -9.57
C GLN B 316 36.85 -18.14 -8.96
N THR B 317 36.38 -17.10 -9.64
CA THR B 317 35.34 -16.22 -9.07
C THR B 317 34.42 -15.65 -10.13
N PRO B 318 33.29 -15.05 -9.72
CA PRO B 318 32.33 -14.43 -10.64
C PRO B 318 32.93 -13.24 -11.40
N LEU B 319 34.19 -12.96 -11.13
CA LEU B 319 34.89 -11.87 -11.78
C LEU B 319 34.81 -12.05 -13.27
N GLN B 320 34.83 -13.29 -13.69
CA GLN B 320 34.43 -13.63 -15.03
C GLN B 320 33.20 -14.53 -14.87
N THR B 321 32.19 -14.25 -15.67
CA THR B 321 30.93 -14.96 -15.58
C THR B 321 30.38 -15.23 -16.99
N SER B 322 29.44 -16.17 -17.08
CA SER B 322 28.84 -16.55 -18.34
C SER B 322 27.38 -16.12 -18.40
N PHE B 323 26.98 -15.55 -19.52
CA PHE B 323 25.58 -15.32 -19.79
C PHE B 323 25.08 -16.35 -20.78
N GLY B 324 24.28 -17.29 -20.28
CA GLY B 324 23.75 -18.34 -21.12
C GLY B 324 22.54 -17.79 -21.83
N VAL B 325 22.71 -17.37 -23.07
CA VAL B 325 21.61 -16.83 -23.86
C VAL B 325 20.62 -17.95 -24.21
N ASN B 326 19.36 -17.70 -23.93
CA ASN B 326 18.29 -18.63 -24.23
C ASN B 326 17.07 -17.81 -24.61
N MET B 327 16.95 -17.46 -25.88
CA MET B 327 16.00 -16.45 -26.31
C MET B 327 14.61 -16.99 -26.61
N ILE B 328 13.83 -17.14 -25.56
CA ILE B 328 12.44 -17.54 -25.67
C ILE B 328 11.52 -16.36 -25.33
N ALA B 329 10.55 -16.12 -26.19
CA ALA B 329 9.60 -15.03 -26.01
C ALA B 329 8.23 -15.46 -26.48
N LEU B 330 7.21 -14.76 -26.02
CA LEU B 330 5.88 -15.04 -26.52
C LEU B 330 5.69 -14.51 -27.93
N VAL B 331 5.47 -15.44 -28.84
CA VAL B 331 5.14 -15.10 -30.20
C VAL B 331 3.75 -15.65 -30.48
N ASN B 332 2.80 -14.75 -30.72
CA ASN B 332 1.42 -15.13 -30.99
C ASN B 332 0.83 -15.88 -29.81
N GLY B 333 1.26 -15.50 -28.61
CA GLY B 333 0.75 -16.08 -27.38
C GLY B 333 1.31 -17.45 -27.10
N ARG B 334 2.38 -17.78 -27.79
CA ARG B 334 3.02 -19.08 -27.66
C ARG B 334 4.51 -18.85 -27.43
N PRO B 335 5.11 -19.63 -26.52
CA PRO B 335 6.56 -19.54 -26.33
C PRO B 335 7.33 -20.10 -27.52
N LYS B 336 8.27 -19.33 -28.04
CA LYS B 336 9.11 -19.77 -29.15
C LYS B 336 10.55 -19.39 -28.90
N LEU B 337 11.46 -20.26 -29.30
CA LEU B 337 12.88 -19.94 -29.31
C LEU B 337 13.18 -19.26 -30.63
N ILE B 338 13.56 -18.00 -30.54
CA ILE B 338 13.76 -17.19 -31.72
C ILE B 338 15.24 -16.89 -31.83
N ASN B 339 15.72 -16.64 -33.04
CA ASN B 339 17.06 -16.10 -33.23
C ASN B 339 16.97 -14.57 -33.39
N LEU B 340 18.09 -13.90 -33.58
CA LEU B 340 18.10 -12.46 -33.69
C LEU B 340 17.10 -11.89 -34.70
N LYS B 341 17.22 -12.32 -35.94
CA LYS B 341 16.39 -11.75 -37.00
C LYS B 341 14.93 -12.00 -36.67
N GLU B 342 14.59 -13.19 -36.20
CA GLU B 342 13.22 -13.49 -35.82
C GLU B 342 12.70 -12.46 -34.84
N ALA B 343 13.49 -12.20 -33.82
CA ALA B 343 13.20 -11.15 -32.87
C ALA B 343 12.91 -9.84 -33.60
N LEU B 344 13.82 -9.41 -34.44
CA LEU B 344 13.67 -8.11 -35.08
C LEU B 344 12.48 -8.05 -36.03
N VAL B 345 12.03 -9.20 -36.52
CA VAL B 345 10.97 -9.20 -37.51
C VAL B 345 9.62 -9.08 -36.83
N HIS B 346 9.43 -9.80 -35.74
CA HIS B 346 8.19 -9.72 -34.99
C HIS B 346 8.04 -8.36 -34.40
N TYR B 347 9.16 -7.67 -34.14
CA TYR B 347 9.06 -6.29 -33.66
C TYR B 347 8.59 -5.39 -34.77
N LEU B 348 9.37 -5.32 -35.82
CA LEU B 348 9.06 -4.45 -36.95
C LEU B 348 7.62 -4.56 -37.38
N GLU B 349 7.16 -5.79 -37.52
CA GLU B 349 5.84 -6.03 -38.03
C GLU B 349 4.81 -5.45 -37.07
N HIS B 350 5.10 -5.56 -35.78
CA HIS B 350 4.31 -4.89 -34.76
C HIS B 350 4.19 -3.41 -35.10
N GLN B 351 5.31 -2.77 -35.35
CA GLN B 351 5.35 -1.34 -35.63
C GLN B 351 4.53 -0.96 -36.84
N LYS B 352 4.64 -1.72 -37.91
CA LYS B 352 3.86 -1.43 -39.11
C LYS B 352 2.40 -1.41 -38.73
N THR B 353 1.99 -2.40 -37.94
CA THR B 353 0.62 -2.53 -37.48
C THR B 353 0.24 -1.39 -36.58
N VAL B 354 1.14 -1.01 -35.69
CA VAL B 354 0.85 0.05 -34.76
C VAL B 354 0.73 1.40 -35.49
N VAL B 355 1.62 1.66 -36.43
CA VAL B 355 1.57 2.92 -37.18
C VAL B 355 0.37 2.91 -38.11
N ARG B 356 0.10 1.76 -38.70
CA ARG B 356 -1.05 1.68 -39.57
C ARG B 356 -2.32 1.93 -38.79
N ARG B 357 -2.46 1.28 -37.64
CA ARG B 357 -3.65 1.40 -36.82
C ARG B 357 -3.84 2.81 -36.29
N ARG B 358 -2.74 3.45 -35.92
CA ARG B 358 -2.82 4.81 -35.47
C ARG B 358 -3.31 5.70 -36.60
N THR B 359 -2.75 5.51 -37.79
CA THR B 359 -3.12 6.31 -38.94
C THR B 359 -4.60 6.13 -39.22
N GLN B 360 -5.07 4.90 -39.17
CA GLN B 360 -6.46 4.63 -39.43
C GLN B 360 -7.34 5.24 -38.36
N TYR B 361 -6.90 5.18 -37.11
CA TYR B 361 -7.71 5.76 -36.04
C TYR B 361 -7.84 7.26 -36.23
N ASN B 362 -6.70 7.89 -36.51
CA ASN B 362 -6.71 9.30 -36.84
C ASN B 362 -7.69 9.63 -37.97
N LEU B 363 -7.62 8.85 -39.05
CA LEU B 363 -8.45 9.11 -40.21
C LEU B 363 -9.91 9.13 -39.81
N ARG B 364 -10.42 8.05 -39.21
CA ARG B 364 -11.82 8.02 -38.80
C ARG B 364 -12.13 9.23 -37.94
N LYS B 365 -11.16 9.57 -37.10
CA LYS B 365 -11.35 10.65 -36.14
C LYS B 365 -11.50 11.99 -36.86
N ALA B 366 -10.58 12.25 -37.80
CA ALA B 366 -10.56 13.49 -38.55
C ALA B 366 -11.78 13.63 -39.44
N LYS B 367 -12.20 12.53 -40.07
CA LYS B 367 -13.38 12.53 -40.93
C LYS B 367 -14.63 12.80 -40.10
N ASP B 368 -14.66 12.22 -38.92
CA ASP B 368 -15.74 12.49 -37.99
C ASP B 368 -15.82 13.96 -37.65
N ARG B 369 -14.68 14.52 -37.27
CA ARG B 369 -14.62 15.92 -36.90
C ARG B 369 -15.09 16.84 -38.01
N ALA B 370 -14.56 16.62 -39.21
CA ALA B 370 -14.98 17.40 -40.37
C ALA B 370 -16.49 17.42 -40.51
N HIS B 371 -17.10 16.23 -40.48
CA HIS B 371 -18.54 16.09 -40.63
C HIS B 371 -19.26 17.01 -39.67
N ILE B 372 -18.78 17.05 -38.45
CA ILE B 372 -19.36 17.90 -37.45
C ILE B 372 -19.14 19.34 -37.86
N LEU B 373 -17.92 19.68 -38.23
CA LEU B 373 -17.65 21.05 -38.65
C LEU B 373 -18.56 21.49 -39.79
N GLU B 374 -18.86 20.59 -40.72
CA GLU B 374 -19.78 20.91 -41.81
C GLU B 374 -21.16 21.28 -41.28
N GLY B 375 -21.64 20.49 -40.34
CA GLY B 375 -22.92 20.74 -39.69
C GLY B 375 -22.94 22.07 -38.95
N LEU B 376 -21.85 22.40 -38.29
CA LEU B 376 -21.74 23.68 -37.63
C LEU B 376 -21.74 24.83 -38.63
N ARG B 377 -20.96 24.68 -39.70
CA ARG B 377 -20.91 25.66 -40.78
C ARG B 377 -22.33 26.06 -41.20
N ILE B 378 -23.14 25.04 -41.48
CA ILE B 378 -24.50 25.27 -41.92
C ILE B 378 -25.30 26.02 -40.86
N ALA B 379 -25.14 25.65 -39.60
CA ALA B 379 -25.89 26.28 -38.52
C ALA B 379 -25.57 27.77 -38.40
N LEU B 380 -24.29 28.12 -38.48
CA LEU B 380 -23.89 29.52 -38.36
C LEU B 380 -24.41 30.38 -39.52
N ASP B 381 -24.37 29.82 -40.72
CA ASP B 381 -24.91 30.50 -41.88
C ASP B 381 -26.42 30.69 -41.84
N HIS B 382 -27.13 29.71 -41.29
CA HIS B 382 -28.59 29.71 -41.24
C HIS B 382 -29.10 29.93 -39.82
N ILE B 383 -28.31 30.62 -39.00
CA ILE B 383 -28.50 30.61 -37.56
C ILE B 383 -29.87 31.09 -37.11
N ASP B 384 -30.40 32.13 -37.74
CA ASP B 384 -31.66 32.70 -37.30
C ASP B 384 -32.78 31.69 -37.39
N GLU B 385 -32.81 30.92 -38.47
CA GLU B 385 -33.81 29.88 -38.62
C GLU B 385 -33.56 28.74 -37.65
N ILE B 386 -32.30 28.42 -37.41
CA ILE B 386 -31.91 27.34 -36.52
C ILE B 386 -32.44 27.62 -35.13
N ILE B 387 -32.18 28.83 -34.66
CA ILE B 387 -32.63 29.22 -33.34
C ILE B 387 -34.15 29.14 -33.28
N SER B 388 -34.81 29.70 -34.28
CA SER B 388 -36.26 29.65 -34.29
C SER B 388 -36.73 28.20 -34.20
N THR B 389 -36.14 27.33 -34.99
CA THR B 389 -36.56 25.94 -35.04
C THR B 389 -36.54 25.32 -33.64
N ILE B 390 -35.49 25.62 -32.88
CA ILE B 390 -35.36 25.08 -31.53
C ILE B 390 -36.38 25.67 -30.55
N ARG B 391 -36.62 26.98 -30.65
CA ARG B 391 -37.53 27.66 -29.75
C ARG B 391 -38.95 27.15 -29.89
N GLU B 392 -39.35 26.92 -31.15
CA GLU B 392 -40.63 26.33 -31.47
C GLU B 392 -40.73 24.97 -30.83
N SER B 393 -39.64 24.21 -30.91
CA SER B 393 -39.59 22.85 -30.43
C SER B 393 -39.79 22.75 -28.93
N ASP B 394 -40.49 21.71 -28.51
CA ASP B 394 -40.84 21.52 -27.11
C ASP B 394 -39.85 20.59 -26.45
N THR B 395 -39.18 19.76 -27.26
CA THR B 395 -38.15 18.86 -26.77
C THR B 395 -36.92 18.86 -27.65
N ASP B 396 -35.90 18.15 -27.17
CA ASP B 396 -34.73 17.85 -27.98
C ASP B 396 -35.13 17.06 -29.22
N LYS B 397 -35.91 16.00 -29.01
CA LYS B 397 -36.29 15.12 -30.11
C LYS B 397 -36.96 15.90 -31.23
N VAL B 398 -37.92 16.74 -30.86
CA VAL B 398 -38.60 17.58 -31.83
C VAL B 398 -37.61 18.45 -32.59
N ALA B 399 -36.76 19.14 -31.85
CA ALA B 399 -35.72 20.00 -32.42
C ALA B 399 -34.80 19.25 -33.38
N MET B 400 -34.27 18.13 -32.91
CA MET B 400 -33.48 17.25 -33.75
C MET B 400 -34.13 17.03 -35.11
N GLU B 401 -35.30 16.39 -35.06
CA GLU B 401 -36.07 16.06 -36.24
C GLU B 401 -36.20 17.20 -37.24
N SER B 402 -36.73 18.32 -36.77
CA SER B 402 -36.96 19.46 -37.63
C SER B 402 -35.68 19.92 -38.30
N LEU B 403 -34.62 20.05 -37.51
CA LEU B 403 -33.35 20.52 -38.05
C LEU B 403 -32.85 19.60 -39.16
N GLN B 404 -32.95 18.29 -38.96
CA GLN B 404 -32.54 17.33 -39.99
C GLN B 404 -33.39 17.45 -41.25
N GLN B 405 -34.67 17.74 -41.05
CA GLN B 405 -35.58 17.89 -42.18
C GLN B 405 -35.20 19.10 -43.03
N ARG B 406 -35.13 20.26 -42.39
CA ARG B 406 -34.98 21.52 -43.11
C ARG B 406 -33.57 21.73 -43.67
N PHE B 407 -32.58 21.16 -43.00
CA PHE B 407 -31.18 21.34 -43.41
C PHE B 407 -30.47 20.05 -43.84
N LYS B 408 -31.18 18.93 -43.82
CA LYS B 408 -30.59 17.67 -44.25
C LYS B 408 -29.32 17.39 -43.48
N LEU B 409 -29.35 17.79 -42.22
CA LEU B 409 -28.26 17.50 -41.30
C LEU B 409 -28.37 16.08 -40.83
N SER B 410 -27.24 15.51 -40.43
CA SER B 410 -27.24 14.19 -39.85
C SER B 410 -27.61 14.26 -38.37
N GLU B 411 -27.91 13.13 -37.78
CA GLU B 411 -28.32 13.08 -36.39
C GLU B 411 -27.24 13.60 -35.47
N LYS B 412 -25.98 13.24 -35.78
CA LYS B 412 -24.82 13.72 -35.03
C LYS B 412 -24.51 15.18 -35.26
N GLN B 413 -24.70 15.61 -36.50
CA GLN B 413 -24.57 17.02 -36.86
C GLN B 413 -25.54 17.88 -36.07
N ALA B 414 -26.82 17.51 -36.08
CA ALA B 414 -27.85 18.25 -35.36
C ALA B 414 -27.56 18.27 -33.87
N GLN B 415 -27.16 17.11 -33.36
CA GLN B 415 -26.80 16.95 -31.97
C GLN B 415 -25.69 17.91 -31.59
N ALA B 416 -24.72 18.07 -32.46
CA ALA B 416 -23.63 18.98 -32.19
C ALA B 416 -24.15 20.40 -32.16
N ILE B 417 -25.18 20.68 -32.96
CA ILE B 417 -25.75 22.03 -33.05
C ILE B 417 -26.55 22.34 -31.80
N LEU B 418 -27.34 21.37 -31.34
CA LEU B 418 -28.08 21.55 -30.10
C LEU B 418 -27.19 21.70 -28.86
N ASP B 419 -25.94 21.25 -28.94
CA ASP B 419 -24.99 21.36 -27.82
C ASP B 419 -24.12 22.61 -27.89
N MET B 420 -24.23 23.32 -28.99
CA MET B 420 -23.40 24.50 -29.22
C MET B 420 -23.68 25.54 -28.16
N ARG B 421 -22.64 26.15 -27.63
CA ARG B 421 -22.81 27.19 -26.63
C ARG B 421 -22.96 28.51 -27.37
N LEU B 422 -23.63 29.47 -26.76
CA LEU B 422 -23.80 30.76 -27.40
C LEU B 422 -22.50 31.47 -27.76
N ARG B 423 -21.46 31.26 -26.98
CA ARG B 423 -20.26 32.02 -27.24
C ARG B 423 -19.67 31.69 -28.62
N ARG B 424 -20.08 30.59 -29.22
CA ARG B 424 -19.59 30.22 -30.53
C ARG B 424 -20.22 31.07 -31.64
N LEU B 425 -21.12 31.98 -31.26
CA LEU B 425 -21.82 32.80 -32.23
C LEU B 425 -21.14 34.12 -32.53
N THR B 426 -20.02 34.40 -31.85
CA THR B 426 -19.27 35.61 -32.13
C THR B 426 -18.60 35.52 -33.49
N GLY B 427 -18.30 36.66 -34.09
CA GLY B 427 -17.81 36.70 -35.45
C GLY B 427 -16.50 35.95 -35.61
N LEU B 428 -15.61 36.12 -34.65
CA LEU B 428 -14.30 35.49 -34.72
C LEU B 428 -14.43 33.98 -34.77
N GLU B 429 -15.36 33.45 -33.99
CA GLU B 429 -15.50 32.00 -33.85
C GLU B 429 -15.80 31.33 -35.20
N ARG B 430 -16.56 32.01 -36.05
CA ARG B 430 -16.88 31.47 -37.36
C ARG B 430 -15.60 31.24 -38.18
N ASP B 431 -14.68 32.20 -38.10
CA ASP B 431 -13.41 32.08 -38.81
C ASP B 431 -12.61 30.87 -38.30
N LYS B 432 -12.66 30.66 -36.98
CA LYS B 432 -11.90 29.60 -36.32
C LYS B 432 -12.32 28.22 -36.80
N ILE B 433 -13.63 28.04 -36.97
CA ILE B 433 -14.17 26.80 -37.49
C ILE B 433 -13.65 26.55 -38.90
N GLU B 434 -13.64 27.60 -39.70
CA GLU B 434 -13.26 27.46 -41.10
C GLU B 434 -11.80 27.04 -41.20
N ALA B 435 -10.95 27.70 -40.44
CA ALA B 435 -9.54 27.39 -40.46
C ALA B 435 -9.33 25.94 -40.05
N GLU B 436 -10.02 25.51 -39.00
CA GLU B 436 -9.86 24.16 -38.51
C GLU B 436 -10.26 23.13 -39.54
N TYR B 437 -11.33 23.44 -40.24
CA TYR B 437 -11.86 22.57 -41.27
C TYR B 437 -10.87 22.41 -42.40
N ASN B 438 -10.22 23.50 -42.78
CA ASN B 438 -9.26 23.46 -43.87
C ASN B 438 -8.08 22.59 -43.54
N GLU B 439 -7.54 22.75 -42.33
CA GLU B 439 -6.41 21.95 -41.89
C GLU B 439 -6.80 20.49 -41.91
N LEU B 440 -7.96 20.20 -41.33
CA LEU B 440 -8.49 18.85 -41.35
C LEU B 440 -8.48 18.26 -42.75
N LEU B 441 -9.04 18.97 -43.71
CA LEU B 441 -9.10 18.44 -45.06
C LEU B 441 -7.76 18.07 -45.62
N ASN B 442 -6.76 18.90 -45.33
CA ASN B 442 -5.39 18.61 -45.73
C ASN B 442 -4.94 17.35 -45.02
N TYR B 443 -5.16 17.36 -43.71
CA TYR B 443 -4.81 16.26 -42.83
C TYR B 443 -5.34 14.93 -43.35
N ILE B 444 -6.63 14.91 -43.66
CA ILE B 444 -7.30 13.74 -44.21
C ILE B 444 -6.54 13.19 -45.42
N SER B 445 -6.18 14.06 -46.35
CA SER B 445 -5.44 13.64 -47.54
C SER B 445 -4.14 12.96 -47.17
N GLU B 446 -3.34 13.65 -46.36
CA GLU B 446 -2.08 13.13 -45.87
C GLU B 446 -2.23 11.72 -45.35
N LEU B 447 -3.23 11.53 -44.50
CA LEU B 447 -3.47 10.26 -43.87
C LEU B 447 -3.85 9.22 -44.88
N GLU B 448 -4.64 9.64 -45.85
CA GLU B 448 -5.10 8.75 -46.91
C GLU B 448 -3.91 8.31 -47.77
N THR B 449 -2.97 9.21 -47.99
CA THR B 449 -1.82 8.89 -48.77
C THR B 449 -0.99 7.78 -48.12
N ILE B 450 -0.86 7.85 -46.80
CA ILE B 450 -0.13 6.83 -46.06
C ILE B 450 -0.79 5.45 -46.15
N LEU B 451 -2.11 5.43 -46.04
CA LEU B 451 -2.84 4.17 -46.15
C LEU B 451 -2.75 3.59 -47.55
N ALA B 452 -2.68 4.46 -48.55
CA ALA B 452 -2.66 4.05 -49.94
C ALA B 452 -1.35 3.34 -50.34
N ASP B 453 -0.23 3.74 -49.77
CA ASP B 453 1.05 3.15 -50.10
C ASP B 453 1.71 2.48 -48.90
N GLU B 454 1.92 1.17 -48.99
CA GLU B 454 2.57 0.42 -47.91
C GLU B 454 4.00 0.92 -47.71
N GLU B 455 4.64 1.29 -48.81
CA GLU B 455 5.97 1.88 -48.76
C GLU B 455 6.01 3.18 -47.99
N VAL B 456 4.97 4.00 -48.16
CA VAL B 456 4.87 5.28 -47.47
C VAL B 456 4.68 5.04 -45.99
N LEU B 457 3.84 4.05 -45.64
CA LEU B 457 3.66 3.66 -44.25
C LEU B 457 4.98 3.19 -43.68
N LEU B 458 5.71 2.40 -44.45
CA LEU B 458 6.96 1.83 -44.02
C LEU B 458 8.00 2.91 -43.77
N GLN B 459 8.02 3.93 -44.62
CA GLN B 459 8.93 5.04 -44.43
C GLN B 459 8.55 5.86 -43.22
N LEU B 460 7.26 5.94 -42.94
CA LEU B 460 6.83 6.62 -41.76
C LEU B 460 7.37 5.91 -40.53
N VAL B 461 7.24 4.59 -40.51
CA VAL B 461 7.78 3.80 -39.39
C VAL B 461 9.29 4.06 -39.25
N ARG B 462 9.99 4.08 -40.38
CA ARG B 462 11.43 4.32 -40.40
C ARG B 462 11.74 5.68 -39.79
N ASP B 463 10.99 6.69 -40.20
CA ASP B 463 11.24 8.05 -39.73
C ASP B 463 11.01 8.21 -38.24
N GLU B 464 9.96 7.59 -37.73
CA GLU B 464 9.62 7.68 -36.31
C GLU B 464 10.64 6.95 -35.45
N LEU B 465 11.10 5.81 -35.93
CA LEU B 465 12.12 5.04 -35.22
C LEU B 465 13.39 5.86 -35.08
N THR B 466 13.79 6.48 -36.17
CA THR B 466 15.06 7.19 -36.27
C THR B 466 15.14 8.37 -35.30
N GLU B 467 14.00 9.02 -35.07
CA GLU B 467 13.95 10.15 -34.16
C GLU B 467 14.20 9.70 -32.73
N ILE B 468 13.67 8.54 -32.40
CA ILE B 468 13.88 7.95 -31.09
C ILE B 468 15.34 7.58 -30.90
N ARG B 469 15.96 7.04 -31.95
CA ARG B 469 17.39 6.72 -31.92
C ARG B 469 18.23 7.95 -31.67
N ASP B 470 17.88 9.01 -32.38
CA ASP B 470 18.61 10.24 -32.27
C ASP B 470 18.41 10.86 -30.89
N ARG B 471 17.22 10.73 -30.34
CA ARG B 471 16.93 11.35 -29.08
C ARG B 471 17.43 10.53 -27.90
N PHE B 472 17.33 9.21 -28.02
CA PHE B 472 17.65 8.32 -26.91
C PHE B 472 18.84 7.42 -27.14
N GLY B 473 19.30 7.35 -28.38
CA GLY B 473 20.55 6.67 -28.68
C GLY B 473 21.65 7.14 -27.75
N ASP B 474 22.43 6.19 -27.27
CA ASP B 474 23.63 6.47 -26.51
C ASP B 474 24.72 5.48 -26.82
N ASP B 475 25.88 5.74 -26.25
CA ASP B 475 27.08 4.97 -26.55
C ASP B 475 27.09 3.59 -25.93
N ARG B 476 27.62 2.64 -26.70
CA ARG B 476 27.84 1.29 -26.24
C ARG B 476 28.69 1.24 -25.00
N ARG B 477 28.14 0.71 -23.91
CA ARG B 477 28.83 0.58 -22.64
C ARG B 477 29.79 -0.63 -22.58
N THR B 478 29.42 -1.73 -23.20
CA THR B 478 30.21 -2.95 -23.10
C THR B 478 31.18 -3.11 -24.25
N GLU B 479 32.45 -3.30 -23.92
CA GLU B 479 33.48 -3.51 -24.93
C GLU B 479 33.56 -4.98 -25.30
N ILE B 480 33.70 -5.24 -26.60
CA ILE B 480 33.84 -6.60 -27.09
C ILE B 480 35.28 -6.85 -27.55
N GLN B 481 35.91 -7.88 -26.97
CA GLN B 481 37.31 -8.20 -27.23
C GLN B 481 37.43 -9.52 -27.98
N LEU B 482 38.25 -9.55 -29.01
CA LEU B 482 38.43 -10.77 -29.80
C LEU B 482 39.80 -11.41 -29.54
N GLY C 1 20.81 -2.02 12.35
CA GLY C 1 21.01 -3.16 13.22
C GLY C 1 22.47 -3.56 13.28
N LYS C 2 23.14 -3.52 12.13
CA LYS C 2 24.56 -3.83 12.09
C LYS C 2 25.34 -2.58 11.73
N LEU C 3 26.34 -2.27 12.54
CA LEU C 3 27.23 -1.16 12.28
C LEU C 3 28.00 -1.40 11.02
N ALA C 4 28.16 -0.34 10.23
CA ALA C 4 29.07 -0.37 9.10
C ALA C 4 30.21 0.56 9.42
N ASP C 5 31.40 -0.01 9.54
CA ASP C 5 32.57 0.73 9.93
C ASP C 5 33.26 1.34 8.72
N CYS C 6 34.24 2.19 8.99
CA CYS C 6 35.00 2.80 7.93
C CYS C 6 36.31 2.05 7.69
N SER C 7 37.16 2.62 6.85
CA SER C 7 38.46 2.04 6.56
C SER C 7 39.45 2.44 7.63
N SER C 8 39.76 3.73 7.69
CA SER C 8 40.70 4.28 8.66
C SER C 8 40.39 3.77 10.06
N LYS C 9 41.43 3.31 10.77
CA LYS C 9 41.29 2.84 12.15
C LYS C 9 41.82 3.86 13.14
N SER C 10 42.12 5.07 12.64
CA SER C 10 42.66 6.16 13.44
C SER C 10 41.53 7.08 13.91
N PRO C 11 41.24 7.10 15.24
CA PRO C 11 40.02 7.81 15.62
C PRO C 11 40.01 9.29 15.33
N GLU C 12 41.17 9.92 15.21
CA GLU C 12 41.23 11.37 15.09
C GLU C 12 40.38 11.85 13.91
N GLU C 13 40.41 11.09 12.82
CA GLU C 13 39.71 11.46 11.59
C GLU C 13 38.43 10.68 11.37
N CYS C 14 37.99 9.93 12.37
CA CYS C 14 36.84 9.06 12.19
C CYS C 14 35.60 9.64 12.82
N GLU C 15 34.47 9.41 12.17
CA GLU C 15 33.18 9.89 12.64
C GLU C 15 32.16 8.78 12.50
N ILE C 16 31.24 8.69 13.46
CA ILE C 16 30.20 7.67 13.41
C ILE C 16 28.81 8.31 13.38
N PHE C 17 28.01 7.88 12.42
CA PHE C 17 26.68 8.44 12.23
C PHE C 17 25.59 7.51 12.81
N LEU C 18 24.87 8.02 13.81
CA LEU C 18 23.70 7.36 14.37
C LEU C 18 22.45 7.77 13.60
N VAL C 19 22.03 6.92 12.67
CA VAL C 19 20.94 7.24 11.76
C VAL C 19 19.59 6.72 12.30
N GLU C 20 18.50 7.27 11.76
CA GLU C 20 17.16 6.90 12.12
C GLU C 20 16.58 5.97 11.07
N GLY C 21 16.42 4.69 11.42
CA GLY C 21 15.76 3.72 10.57
C GLY C 21 16.69 3.03 9.60
N ASP C 22 16.38 1.79 9.23
CA ASP C 22 17.25 1.01 8.37
C ASP C 22 17.18 1.40 6.90
N SER C 23 16.12 2.05 6.47
CA SER C 23 16.09 2.56 5.12
C SER C 23 17.01 3.78 4.99
N ALA C 24 17.05 4.61 6.03
CA ALA C 24 17.96 5.75 6.04
C ALA C 24 19.40 5.27 6.19
N GLY C 25 19.61 4.26 7.03
CA GLY C 25 20.95 3.72 7.27
C GLY C 25 21.55 3.15 6.00
N GLY C 26 20.73 2.47 5.22
CA GLY C 26 21.17 1.93 3.94
C GLY C 26 21.56 3.00 2.95
N SER C 27 20.77 4.07 2.91
CA SER C 27 21.05 5.21 2.03
C SER C 27 22.33 5.93 2.42
N THR C 28 22.52 6.05 3.73
CA THR C 28 23.67 6.71 4.29
C THR C 28 24.97 6.00 3.93
N LYS C 29 24.94 4.67 3.99
CA LYS C 29 26.13 3.88 3.73
C LYS C 29 26.66 3.99 2.32
N SER C 30 25.77 4.09 1.34
CA SER C 30 26.17 4.34 -0.04
C SER C 30 26.67 5.77 -0.24
N GLY C 31 25.94 6.72 0.36
CA GLY C 31 26.24 8.12 0.21
C GLY C 31 27.53 8.52 0.89
N ARG C 32 27.82 7.89 2.02
CA ARG C 32 28.97 8.26 2.84
C ARG C 32 30.32 8.06 2.16
N ASP C 33 31.32 8.71 2.76
CA ASP C 33 32.71 8.41 2.52
C ASP C 33 33.15 7.24 3.43
N SER C 34 33.12 6.03 2.89
CA SER C 34 33.37 4.83 3.67
C SER C 34 34.75 4.79 4.32
N ARG C 35 35.62 5.68 3.87
N ARG C 35 35.65 5.64 3.86
CA ARG C 35 36.99 5.75 4.37
CA ARG C 35 37.00 5.66 4.44
C ARG C 35 37.08 6.27 5.80
C ARG C 35 37.01 6.19 5.88
N THR C 36 36.17 7.16 6.18
CA THR C 36 36.20 7.81 7.50
C THR C 36 34.88 7.87 8.24
N GLN C 37 33.79 7.50 7.56
CA GLN C 37 32.46 7.60 8.14
C GLN C 37 31.85 6.25 8.38
N ALA C 38 31.61 5.94 9.65
CA ALA C 38 30.97 4.69 10.03
C ALA C 38 29.53 4.98 10.42
N ILE C 39 28.58 4.18 9.94
CA ILE C 39 27.17 4.42 10.24
C ILE C 39 26.54 3.30 11.05
N LEU C 40 25.81 3.69 12.10
CA LEU C 40 25.04 2.76 12.91
C LEU C 40 23.55 3.13 12.92
N PRO C 41 22.69 2.30 12.29
CA PRO C 41 21.30 2.73 12.35
C PRO C 41 20.64 2.35 13.65
N LEU C 42 19.71 3.18 14.09
CA LEU C 42 18.91 2.86 15.25
C LEU C 42 17.51 2.63 14.73
N ARG C 43 16.88 1.54 15.14
CA ARG C 43 15.54 1.20 14.68
C ARG C 43 14.44 1.71 15.60
N GLY C 44 14.03 2.96 15.39
CA GLY C 44 12.95 3.56 16.14
C GLY C 44 13.37 4.09 17.49
N LYS C 45 12.40 4.32 18.35
CA LYS C 45 12.68 4.88 19.67
C LYS C 45 13.57 3.90 20.43
N ILE C 46 14.49 4.45 21.22
CA ILE C 46 15.42 3.65 22.02
C ILE C 46 15.08 3.74 23.49
N LEU C 47 15.64 2.83 24.30
CA LEU C 47 15.39 2.82 25.72
C LEU C 47 15.69 4.13 26.40
N ASN C 48 14.76 4.58 27.25
CA ASN C 48 14.93 5.76 28.10
C ASN C 48 15.61 5.30 29.38
N VAL C 49 16.90 5.58 29.47
CA VAL C 49 17.72 5.04 30.56
C VAL C 49 17.36 5.67 31.90
N GLU C 50 17.09 6.98 31.88
CA GLU C 50 16.68 7.74 33.06
C GLU C 50 15.53 7.04 33.82
N LYS C 51 14.69 6.33 33.07
CA LYS C 51 13.52 5.66 33.63
C LYS C 51 13.77 4.17 33.91
N ALA C 52 14.86 3.62 33.36
CA ALA C 52 15.11 2.18 33.45
C ALA C 52 16.15 1.82 34.51
N ARG C 53 16.24 0.52 34.80
CA ARG C 53 17.20 -0.02 35.77
C ARG C 53 18.46 -0.53 35.08
N LEU C 54 19.49 -0.80 35.86
CA LEU C 54 20.79 -1.12 35.29
C LEU C 54 20.78 -2.43 34.52
N ASP C 55 20.24 -3.50 35.10
CA ASP C 55 20.33 -4.79 34.43
C ASP C 55 19.66 -4.73 33.05
N ARG C 56 18.54 -4.00 32.97
CA ARG C 56 17.81 -3.81 31.71
C ARG C 56 18.63 -3.02 30.71
N ILE C 57 19.22 -1.92 31.16
CA ILE C 57 19.96 -1.03 30.28
C ILE C 57 21.14 -1.77 29.65
N LEU C 58 21.87 -2.52 30.47
CA LEU C 58 23.05 -3.24 29.99
C LEU C 58 22.65 -4.32 28.99
N ASN C 59 21.54 -4.98 29.29
CA ASN C 59 21.05 -6.05 28.43
C ASN C 59 20.48 -5.57 27.10
N ASN C 60 19.94 -4.36 27.07
CA ASN C 60 19.31 -3.82 25.85
C ASN C 60 20.28 -3.72 24.68
N ASN C 61 19.86 -4.24 23.53
CA ASN C 61 20.76 -4.40 22.38
C ASN C 61 21.24 -3.11 21.77
N GLU C 62 20.34 -2.14 21.69
CA GLU C 62 20.71 -0.85 21.11
C GLU C 62 21.78 -0.16 21.96
N ILE C 63 21.58 -0.16 23.28
CA ILE C 63 22.55 0.46 24.17
C ILE C 63 23.88 -0.25 24.00
N ARG C 64 23.83 -1.57 23.99
N ARG C 64 23.82 -1.57 23.98
CA ARG C 64 25.04 -2.38 23.85
CA ARG C 64 24.99 -2.41 23.85
C ARG C 64 25.73 -2.13 22.52
C ARG C 64 25.71 -2.14 22.53
N GLN C 65 24.95 -2.03 21.46
CA GLN C 65 25.51 -1.84 20.12
C GLN C 65 26.40 -0.61 20.06
N MET C 66 25.97 0.45 20.73
CA MET C 66 26.70 1.71 20.72
C MET C 66 27.94 1.71 21.58
N ILE C 67 27.87 1.05 22.74
CA ILE C 67 29.02 0.99 23.63
C ILE C 67 30.16 0.25 22.96
N THR C 68 29.83 -0.94 22.46
CA THR C 68 30.76 -1.71 21.66
C THR C 68 31.37 -0.87 20.53
N ALA C 69 30.54 -0.04 19.89
CA ALA C 69 30.95 0.72 18.71
C ALA C 69 31.89 1.87 19.06
N PHE C 70 31.64 2.50 20.20
CA PHE C 70 32.44 3.62 20.64
C PHE C 70 33.74 3.13 21.25
N GLY C 71 33.66 2.03 22.00
CA GLY C 71 34.84 1.36 22.52
C GLY C 71 35.42 1.98 23.77
N THR C 72 34.64 2.79 24.48
CA THR C 72 35.13 3.48 25.67
C THR C 72 34.81 2.70 26.94
N GLY C 73 33.61 2.15 27.00
CA GLY C 73 33.07 1.66 28.25
C GLY C 73 32.25 2.80 28.84
N ILE C 74 31.66 2.57 30.02
CA ILE C 74 30.73 3.54 30.60
C ILE C 74 30.95 3.73 32.10
N GLY C 75 30.48 4.88 32.61
CA GLY C 75 30.52 5.17 34.04
C GLY C 75 31.93 5.40 34.52
N GLY C 76 32.34 4.61 35.50
CA GLY C 76 33.69 4.69 36.02
C GLY C 76 34.71 4.08 35.07
N ASP C 77 34.26 3.13 34.26
CA ASP C 77 35.13 2.42 33.33
C ASP C 77 35.37 3.20 32.03
N PHE C 78 34.83 4.40 31.93
CA PHE C 78 34.92 5.16 30.70
C PHE C 78 36.37 5.56 30.40
N ASP C 79 36.77 5.38 29.14
CA ASP C 79 38.11 5.75 28.67
C ASP C 79 38.01 6.53 27.36
N LEU C 80 38.04 7.86 27.45
CA LEU C 80 37.89 8.70 26.27
C LEU C 80 39.01 8.44 25.25
N ALA C 81 40.09 7.86 25.73
CA ALA C 81 41.20 7.50 24.85
C ALA C 81 40.90 6.24 24.08
N LYS C 82 39.95 5.44 24.57
CA LYS C 82 39.56 4.22 23.89
C LYS C 82 38.52 4.47 22.80
N ALA C 83 38.19 5.73 22.59
CA ALA C 83 37.19 6.11 21.60
C ALA C 83 37.70 5.85 20.19
N ARG C 84 36.86 5.24 19.37
CA ARG C 84 37.22 4.86 18.01
C ARG C 84 36.84 5.90 16.98
N TYR C 85 36.06 6.89 17.42
CA TYR C 85 35.66 8.02 16.59
C TYR C 85 35.72 9.27 17.44
N HIS C 86 36.23 10.35 16.86
CA HIS C 86 36.25 11.63 17.55
C HIS C 86 34.99 12.43 17.24
N LYS C 87 34.16 11.89 16.35
CA LYS C 87 32.86 12.48 16.06
C LYS C 87 31.80 11.41 16.11
N ILE C 88 30.86 11.60 17.04
CA ILE C 88 29.65 10.80 17.14
C ILE C 88 28.50 11.70 16.73
N VAL C 89 27.87 11.40 15.60
CA VAL C 89 26.91 12.32 15.02
C VAL C 89 25.49 11.77 15.02
N ILE C 90 24.59 12.49 15.68
CA ILE C 90 23.18 12.12 15.73
C ILE C 90 22.46 12.58 14.47
N MET C 91 21.97 11.63 13.69
CA MET C 91 21.26 11.94 12.46
C MET C 91 19.82 11.42 12.54
N THR C 92 18.90 12.27 12.97
CA THR C 92 17.50 11.90 13.02
C THR C 92 16.66 12.71 12.03
N ASP C 93 15.49 12.16 11.68
CA ASP C 93 14.53 12.85 10.81
C ASP C 93 14.29 14.26 11.31
N ALA C 94 14.03 15.16 10.38
CA ALA C 94 13.64 16.52 10.75
C ALA C 94 12.16 16.56 11.11
N ASP C 95 11.81 15.86 12.18
CA ASP C 95 10.45 15.86 12.70
C ASP C 95 10.48 15.67 14.20
N VAL C 96 9.32 15.75 14.84
CA VAL C 96 9.21 15.61 16.30
C VAL C 96 9.63 14.23 16.81
N ASP C 97 9.33 13.17 16.07
CA ASP C 97 9.72 11.83 16.49
C ASP C 97 11.22 11.67 16.39
N GLY C 98 11.79 12.23 15.34
CA GLY C 98 13.24 12.24 15.19
C GLY C 98 13.87 13.04 16.32
N ALA C 99 13.19 14.12 16.70
CA ALA C 99 13.66 14.99 17.77
C ALA C 99 13.49 14.35 19.13
N HIS C 100 12.59 13.38 19.23
CA HIS C 100 12.39 12.65 20.46
C HIS C 100 13.52 11.68 20.64
N ILE C 101 13.77 10.97 19.55
CA ILE C 101 14.86 10.04 19.48
C ILE C 101 16.15 10.75 19.87
N ARG C 102 16.25 12.02 19.51
CA ARG C 102 17.41 12.83 19.84
C ARG C 102 17.59 12.99 21.34
N THR C 103 16.52 13.40 22.02
CA THR C 103 16.58 13.59 23.48
C THR C 103 16.90 12.29 24.20
N LEU C 104 16.48 11.17 23.61
CA LEU C 104 16.70 9.87 24.20
C LEU C 104 18.19 9.49 24.13
N LEU C 105 18.81 9.78 22.99
CA LEU C 105 20.23 9.50 22.83
C LEU C 105 21.04 10.38 23.78
N LEU C 106 20.70 11.66 23.81
CA LEU C 106 21.39 12.62 24.67
C LEU C 106 21.23 12.26 26.13
N THR C 107 20.13 11.61 26.47
CA THR C 107 19.90 11.18 27.83
C THR C 107 20.94 10.11 28.18
N PHE C 108 21.12 9.19 27.24
CA PHE C 108 22.04 8.09 27.44
C PHE C 108 23.45 8.59 27.65
N PHE C 109 23.92 9.41 26.72
CA PHE C 109 25.28 9.91 26.76
C PHE C 109 25.56 10.67 28.07
N TYR C 110 24.78 11.72 28.33
CA TYR C 110 24.99 12.55 29.51
C TYR C 110 24.98 11.74 30.80
N ARG C 111 24.45 10.53 30.73
CA ARG C 111 24.33 9.69 31.93
C ARG C 111 25.36 8.59 32.02
N PHE C 112 25.84 8.09 30.88
CA PHE C 112 26.75 6.95 30.89
C PHE C 112 28.08 7.23 30.24
N MET C 113 28.12 8.27 29.43
CA MET C 113 29.34 8.61 28.72
C MET C 113 29.60 10.08 28.83
N ARG C 114 29.23 10.65 29.98
CA ARG C 114 29.29 12.10 30.19
C ARG C 114 30.62 12.71 29.72
N PRO C 115 31.75 12.07 30.09
CA PRO C 115 33.02 12.61 29.59
C PRO C 115 33.09 12.81 28.07
N LEU C 116 32.30 12.06 27.30
CA LEU C 116 32.34 12.12 25.83
C LEU C 116 31.80 13.44 25.25
N ILE C 117 30.87 14.06 25.96
CA ILE C 117 30.28 15.34 25.57
C ILE C 117 31.21 16.50 25.86
N GLU C 118 31.70 16.51 27.10
CA GLU C 118 32.64 17.51 27.55
C GLU C 118 33.84 17.55 26.60
N ALA C 119 34.20 16.38 26.08
CA ALA C 119 35.25 16.26 25.07
C ALA C 119 34.81 16.82 23.71
N GLY C 120 33.51 17.07 23.58
CA GLY C 120 32.97 17.60 22.35
C GLY C 120 33.02 16.59 21.21
N TYR C 121 32.94 15.30 21.55
CA TYR C 121 32.85 14.28 20.53
C TYR C 121 31.42 14.14 20.02
N VAL C 122 30.48 14.81 20.68
CA VAL C 122 29.08 14.66 20.34
C VAL C 122 28.52 15.83 19.54
N TYR C 123 28.01 15.50 18.37
CA TYR C 123 27.46 16.48 17.44
C TYR C 123 26.05 16.10 17.02
N ILE C 124 25.35 17.08 16.47
CA ILE C 124 24.03 16.87 15.89
C ILE C 124 24.09 17.26 14.42
N ALA C 125 23.69 16.36 13.54
CA ALA C 125 23.63 16.66 12.12
C ALA C 125 22.49 17.62 11.88
N GLN C 126 22.31 18.06 10.64
CA GLN C 126 21.20 18.94 10.31
C GLN C 126 20.75 18.74 8.89
N PRO C 127 19.90 17.72 8.66
CA PRO C 127 19.59 17.50 7.25
C PRO C 127 18.52 18.47 6.76
N PRO C 128 18.09 18.34 5.50
CA PRO C 128 17.06 19.24 5.01
C PRO C 128 15.81 19.28 5.90
N THR C 129 15.37 20.50 6.22
CA THR C 129 14.16 20.69 6.96
C THR C 129 12.98 20.47 6.03
N GLY C 130 11.82 20.21 6.61
CA GLY C 130 10.63 20.04 5.80
C GLY C 130 10.07 18.67 6.04
N TYR C 131 9.04 18.33 5.27
CA TYR C 131 8.26 17.16 5.55
C TYR C 131 8.95 15.81 5.24
N LYS C 132 9.78 15.75 4.20
CA LYS C 132 10.46 14.50 3.89
C LYS C 132 11.48 14.16 5.00
N GLY C 133 11.51 12.89 5.42
CA GLY C 133 12.50 12.40 6.37
C GLY C 133 13.65 11.72 5.66
N LEU C 134 14.55 11.11 6.43
CA LEU C 134 15.80 10.57 5.88
C LEU C 134 15.62 9.38 4.92
N GLY C 135 14.70 8.48 5.25
CA GLY C 135 14.44 7.31 4.43
C GLY C 135 13.76 7.61 3.10
N GLU C 136 13.35 8.86 2.89
CA GLU C 136 12.62 9.24 1.68
C GLU C 136 13.48 9.97 0.66
N MET C 137 14.71 10.31 1.06
CA MET C 137 15.59 11.06 0.18
C MET C 137 16.74 10.20 -0.30
N ASN C 138 17.35 10.62 -1.41
CA ASN C 138 18.37 9.85 -2.11
C ASN C 138 19.70 9.86 -1.36
N ALA C 139 20.57 8.92 -1.70
CA ALA C 139 21.86 8.80 -1.04
C ALA C 139 22.83 9.87 -1.50
N ASP C 140 22.61 10.42 -2.71
CA ASP C 140 23.48 11.47 -3.23
C ASP C 140 23.20 12.81 -2.54
N GLN C 141 21.99 12.96 -1.99
CA GLN C 141 21.62 14.22 -1.33
C GLN C 141 21.76 14.11 0.18
N LEU C 142 21.71 12.90 0.72
CA LEU C 142 22.02 12.70 2.12
C LEU C 142 23.46 13.05 2.36
N TRP C 143 24.31 12.64 1.44
CA TRP C 143 25.72 13.00 1.48
C TRP C 143 25.93 14.51 1.31
N GLU C 144 25.38 15.07 0.24
CA GLU C 144 25.66 16.46 -0.10
C GLU C 144 25.09 17.51 0.82
N THR C 145 24.18 17.13 1.70
CA THR C 145 23.46 18.09 2.52
C THR C 145 23.69 17.89 4.02
N THR C 146 24.18 16.72 4.42
CA THR C 146 24.24 16.38 5.84
C THR C 146 25.53 15.71 6.29
N MET C 147 26.12 14.91 5.41
CA MET C 147 27.32 14.16 5.74
C MET C 147 28.64 14.72 5.23
N ASN C 148 28.55 15.43 4.10
CA ASN C 148 29.74 15.95 3.42
C ASN C 148 30.36 17.14 4.15
N PRO C 149 31.62 17.01 4.57
CA PRO C 149 32.15 18.10 5.42
C PRO C 149 32.19 19.45 4.74
N GLU C 150 32.34 19.48 3.43
CA GLU C 150 32.53 20.72 2.71
C GLU C 150 31.34 21.69 2.82
N HIS C 151 30.14 21.14 3.02
CA HIS C 151 28.93 21.95 3.00
C HIS C 151 28.09 21.79 4.27
N ARG C 152 28.28 20.69 4.97
CA ARG C 152 27.42 20.37 6.11
C ARG C 152 27.66 21.30 7.28
N ALA C 153 26.60 21.51 8.06
CA ALA C 153 26.66 22.24 9.32
C ALA C 153 26.28 21.32 10.45
N LEU C 154 27.27 20.86 11.21
CA LEU C 154 27.01 20.05 12.39
C LEU C 154 26.86 20.97 13.60
N LEU C 155 26.31 20.43 14.70
CA LEU C 155 26.11 21.20 15.93
C LEU C 155 26.75 20.56 17.15
N GLN C 156 27.96 21.01 17.48
CA GLN C 156 28.69 20.47 18.61
C GLN C 156 27.96 20.74 19.92
N VAL C 157 27.67 19.67 20.65
CA VAL C 157 26.97 19.76 21.91
C VAL C 157 27.90 20.14 23.04
N LYS C 158 27.53 21.20 23.76
CA LYS C 158 28.30 21.68 24.90
C LYS C 158 27.38 21.73 26.13
N LEU C 159 27.98 21.74 27.31
CA LEU C 159 27.20 21.89 28.53
C LEU C 159 27.92 22.86 29.46
N GLU C 160 27.31 24.01 29.73
CA GLU C 160 27.90 25.01 30.60
C GLU C 160 27.61 24.69 32.05
N ASP C 161 26.40 24.17 32.33
CA ASP C 161 25.99 23.84 33.68
C ASP C 161 25.64 22.35 33.81
N ALA C 162 26.03 21.75 34.92
CA ALA C 162 25.81 20.32 35.15
C ALA C 162 24.73 20.05 36.19
N ILE C 163 24.49 21.01 37.08
CA ILE C 163 23.42 20.88 38.06
C ILE C 163 22.11 21.14 37.36
N GLU C 164 22.11 22.15 36.50
CA GLU C 164 20.92 22.50 35.72
C GLU C 164 20.64 21.38 34.74
N ALA C 165 21.72 20.84 34.16
CA ALA C 165 21.60 19.74 33.22
C ALA C 165 21.10 18.48 33.92
N ASP C 166 21.44 18.27 35.19
CA ASP C 166 20.96 17.09 35.88
C ASP C 166 19.48 17.19 36.22
N GLN C 167 19.01 18.39 36.52
CA GLN C 167 17.60 18.60 36.83
C GLN C 167 16.74 18.45 35.60
N THR C 168 17.25 18.95 34.48
CA THR C 168 16.52 18.87 33.21
C THR C 168 16.25 17.43 32.83
N PHE C 169 17.30 16.62 32.73
CA PHE C 169 17.14 15.22 32.39
C PHE C 169 16.16 14.57 33.35
N GLU C 170 16.39 14.77 34.64
CA GLU C 170 15.53 14.19 35.66
C GLU C 170 14.09 14.67 35.49
N MET C 171 13.92 15.96 35.22
CA MET C 171 12.58 16.51 35.07
C MET C 171 11.89 16.01 33.78
N LEU C 172 12.62 16.03 32.67
CA LEU C 172 12.04 15.71 31.38
C LEU C 172 11.96 14.22 31.14
N MET C 173 13.01 13.47 31.48
CA MET C 173 13.05 12.04 31.18
C MET C 173 12.78 11.20 32.40
N GLY C 174 12.69 11.82 33.57
CA GLY C 174 12.52 11.08 34.81
C GLY C 174 11.20 10.34 34.84
N ASP C 175 10.96 9.60 35.92
CA ASP C 175 9.74 8.81 36.04
C ASP C 175 8.63 9.54 36.81
N VAL C 176 8.82 10.82 37.10
CA VAL C 176 7.76 11.64 37.70
C VAL C 176 7.03 12.42 36.64
N VAL C 177 5.83 11.97 36.32
CA VAL C 177 5.05 12.58 35.27
C VAL C 177 4.78 14.04 35.57
N GLU C 178 4.44 14.34 36.81
CA GLU C 178 3.92 15.65 37.12
C GLU C 178 4.88 16.82 36.84
N ASN C 179 6.17 16.59 37.06
CA ASN C 179 7.15 17.65 36.85
C ASN C 179 7.34 17.89 35.37
N ARG C 180 7.19 16.80 34.63
CA ARG C 180 7.08 16.85 33.18
C ARG C 180 5.84 17.62 32.74
N ARG C 181 4.68 17.22 33.27
CA ARG C 181 3.40 17.83 32.92
C ARG C 181 3.37 19.32 33.26
N GLN C 182 4.02 19.71 34.35
CA GLN C 182 4.06 21.10 34.73
C GLN C 182 4.95 21.89 33.78
N PHE C 183 6.06 21.29 33.38
CA PHE C 183 6.96 21.92 32.42
C PHE C 183 6.28 22.16 31.09
N ILE C 184 5.38 21.25 30.72
CA ILE C 184 4.65 21.37 29.49
C ILE C 184 3.59 22.44 29.64
N GLU C 185 3.10 22.66 30.84
CA GLU C 185 2.01 23.61 31.04
C GLU C 185 2.56 25.02 31.12
N ASP C 186 3.86 25.13 31.32
CA ASP C 186 4.50 26.42 31.51
C ASP C 186 5.09 26.92 30.20
N ASN C 187 5.51 26.00 29.34
CA ASN C 187 6.12 26.37 28.06
C ASN C 187 5.22 26.03 26.86
N ALA C 188 3.95 25.76 27.12
CA ALA C 188 3.02 25.37 26.06
C ALA C 188 2.52 26.58 25.30
N VAL C 189 2.99 26.71 24.07
CA VAL C 189 2.50 27.75 23.19
C VAL C 189 1.60 27.13 22.15
N TYR C 190 0.31 27.06 22.47
CA TYR C 190 -0.66 26.45 21.57
C TYR C 190 -1.06 27.44 20.50
N ASN D 2 27.53 25.97 14.34
CA ASN D 2 27.81 26.54 15.65
C ASN D 2 27.69 25.44 16.72
N GLU D 3 27.42 25.84 17.97
CA GLU D 3 27.35 24.97 19.12
C GLU D 3 25.94 24.96 19.66
N ARG D 4 25.61 23.95 20.43
CA ARG D 4 24.29 23.84 21.03
C ARG D 4 24.40 23.37 22.49
N ASN D 5 23.84 24.18 23.38
CA ASN D 5 23.79 23.85 24.81
C ASN D 5 22.90 22.65 25.08
N ILE D 6 23.41 21.70 25.85
CA ILE D 6 22.66 20.48 26.13
C ILE D 6 21.33 20.76 26.82
N THR D 7 21.30 21.69 27.75
CA THR D 7 20.10 21.92 28.56
C THR D 7 18.98 22.45 27.68
N SER D 8 19.33 23.28 26.70
CA SER D 8 18.34 24.00 25.92
C SER D 8 17.82 23.16 24.78
N GLU D 9 18.64 22.24 24.29
CA GLU D 9 18.24 21.35 23.20
C GLU D 9 17.28 20.29 23.74
N MET D 10 17.57 19.79 24.94
CA MET D 10 16.66 18.87 25.63
C MET D 10 15.31 19.50 25.92
N ARG D 11 15.33 20.70 26.49
CA ARG D 11 14.10 21.40 26.79
C ARG D 11 13.28 21.63 25.54
N GLU D 12 13.94 22.07 24.47
CA GLU D 12 13.26 22.41 23.24
C GLU D 12 12.85 21.19 22.44
N SER D 13 13.75 20.23 22.29
CA SER D 13 13.41 19.00 21.56
C SER D 13 12.25 18.29 22.23
N PHE D 14 12.31 18.18 23.54
CA PHE D 14 11.33 17.38 24.23
C PHE D 14 9.94 17.99 24.08
N LEU D 15 9.89 19.30 24.17
CA LEU D 15 8.64 20.03 24.15
C LEU D 15 7.97 19.97 22.78
N ASP D 16 8.77 19.95 21.72
CA ASP D 16 8.20 19.86 20.38
C ASP D 16 7.55 18.52 20.22
N TYR D 17 8.21 17.52 20.75
CA TYR D 17 7.63 16.21 20.78
C TYR D 17 6.41 16.19 21.67
N ALA D 18 6.59 16.55 22.93
CA ALA D 18 5.53 16.48 23.90
C ALA D 18 4.26 17.20 23.44
N MET D 19 4.40 18.40 22.86
CA MET D 19 3.23 19.14 22.41
C MET D 19 2.55 18.45 21.23
N SER D 20 3.36 17.80 20.40
CA SER D 20 2.86 17.12 19.20
C SER D 20 2.03 15.88 19.54
N VAL D 21 2.59 14.94 20.31
CA VAL D 21 1.83 13.77 20.75
C VAL D 21 0.52 14.24 21.37
N ILE D 22 0.63 15.27 22.21
CA ILE D 22 -0.52 15.81 22.90
C ILE D 22 -1.58 16.34 21.93
N VAL D 23 -1.27 17.38 21.16
CA VAL D 23 -2.30 18.03 20.36
C VAL D 23 -2.47 17.44 18.96
N ALA D 24 -1.65 16.47 18.60
CA ALA D 24 -1.76 15.91 17.26
C ALA D 24 -1.29 14.47 17.16
N ARG D 25 -1.79 13.63 18.05
CA ARG D 25 -1.61 12.18 17.91
C ARG D 25 -2.42 11.37 18.90
N ALA D 26 -2.18 11.62 20.19
CA ALA D 26 -2.59 10.67 21.24
C ALA D 26 -3.93 11.01 21.89
N LEU D 27 -4.38 12.23 21.73
CA LEU D 27 -5.61 12.67 22.39
C LEU D 27 -6.68 13.04 21.37
N PRO D 28 -7.96 12.75 21.68
CA PRO D 28 -9.11 13.03 20.82
C PRO D 28 -9.57 14.48 20.90
N ASP D 29 -10.32 14.92 19.91
CA ASP D 29 -10.97 16.23 19.99
C ASP D 29 -12.35 16.07 20.63
N VAL D 30 -12.67 16.99 21.53
CA VAL D 30 -13.91 16.88 22.29
C VAL D 30 -15.16 17.01 21.40
N ARG D 31 -14.98 17.58 20.21
CA ARG D 31 -16.10 17.87 19.33
C ARG D 31 -16.53 16.68 18.49
N ASP D 32 -15.55 16.02 17.85
CA ASP D 32 -15.84 14.83 17.07
C ASP D 32 -15.27 13.56 17.72
N GLY D 33 -14.53 13.69 18.81
CA GLY D 33 -14.06 12.52 19.52
C GLY D 33 -12.98 11.74 18.79
N LEU D 34 -12.34 12.37 17.81
CA LEU D 34 -11.36 11.71 16.97
C LEU D 34 -9.95 12.20 17.17
N LYS D 35 -8.99 11.31 16.94
CA LYS D 35 -7.58 11.65 16.91
C LYS D 35 -7.24 11.89 15.46
N PRO D 36 -6.12 12.57 15.21
CA PRO D 36 -5.62 12.73 13.85
C PRO D 36 -5.71 11.49 12.96
N VAL D 37 -5.15 10.36 13.39
CA VAL D 37 -5.15 9.17 12.54
C VAL D 37 -6.58 8.72 12.18
N HIS D 38 -7.49 8.74 13.15
CA HIS D 38 -8.86 8.26 12.87
C HIS D 38 -9.59 9.20 11.92
N ARG D 39 -9.47 10.49 12.16
CA ARG D 39 -10.15 11.49 11.33
C ARG D 39 -9.72 11.38 9.87
N ARG D 40 -8.42 11.28 9.64
CA ARG D 40 -7.85 11.25 8.29
C ARG D 40 -8.26 10.01 7.51
N ILE D 41 -8.49 8.92 8.23
CA ILE D 41 -8.94 7.68 7.62
C ILE D 41 -10.35 7.84 7.07
N LEU D 42 -11.19 8.41 7.91
CA LEU D 42 -12.58 8.61 7.56
C LEU D 42 -12.73 9.67 6.48
N TYR D 43 -11.98 10.76 6.64
CA TYR D 43 -11.93 11.78 5.63
C TYR D 43 -11.42 11.16 4.35
N GLY D 44 -10.57 10.15 4.49
CA GLY D 44 -10.08 9.42 3.34
C GLY D 44 -11.13 8.52 2.71
N LEU D 45 -11.96 7.88 3.52
CA LEU D 45 -13.05 7.08 3.00
C LEU D 45 -14.01 7.97 2.28
N ASN D 46 -14.15 9.19 2.79
CA ASN D 46 -15.06 10.20 2.23
C ASN D 46 -14.63 10.57 0.82
N GLU D 47 -13.44 11.16 0.72
CA GLU D 47 -12.94 11.70 -0.53
C GLU D 47 -12.70 10.60 -1.57
N GLN D 48 -12.42 9.39 -1.12
CA GLN D 48 -12.27 8.25 -2.03
C GLN D 48 -13.63 7.66 -2.39
N GLY D 49 -14.70 8.30 -1.95
CA GLY D 49 -16.04 7.90 -2.29
C GLY D 49 -16.41 6.54 -1.72
N MET D 50 -15.80 6.18 -0.59
CA MET D 50 -16.05 4.88 0.06
C MET D 50 -17.29 4.87 0.91
N THR D 51 -18.41 5.12 0.25
CA THR D 51 -19.68 5.14 0.95
C THR D 51 -20.21 3.71 1.04
N PRO D 52 -21.21 3.49 1.92
CA PRO D 52 -21.80 2.17 2.16
C PRO D 52 -22.52 1.55 0.96
N ASP D 53 -23.07 2.41 0.11
CA ASP D 53 -23.79 1.94 -1.07
C ASP D 53 -22.84 1.35 -2.07
N LYS D 54 -21.69 2.01 -2.26
CA LYS D 54 -20.69 1.54 -3.20
C LYS D 54 -19.89 0.39 -2.58
N SER D 55 -19.09 -0.26 -3.42
CA SER D 55 -18.46 -1.52 -3.04
C SER D 55 -17.21 -1.31 -2.18
N TYR D 56 -16.82 -2.38 -1.50
CA TYR D 56 -15.63 -2.37 -0.69
C TYR D 56 -14.44 -2.01 -1.57
N LYS D 57 -13.34 -1.59 -0.96
CA LYS D 57 -12.13 -1.29 -1.69
C LYS D 57 -10.96 -1.84 -0.89
N LYS D 58 -9.92 -2.30 -1.58
CA LYS D 58 -8.73 -2.83 -0.93
C LYS D 58 -8.22 -1.91 0.18
N SER D 59 -7.95 -2.48 1.35
CA SER D 59 -7.47 -1.71 2.49
C SER D 59 -6.10 -1.08 2.23
N ALA D 60 -5.28 -1.71 1.39
CA ALA D 60 -3.97 -1.18 1.02
C ALA D 60 -4.07 0.12 0.27
N ARG D 61 -5.04 0.16 -0.64
CA ARG D 61 -5.30 1.36 -1.43
C ARG D 61 -5.80 2.51 -0.57
N ILE D 62 -6.65 2.20 0.39
CA ILE D 62 -7.20 3.21 1.28
C ILE D 62 -6.10 3.81 2.16
N VAL D 63 -5.28 2.93 2.76
CA VAL D 63 -4.22 3.36 3.66
C VAL D 63 -3.14 4.16 2.92
N GLY D 64 -2.84 3.77 1.68
CA GLY D 64 -1.85 4.46 0.86
C GLY D 64 -2.28 5.90 0.62
N ASP D 65 -3.54 6.08 0.26
CA ASP D 65 -4.15 7.37 0.03
C ASP D 65 -4.00 8.26 1.28
N VAL D 66 -4.41 7.72 2.42
CA VAL D 66 -4.38 8.45 3.69
C VAL D 66 -2.96 8.84 4.10
N MET D 67 -1.98 8.01 3.77
CA MET D 67 -0.59 8.30 4.10
C MET D 67 0.12 9.22 3.10
N GLY D 68 -0.25 9.12 1.82
CA GLY D 68 0.34 9.96 0.80
C GLY D 68 -0.20 11.37 0.90
N LYS D 69 -1.47 11.48 1.30
CA LYS D 69 -2.17 12.76 1.29
C LYS D 69 -2.22 13.49 2.63
N TYR D 70 -2.41 12.76 3.74
CA TYR D 70 -2.63 13.40 5.03
C TYR D 70 -1.77 12.91 6.18
N HIS D 71 -1.37 11.63 6.17
CA HIS D 71 -0.76 11.02 7.36
C HIS D 71 0.62 10.42 7.10
N PRO D 72 1.68 11.25 7.17
CA PRO D 72 3.04 10.83 6.81
C PRO D 72 3.72 10.09 7.95
N HIS D 73 3.19 8.91 8.26
CA HIS D 73 3.64 8.11 9.40
C HIS D 73 3.64 6.66 8.92
N GLY D 74 4.18 5.75 9.73
CA GLY D 74 4.24 4.36 9.33
C GLY D 74 2.86 3.82 9.01
N ASP D 75 2.78 2.96 8.00
CA ASP D 75 1.50 2.42 7.52
C ASP D 75 0.81 1.49 8.52
N SER D 76 1.60 0.82 9.36
CA SER D 76 1.03 -0.07 10.36
C SER D 76 0.18 0.71 11.38
N SER D 77 0.64 1.90 11.74
CA SER D 77 -0.08 2.75 12.67
C SER D 77 -1.48 3.07 12.16
N ILE D 78 -1.54 3.39 10.87
CA ILE D 78 -2.79 3.77 10.21
C ILE D 78 -3.74 2.59 10.12
N TYR D 79 -3.21 1.45 9.66
CA TYR D 79 -4.06 0.31 9.37
C TYR D 79 -4.75 -0.27 10.61
N GLU D 80 -4.03 -0.31 11.72
CA GLU D 80 -4.57 -0.92 12.94
C GLU D 80 -5.57 -0.04 13.64
N ALA D 81 -5.43 1.26 13.47
CA ALA D 81 -6.43 2.17 13.98
C ALA D 81 -7.72 1.87 13.23
N MET D 82 -7.63 1.82 11.91
CA MET D 82 -8.77 1.50 11.05
C MET D 82 -9.35 0.12 11.36
N VAL D 83 -8.50 -0.89 11.44
CA VAL D 83 -8.96 -2.20 11.84
C VAL D 83 -9.79 -2.11 13.13
N ARG D 84 -9.35 -1.31 14.11
CA ARG D 84 -10.09 -1.21 15.37
C ARG D 84 -11.50 -0.64 15.17
N MET D 85 -11.62 0.40 14.35
CA MET D 85 -12.94 0.94 13.98
C MET D 85 -13.93 -0.08 13.36
N ALA D 86 -13.43 -1.15 12.75
CA ALA D 86 -14.31 -2.13 12.09
C ALA D 86 -14.76 -3.25 13.03
N GLN D 87 -14.18 -3.27 14.23
CA GLN D 87 -14.36 -4.37 15.19
C GLN D 87 -15.52 -4.12 16.13
N ASP D 88 -16.55 -4.96 16.04
CA ASP D 88 -17.76 -4.72 16.80
C ASP D 88 -17.56 -5.02 18.28
N PHE D 89 -16.34 -5.46 18.64
CA PHE D 89 -15.96 -5.66 20.05
C PHE D 89 -14.98 -4.58 20.55
N SER D 90 -14.76 -3.56 19.73
CA SER D 90 -13.88 -2.45 20.08
C SER D 90 -14.66 -1.14 20.07
N TYR D 91 -15.41 -0.92 19.00
CA TYR D 91 -16.20 0.29 18.87
C TYR D 91 -17.66 0.01 19.21
N ARG D 92 -18.17 0.73 20.18
CA ARG D 92 -19.56 0.62 20.56
C ARG D 92 -20.46 0.87 19.37
N TYR D 93 -19.99 1.72 18.48
CA TYR D 93 -20.67 2.05 17.22
C TYR D 93 -19.60 2.08 16.13
N PRO D 94 -19.32 0.91 15.51
CA PRO D 94 -18.25 0.75 14.51
C PRO D 94 -18.32 1.71 13.35
N LEU D 95 -17.18 2.13 12.85
CA LEU D 95 -17.10 3.21 11.87
C LEU D 95 -16.63 2.72 10.51
N VAL D 96 -16.00 1.55 10.50
CA VAL D 96 -15.57 0.95 9.26
C VAL D 96 -16.34 -0.31 9.00
N ASP D 97 -16.67 -0.52 7.74
CA ASP D 97 -17.34 -1.72 7.32
C ASP D 97 -16.31 -2.55 6.60
N GLY D 98 -15.81 -3.58 7.29
CA GLY D 98 -14.72 -4.41 6.80
C GLY D 98 -15.17 -5.74 6.23
N GLN D 99 -14.55 -6.12 5.11
CA GLN D 99 -14.71 -7.43 4.51
C GLN D 99 -13.34 -8.14 4.55
N GLY D 100 -13.36 -9.43 4.91
CA GLY D 100 -12.15 -10.17 5.16
C GLY D 100 -11.99 -10.37 6.65
N ASN D 101 -10.82 -10.88 7.06
CA ASN D 101 -10.47 -11.13 8.46
C ASN D 101 -10.05 -9.83 9.14
N PHE D 102 -10.86 -9.36 10.07
CA PHE D 102 -10.55 -8.14 10.80
C PHE D 102 -10.32 -8.42 12.28
N GLY D 103 -10.09 -9.69 12.62
CA GLY D 103 -9.70 -10.08 13.97
C GLY D 103 -10.87 -10.57 14.81
N SER D 104 -10.57 -11.00 16.04
CA SER D 104 -11.61 -11.49 16.94
C SER D 104 -11.23 -11.22 18.40
N MET D 105 -12.10 -11.64 19.31
CA MET D 105 -11.88 -11.37 20.73
C MET D 105 -10.68 -12.11 21.25
N ASP D 106 -10.27 -13.15 20.53
CA ASP D 106 -9.12 -13.97 20.92
C ASP D 106 -7.80 -13.20 20.78
N GLY D 107 -7.89 -11.90 20.55
CA GLY D 107 -6.73 -11.05 20.40
C GLY D 107 -5.94 -11.28 19.13
N ASP D 108 -6.50 -12.09 18.25
CA ASP D 108 -5.89 -12.30 16.94
C ASP D 108 -6.09 -11.09 16.06
N GLY D 109 -5.02 -10.71 15.37
CA GLY D 109 -5.06 -9.53 14.53
C GLY D 109 -5.81 -9.72 13.24
N ALA D 110 -6.05 -8.60 12.58
CA ALA D 110 -6.59 -8.64 11.25
C ALA D 110 -5.54 -9.19 10.27
N ALA D 111 -6.01 -9.68 9.14
CA ALA D 111 -5.11 -10.09 8.08
C ALA D 111 -4.45 -8.84 7.51
N ALA D 112 -3.43 -9.01 6.68
CA ALA D 112 -2.72 -7.87 6.09
C ALA D 112 -3.58 -7.07 5.12
N MET D 113 -3.31 -5.77 5.03
CA MET D 113 -4.22 -4.85 4.37
C MET D 113 -4.47 -5.20 2.91
N ARG D 114 -3.54 -5.90 2.27
CA ARG D 114 -3.75 -6.31 0.88
C ARG D 114 -4.77 -7.45 0.76
N THR D 116 -7.62 -7.48 2.70
CA THR D 116 -8.90 -7.03 3.23
C THR D 116 -9.44 -5.83 2.46
N GLU D 117 -10.73 -5.57 2.62
CA GLU D 117 -11.37 -4.43 1.98
C GLU D 117 -12.25 -3.69 2.98
N ALA D 118 -12.62 -2.46 2.65
CA ALA D 118 -13.44 -1.67 3.54
C ALA D 118 -14.23 -0.58 2.87
N ARG D 119 -15.13 -0.01 3.65
CA ARG D 119 -15.91 1.17 3.29
C ARG D 119 -16.46 1.63 4.62
N MET D 120 -17.16 2.75 4.62
CA MET D 120 -17.83 3.23 5.81
C MET D 120 -18.96 2.35 6.26
N THR D 121 -19.31 2.52 7.52
CA THR D 121 -20.61 2.13 8.02
C THR D 121 -21.54 3.31 7.83
N LYS D 122 -22.84 3.04 7.81
CA LYS D 122 -23.83 4.08 7.61
C LYS D 122 -23.77 5.17 8.68
N ILE D 123 -23.27 4.82 9.85
CA ILE D 123 -23.20 5.80 10.90
C ILE D 123 -22.00 6.72 10.72
N THR D 124 -20.94 6.24 10.08
CA THR D 124 -19.85 7.11 9.69
C THR D 124 -20.38 8.25 8.82
N LEU D 125 -21.30 7.92 7.93
CA LEU D 125 -21.92 8.93 7.09
C LEU D 125 -22.40 10.10 7.92
N GLU D 126 -22.91 9.82 9.10
CA GLU D 126 -23.41 10.88 9.99
C GLU D 126 -22.27 11.69 10.60
N LEU D 127 -21.07 11.13 10.63
CA LEU D 127 -19.91 11.88 11.12
C LEU D 127 -19.46 12.96 10.14
N LEU D 128 -19.54 12.65 8.85
CA LEU D 128 -19.06 13.53 7.80
C LEU D 128 -20.18 14.31 7.11
N ARG D 129 -21.43 14.00 7.45
CA ARG D 129 -22.53 14.71 6.84
C ARG D 129 -22.34 16.22 6.87
N ASP D 130 -22.47 16.82 5.68
CA ASP D 130 -22.41 18.26 5.51
C ASP D 130 -20.97 18.81 5.53
N ILE D 131 -20.00 17.92 5.49
CA ILE D 131 -18.58 18.27 5.57
C ILE D 131 -18.21 19.24 4.45
N ASN D 132 -18.96 19.21 3.37
CA ASN D 132 -18.63 20.03 2.22
C ASN D 132 -19.50 21.29 2.12
N LYS D 133 -20.20 21.62 3.20
CA LYS D 133 -21.00 22.83 3.26
C LYS D 133 -20.41 23.81 4.24
N ASP D 134 -19.08 23.94 4.19
CA ASP D 134 -18.39 24.95 4.94
C ASP D 134 -18.87 24.93 6.39
N THR D 135 -19.08 23.73 6.91
CA THR D 135 -19.55 23.56 8.29
C THR D 135 -18.38 23.52 9.25
N ILE D 136 -17.21 23.24 8.70
CA ILE D 136 -15.99 23.13 9.49
C ILE D 136 -14.81 23.72 8.74
N ASP D 137 -13.80 24.15 9.49
CA ASP D 137 -12.61 24.77 8.93
C ASP D 137 -11.64 23.74 8.41
N PHE D 138 -11.25 23.86 7.16
CA PHE D 138 -10.23 23.00 6.59
C PHE D 138 -8.83 23.56 6.87
N ILE D 139 -7.80 22.76 6.62
CA ILE D 139 -6.43 23.20 6.84
C ILE D 139 -5.49 22.59 5.83
N ASP D 140 -4.35 23.24 5.62
CA ASP D 140 -3.33 22.68 4.74
C ASP D 140 -2.79 21.36 5.31
N ASN D 141 -2.52 20.40 4.42
CA ASN D 141 -1.89 19.16 4.82
C ASN D 141 -0.40 19.41 5.07
N TYR D 142 0.30 18.36 5.48
CA TYR D 142 1.68 18.53 5.90
C TYR D 142 2.58 19.08 4.78
N ASP D 143 2.47 18.56 3.56
CA ASP D 143 3.33 19.03 2.47
C ASP D 143 2.70 20.22 1.72
N GLY D 144 1.49 20.61 2.13
CA GLY D 144 0.81 21.74 1.52
C GLY D 144 0.10 21.42 0.22
N ASN D 145 0.15 20.16 -0.20
CA ASN D 145 -0.56 19.69 -1.39
C ASN D 145 -2.08 19.64 -1.26
N GLU D 146 -2.55 19.30 -0.06
CA GLU D 146 -3.96 19.02 0.12
C GLU D 146 -4.53 19.80 1.28
N ARG D 147 -5.86 19.87 1.33
CA ARG D 147 -6.58 20.46 2.43
C ARG D 147 -7.23 19.31 3.19
N GLU D 148 -7.21 19.39 4.52
CA GLU D 148 -7.85 18.39 5.33
C GLU D 148 -8.68 19.05 6.43
N PRO D 149 -9.63 18.31 6.97
CA PRO D 149 -10.48 18.90 8.01
C PRO D 149 -9.78 19.00 9.35
N SER D 150 -9.89 20.13 10.02
CA SER D 150 -9.41 20.25 11.38
C SER D 150 -10.25 19.37 12.29
N VAL D 151 -11.56 19.36 12.01
CA VAL D 151 -12.54 18.57 12.76
C VAL D 151 -13.66 18.13 11.84
N LEU D 152 -14.43 17.12 12.25
CA LEU D 152 -15.60 16.69 11.49
C LEU D 152 -16.89 17.26 12.02
N PRO D 153 -17.92 17.33 11.15
CA PRO D 153 -19.24 17.77 11.59
C PRO D 153 -19.73 16.95 12.81
N ALA D 154 -19.49 15.64 12.78
CA ALA D 154 -19.85 14.72 13.86
C ALA D 154 -21.29 14.91 14.36
N ARG D 155 -22.25 14.58 13.50
CA ARG D 155 -23.66 14.84 13.80
C ARG D 155 -24.23 13.87 14.83
N PHE D 156 -23.38 13.03 15.42
CA PHE D 156 -23.70 12.35 16.68
C PHE D 156 -22.50 12.46 17.62
N PRO D 157 -22.74 12.41 18.95
CA PRO D 157 -21.71 12.73 19.96
C PRO D 157 -20.71 11.60 20.14
N ASN D 158 -19.69 11.58 19.30
CA ASN D 158 -18.94 10.35 19.08
C ASN D 158 -17.88 10.07 20.13
N LEU D 159 -17.34 11.13 20.73
CA LEU D 159 -16.34 10.99 21.79
C LEU D 159 -16.79 10.00 22.85
N LEU D 160 -18.04 10.16 23.26
CA LEU D 160 -18.60 9.37 24.34
C LEU D 160 -19.19 8.06 23.84
N ALA D 161 -19.75 8.10 22.64
CA ALA D 161 -20.34 6.89 22.05
C ALA D 161 -19.32 5.76 21.97
N ASN D 162 -18.15 6.07 21.41
CA ASN D 162 -17.11 5.07 21.16
C ASN D 162 -15.94 5.14 22.12
N GLY D 163 -15.88 6.22 22.89
CA GLY D 163 -14.85 6.40 23.88
C GLY D 163 -13.50 6.69 23.26
N ALA D 164 -12.47 6.74 24.09
CA ALA D 164 -11.12 6.97 23.59
C ALA D 164 -10.11 6.56 24.66
N SER D 165 -9.05 5.86 24.24
CA SER D 165 -7.92 5.56 25.10
C SER D 165 -6.64 5.94 24.41
N GLY D 166 -5.84 6.79 25.06
CA GLY D 166 -4.63 7.27 24.44
C GLY D 166 -3.60 7.80 25.41
N ILE D 167 -2.38 7.29 25.27
CA ILE D 167 -1.28 7.69 26.11
C ILE D 167 -0.48 8.76 25.39
N ALA D 168 -0.41 9.94 25.99
CA ALA D 168 0.35 11.06 25.45
C ALA D 168 1.68 11.16 26.19
N VAL D 169 2.24 12.38 26.25
CA VAL D 169 3.38 12.69 27.13
C VAL D 169 2.93 13.61 28.25
N GLY D 170 3.29 13.28 29.48
CA GLY D 170 2.88 14.09 30.62
C GLY D 170 1.42 13.91 30.97
N MET D 171 0.71 13.13 30.16
CA MET D 171 -0.69 12.84 30.37
C MET D 171 -1.20 11.71 29.50
N ALA D 172 -2.44 11.32 29.71
CA ALA D 172 -3.08 10.25 28.96
C ALA D 172 -4.58 10.36 29.16
N THR D 173 -5.35 9.71 28.31
CA THR D 173 -6.80 9.75 28.44
C THR D 173 -7.41 8.35 28.36
N ASN D 174 -8.58 8.22 28.98
CA ASN D 174 -9.32 6.96 29.04
C ASN D 174 -10.82 7.20 29.20
N ILE D 175 -11.49 7.28 28.07
CA ILE D 175 -12.90 7.58 28.00
C ILE D 175 -13.66 6.35 27.44
N PRO D 176 -14.65 5.82 28.21
CA PRO D 176 -15.41 4.62 27.85
C PRO D 176 -16.59 4.86 26.89
N PRO D 177 -17.05 3.80 26.21
CA PRO D 177 -18.14 4.00 25.27
C PRO D 177 -19.46 4.16 26.01
N HIS D 178 -20.50 4.66 25.33
CA HIS D 178 -21.83 4.76 25.92
C HIS D 178 -22.91 4.35 24.96
N ASN D 179 -24.13 4.28 25.47
CA ASN D 179 -25.30 3.99 24.66
C ASN D 179 -25.71 5.22 23.89
N LEU D 180 -25.84 5.11 22.58
CA LEU D 180 -26.15 6.26 21.73
C LEU D 180 -27.45 6.93 22.12
N THR D 181 -28.46 6.11 22.38
CA THR D 181 -29.76 6.63 22.70
C THR D 181 -29.66 7.47 23.97
N GLU D 182 -29.11 6.89 25.02
CA GLU D 182 -28.98 7.59 26.29
C GLU D 182 -28.25 8.91 26.11
N LEU D 183 -27.19 8.89 25.31
CA LEU D 183 -26.39 10.09 25.08
C LEU D 183 -27.24 11.17 24.46
N ILE D 184 -27.88 10.84 23.35
CA ILE D 184 -28.61 11.86 22.64
C ILE D 184 -29.70 12.44 23.54
N ASN D 185 -30.43 11.60 24.25
CA ASN D 185 -31.38 12.10 25.22
C ASN D 185 -30.75 13.04 26.23
N GLY D 186 -29.55 12.72 26.67
CA GLY D 186 -28.86 13.58 27.62
C GLY D 186 -28.57 14.92 26.98
N VAL D 187 -28.17 14.86 25.72
CA VAL D 187 -27.92 16.07 24.92
C VAL D 187 -29.16 16.93 24.78
N LEU D 188 -30.25 16.30 24.36
CA LEU D 188 -31.54 16.97 24.26
C LEU D 188 -31.99 17.60 25.59
N SER D 189 -31.97 16.82 26.68
CA SER D 189 -32.23 17.36 28.03
C SER D 189 -31.43 18.63 28.32
N LEU D 190 -30.14 18.59 28.02
CA LEU D 190 -29.25 19.71 28.28
C LEU D 190 -29.63 20.94 27.46
N SER D 191 -30.03 20.73 26.22
CA SER D 191 -30.35 21.85 25.33
C SER D 191 -31.61 22.57 25.79
N LYS D 192 -32.32 21.94 26.72
CA LYS D 192 -33.51 22.53 27.27
C LYS D 192 -33.23 23.08 28.65
N ASN D 193 -32.03 22.83 29.16
CA ASN D 193 -31.68 23.29 30.48
C ASN D 193 -30.16 23.42 30.62
N PRO D 194 -29.64 24.63 30.34
CA PRO D 194 -28.21 24.95 30.45
C PRO D 194 -27.62 24.71 31.84
N ASP D 195 -28.43 24.83 32.87
CA ASP D 195 -27.97 24.69 34.25
C ASP D 195 -28.32 23.31 34.81
N ILE D 196 -28.60 22.37 33.92
CA ILE D 196 -28.85 20.98 34.28
C ILE D 196 -27.68 20.42 35.09
N SER D 197 -27.97 19.65 36.12
CA SER D 197 -26.90 19.07 36.92
C SER D 197 -26.51 17.74 36.33
N ILE D 198 -25.41 17.21 36.83
CA ILE D 198 -24.91 15.91 36.44
C ILE D 198 -25.93 14.87 36.85
N ALA D 199 -26.36 14.96 38.09
CA ALA D 199 -27.35 14.06 38.62
C ALA D 199 -28.52 13.92 37.65
N GLU D 200 -29.05 15.03 37.18
N GLU D 200 -29.01 15.07 37.20
CA GLU D 200 -30.19 14.95 36.28
CA GLU D 200 -30.12 15.11 36.26
C GLU D 200 -29.76 14.38 34.93
C GLU D 200 -29.76 14.44 34.95
N LEU D 201 -28.55 14.66 34.49
CA LEU D 201 -28.08 14.07 33.25
C LEU D 201 -27.95 12.57 33.38
N MET D 202 -27.61 12.13 34.58
CA MET D 202 -27.46 10.71 34.86
C MET D 202 -28.82 10.02 34.88
N GLU D 203 -29.90 10.80 34.72
CA GLU D 203 -31.22 10.23 34.55
C GLU D 203 -31.34 9.68 33.14
N ASP D 204 -30.70 10.37 32.19
CA ASP D 204 -30.65 9.91 30.81
C ASP D 204 -29.51 8.92 30.61
N ILE D 205 -28.32 9.31 31.04
CA ILE D 205 -27.14 8.47 30.88
C ILE D 205 -26.82 7.70 32.16
N GLU D 206 -27.16 6.42 32.17
CA GLU D 206 -26.95 5.57 33.32
C GLU D 206 -25.46 5.40 33.62
N GLY D 207 -24.71 5.13 32.58
CA GLY D 207 -23.30 4.84 32.68
C GLY D 207 -22.74 4.41 31.33
N PRO D 208 -21.49 3.92 31.32
CA PRO D 208 -20.79 3.34 30.18
C PRO D 208 -21.53 2.15 29.63
N ASP D 209 -21.36 1.87 28.34
CA ASP D 209 -22.06 0.78 27.66
C ASP D 209 -21.04 0.14 26.72
N PHE D 210 -20.42 -0.97 27.14
CA PHE D 210 -19.33 -1.53 26.38
C PHE D 210 -19.80 -2.41 25.24
N PRO D 211 -19.10 -2.33 24.08
CA PRO D 211 -19.49 -3.20 22.97
C PRO D 211 -19.54 -4.65 23.42
N THR D 212 -18.71 -4.96 24.41
CA THR D 212 -18.58 -6.30 24.94
C THR D 212 -19.69 -6.70 25.93
N ALA D 213 -20.64 -5.80 26.16
CA ALA D 213 -21.71 -6.04 27.15
C ALA D 213 -21.11 -6.28 28.56
N GLY D 214 -21.59 -7.30 29.29
CA GLY D 214 -21.07 -7.58 30.61
C GLY D 214 -21.77 -6.83 31.75
N LEU D 215 -21.15 -6.81 32.92
CA LEU D 215 -21.72 -6.19 34.10
C LEU D 215 -20.84 -5.09 34.70
N ILE D 216 -21.48 -4.02 35.18
CA ILE D 216 -20.81 -3.02 35.99
C ILE D 216 -21.30 -3.16 37.43
N LEU D 217 -20.38 -2.99 38.37
CA LEU D 217 -20.70 -3.09 39.79
C LEU D 217 -20.81 -1.74 40.45
N GLY D 218 -22.01 -1.36 40.87
CA GLY D 218 -22.21 -0.15 41.63
C GLY D 218 -22.20 1.08 40.76
N LYS D 219 -22.71 2.17 41.32
CA LYS D 219 -22.83 3.42 40.60
C LYS D 219 -21.75 4.44 41.00
N SER D 220 -21.05 4.17 42.08
CA SER D 220 -20.19 5.19 42.67
C SER D 220 -19.00 5.57 41.81
N GLY D 221 -18.37 4.59 41.19
CA GLY D 221 -17.25 4.88 40.31
C GLY D 221 -17.70 5.74 39.16
N ILE D 222 -18.75 5.25 38.48
CA ILE D 222 -19.45 6.04 37.47
C ILE D 222 -19.72 7.46 37.96
N ARG D 223 -20.41 7.57 39.10
CA ARG D 223 -20.79 8.87 39.64
C ARG D 223 -19.57 9.78 39.71
N ARG D 224 -18.51 9.30 40.35
CA ARG D 224 -17.30 10.08 40.55
C ARG D 224 -16.67 10.49 39.22
N ALA D 225 -16.68 9.58 38.27
CA ALA D 225 -16.08 9.82 36.97
C ALA D 225 -16.79 10.95 36.21
N TYR D 226 -18.12 10.97 36.33
CA TYR D 226 -18.90 12.01 35.66
C TYR D 226 -18.79 13.37 36.28
N GLU D 227 -18.63 13.43 37.60
CA GLU D 227 -18.51 14.71 38.30
C GLU D 227 -17.11 15.32 38.24
N THR D 228 -16.08 14.47 38.13
CA THR D 228 -14.72 14.96 38.11
C THR D 228 -14.04 14.70 36.78
N GLY D 229 -14.39 13.58 36.15
CA GLY D 229 -13.71 13.14 34.94
C GLY D 229 -12.81 11.98 35.25
N ARG D 230 -12.87 11.52 36.50
N ARG D 230 -12.80 11.57 36.52
CA ARG D 230 -12.01 10.46 36.98
CA ARG D 230 -11.99 10.45 36.98
C ARG D 230 -12.69 9.60 38.03
C ARG D 230 -12.73 9.60 38.00
N GLY D 231 -12.46 8.29 37.97
CA GLY D 231 -13.11 7.34 38.84
C GLY D 231 -12.86 5.90 38.37
N SER D 232 -13.02 4.94 39.28
CA SER D 232 -12.77 3.53 38.98
C SER D 232 -14.10 2.83 38.74
N ILE D 233 -14.17 2.05 37.67
CA ILE D 233 -15.38 1.30 37.35
C ILE D 233 -15.11 -0.19 37.37
N GLN D 234 -15.81 -0.91 38.24
CA GLN D 234 -15.65 -2.36 38.29
C GLN D 234 -16.44 -3.03 37.20
N MET D 235 -15.73 -3.66 36.28
CA MET D 235 -16.33 -4.43 35.22
C MET D 235 -16.21 -5.90 35.53
N ARG D 236 -17.33 -6.59 35.52
CA ARG D 236 -17.36 -8.02 35.72
C ARG D 236 -17.82 -8.77 34.46
N SER D 237 -17.46 -10.05 34.37
CA SER D 237 -17.91 -10.90 33.27
C SER D 237 -19.30 -11.43 33.56
N ARG D 238 -20.06 -11.77 32.52
CA ARG D 238 -21.34 -12.43 32.72
C ARG D 238 -21.11 -13.93 32.78
N ALA D 239 -21.24 -14.48 33.98
CA ALA D 239 -20.92 -15.87 34.27
C ALA D 239 -22.06 -16.48 35.07
N VAL D 240 -22.40 -17.73 34.77
CA VAL D 240 -23.45 -18.44 35.49
C VAL D 240 -22.95 -19.84 35.90
N ILE D 241 -23.61 -20.44 36.89
CA ILE D 241 -23.28 -21.78 37.34
C ILE D 241 -24.40 -22.70 36.91
N GLU D 242 -24.05 -23.80 36.25
CA GLU D 242 -25.05 -24.73 35.79
C GLU D 242 -24.60 -26.19 35.91
N GLU D 243 -25.59 -27.04 36.17
CA GLU D 243 -25.36 -28.48 36.26
C GLU D 243 -24.95 -28.99 34.89
N ARG D 244 -23.93 -29.84 34.87
CA ARG D 244 -23.56 -30.57 33.66
C ARG D 244 -24.09 -31.99 33.73
N GLY D 245 -24.86 -32.29 34.78
CA GLY D 245 -25.38 -33.62 34.99
C GLY D 245 -24.44 -34.46 35.83
N GLY D 246 -24.99 -35.48 36.49
CA GLY D 246 -24.19 -36.34 37.33
C GLY D 246 -23.81 -35.68 38.63
N GLY D 247 -24.53 -34.61 38.99
CA GLY D 247 -24.28 -33.90 40.23
C GLY D 247 -23.10 -32.96 40.11
N ARG D 248 -22.57 -32.83 38.90
CA ARG D 248 -21.43 -31.96 38.65
C ARG D 248 -21.95 -30.68 38.00
N GLN D 249 -21.33 -29.55 38.33
CA GLN D 249 -21.71 -28.28 37.73
C GLN D 249 -20.59 -27.70 36.89
N ARG D 250 -20.91 -26.66 36.12
CA ARG D 250 -19.90 -25.92 35.40
C ARG D 250 -20.19 -24.46 35.48
N ILE D 251 -19.16 -23.66 35.28
CA ILE D 251 -19.32 -22.22 35.17
C ILE D 251 -19.29 -21.90 33.69
N VAL D 252 -20.18 -21.02 33.26
CA VAL D 252 -20.26 -20.67 31.84
C VAL D 252 -20.16 -19.16 31.67
N VAL D 253 -19.21 -18.72 30.84
CA VAL D 253 -18.96 -17.29 30.68
C VAL D 253 -19.29 -16.89 29.24
N THR D 254 -20.11 -15.86 29.10
CA THR D 254 -20.65 -15.48 27.80
C THR D 254 -20.40 -14.02 27.42
N GLU D 255 -19.85 -13.26 28.36
CA GLU D 255 -19.45 -11.89 28.12
C GLU D 255 -18.23 -11.61 28.96
N ILE D 256 -17.31 -10.82 28.41
CA ILE D 256 -16.07 -10.54 29.08
C ILE D 256 -15.90 -9.03 29.17
N PRO D 257 -15.06 -8.57 30.11
CA PRO D 257 -14.78 -7.14 30.32
C PRO D 257 -14.22 -6.46 29.09
N PHE D 258 -14.55 -5.19 28.97
CA PHE D 258 -14.07 -4.37 27.88
C PHE D 258 -12.54 -4.32 27.80
N GLN D 259 -12.02 -4.56 26.60
CA GLN D 259 -10.59 -4.47 26.31
C GLN D 259 -9.83 -5.61 26.97
N VAL D 260 -10.50 -6.74 27.14
CA VAL D 260 -9.84 -7.93 27.66
C VAL D 260 -9.70 -8.98 26.56
N ASN D 261 -8.49 -9.52 26.44
CA ASN D 261 -8.21 -10.61 25.55
C ASN D 261 -8.76 -11.90 26.14
N LYS D 262 -9.65 -12.53 25.39
CA LYS D 262 -10.29 -13.74 25.84
C LYS D 262 -9.23 -14.80 26.02
N ALA D 263 -8.45 -15.02 24.97
CA ALA D 263 -7.45 -16.08 24.97
C ALA D 263 -6.53 -15.93 26.16
N ARG D 264 -5.98 -14.74 26.32
CA ARG D 264 -4.99 -14.48 27.35
C ARG D 264 -5.58 -14.71 28.72
N MET D 265 -6.83 -14.32 28.90
CA MET D 265 -7.52 -14.56 30.16
C MET D 265 -7.62 -16.05 30.43
N ILE D 266 -7.82 -16.83 29.39
CA ILE D 266 -8.02 -18.26 29.57
C ILE D 266 -6.71 -18.93 29.99
N GLU D 267 -5.63 -18.55 29.31
N GLU D 267 -5.66 -18.54 29.27
CA GLU D 267 -4.32 -19.09 29.64
CA GLU D 267 -4.30 -18.93 29.55
C GLU D 267 -3.94 -18.65 31.05
C GLU D 267 -3.97 -18.64 31.02
N LYS D 268 -4.46 -17.50 31.49
CA LYS D 268 -4.26 -17.06 32.85
C LYS D 268 -4.95 -18.02 33.82
N ILE D 269 -6.12 -18.49 33.44
CA ILE D 269 -6.83 -19.44 34.27
C ILE D 269 -6.13 -20.79 34.22
N ALA D 270 -5.84 -21.26 33.02
CA ALA D 270 -5.14 -22.52 32.83
C ALA D 270 -3.86 -22.54 33.64
N GLU D 271 -3.18 -21.40 33.66
CA GLU D 271 -1.94 -21.26 34.40
C GLU D 271 -2.16 -21.38 35.91
N LEU D 272 -3.23 -20.78 36.43
CA LEU D 272 -3.50 -20.85 37.85
C LEU D 272 -3.83 -22.26 38.27
N VAL D 273 -4.60 -22.95 37.45
CA VAL D 273 -4.94 -24.33 37.75
C VAL D 273 -3.68 -25.20 37.72
N ARG D 274 -2.87 -24.95 36.70
CA ARG D 274 -1.65 -25.68 36.46
C ARG D 274 -0.72 -25.55 37.65
N ASP D 275 -0.60 -24.33 38.15
CA ASP D 275 0.26 -24.04 39.29
C ASP D 275 -0.51 -24.20 40.59
N LYS D 276 -1.74 -24.67 40.48
CA LYS D 276 -2.52 -25.07 41.65
C LYS D 276 -2.85 -23.91 42.58
N LYS D 277 -2.78 -22.68 42.06
CA LYS D 277 -3.16 -21.52 42.83
C LYS D 277 -4.69 -21.34 42.88
N ILE D 278 -5.42 -22.28 42.29
CA ILE D 278 -6.89 -22.23 42.36
C ILE D 278 -7.44 -23.65 42.36
N ASP D 279 -8.10 -24.02 43.45
CA ASP D 279 -8.66 -25.36 43.60
C ASP D 279 -10.02 -25.52 42.91
N GLY D 280 -10.38 -26.77 42.58
CA GLY D 280 -11.73 -27.12 42.19
C GLY D 280 -12.07 -27.16 40.70
N ILE D 281 -11.12 -26.87 39.83
CA ILE D 281 -11.37 -26.88 38.39
C ILE D 281 -10.87 -28.19 37.76
N THR D 282 -11.74 -28.87 37.03
CA THR D 282 -11.42 -30.16 36.42
C THR D 282 -11.26 -30.10 34.89
N ASP D 283 -11.73 -29.01 34.28
CA ASP D 283 -11.59 -28.79 32.84
C ASP D 283 -11.90 -27.35 32.43
N LEU D 284 -11.28 -26.93 31.33
CA LEU D 284 -11.46 -25.60 30.76
C LEU D 284 -11.56 -25.65 29.25
N ARG D 285 -12.63 -25.10 28.68
CA ARG D 285 -12.83 -25.17 27.24
C ARG D 285 -13.40 -23.89 26.68
N ASP D 286 -12.94 -23.54 25.48
CA ASP D 286 -13.53 -22.44 24.76
C ASP D 286 -14.44 -23.01 23.70
N GLU D 287 -15.74 -22.77 23.86
CA GLU D 287 -16.73 -23.27 22.94
C GLU D 287 -17.25 -22.17 22.03
N THR D 288 -16.56 -21.04 22.06
CA THR D 288 -16.99 -19.89 21.29
C THR D 288 -17.01 -20.23 19.79
N SER D 289 -18.17 -20.05 19.16
CA SER D 289 -18.38 -20.29 17.75
C SER D 289 -19.02 -19.07 17.14
N LEU D 290 -18.77 -18.84 15.85
CA LEU D 290 -19.33 -17.69 15.15
C LEU D 290 -20.85 -17.72 15.15
N ARG D 291 -21.40 -18.86 15.51
CA ARG D 291 -22.83 -19.02 15.51
C ARG D 291 -23.43 -18.84 16.90
N THR D 292 -22.83 -19.50 17.88
CA THR D 292 -23.36 -19.55 19.23
C THR D 292 -22.78 -18.47 20.15
N GLY D 293 -21.90 -17.64 19.61
CA GLY D 293 -21.35 -16.52 20.35
C GLY D 293 -20.31 -16.94 21.36
N VAL D 294 -19.86 -15.99 22.18
CA VAL D 294 -18.90 -16.24 23.25
C VAL D 294 -19.44 -17.24 24.29
N ARG D 295 -18.64 -18.27 24.57
CA ARG D 295 -19.00 -19.27 25.57
C ARG D 295 -17.76 -20.00 26.08
N VAL D 296 -17.31 -19.61 27.28
CA VAL D 296 -16.16 -20.24 27.94
C VAL D 296 -16.61 -21.10 29.11
N VAL D 297 -16.16 -22.34 29.13
CA VAL D 297 -16.63 -23.29 30.13
C VAL D 297 -15.52 -23.70 31.09
N ILE D 298 -15.90 -23.82 32.37
CA ILE D 298 -15.01 -24.23 33.45
C ILE D 298 -15.70 -25.31 34.27
N ASP D 299 -15.29 -26.56 34.08
CA ASP D 299 -15.85 -27.67 34.82
C ASP D 299 -15.36 -27.71 36.24
N VAL D 300 -16.31 -27.81 37.17
CA VAL D 300 -16.03 -27.86 38.60
C VAL D 300 -16.03 -29.29 39.11
N ARG D 301 -15.00 -29.63 39.87
CA ARG D 301 -14.92 -30.93 40.50
C ARG D 301 -16.17 -31.18 41.34
N LYS D 302 -16.67 -32.40 41.33
CA LYS D 302 -17.93 -32.72 41.96
C LYS D 302 -17.96 -32.33 43.43
N ASP D 303 -19.07 -31.74 43.85
CA ASP D 303 -19.29 -31.33 45.24
C ASP D 303 -18.45 -30.12 45.68
N ALA D 304 -17.58 -29.63 44.80
CA ALA D 304 -16.93 -28.37 45.05
C ALA D 304 -17.98 -27.28 44.96
N ASN D 305 -17.82 -26.25 45.79
CA ASN D 305 -18.67 -25.08 45.71
C ASN D 305 -18.20 -24.20 44.56
N ALA D 306 -18.98 -24.19 43.48
CA ALA D 306 -18.61 -23.51 42.23
C ALA D 306 -18.75 -22.00 42.32
N SER D 307 -19.53 -21.54 43.29
CA SER D 307 -19.64 -20.10 43.50
C SER D 307 -18.35 -19.56 44.07
N VAL D 308 -17.84 -20.24 45.10
CA VAL D 308 -16.60 -19.88 45.72
C VAL D 308 -15.48 -19.81 44.69
N ILE D 309 -15.35 -20.86 43.88
CA ILE D 309 -14.38 -20.93 42.79
C ILE D 309 -14.45 -19.69 41.90
N LEU D 310 -15.67 -19.39 41.45
CA LEU D 310 -15.95 -18.22 40.63
C LEU D 310 -15.46 -16.96 41.32
N ASN D 311 -15.73 -16.87 42.61
CA ASN D 311 -15.31 -15.72 43.40
C ASN D 311 -13.81 -15.51 43.33
N ASN D 312 -13.08 -16.59 43.54
CA ASN D 312 -11.64 -16.54 43.42
C ASN D 312 -11.25 -16.24 42.00
N LEU D 313 -12.05 -16.69 41.04
CA LEU D 313 -11.71 -16.43 39.65
C LEU D 313 -11.83 -14.97 39.29
N TYR D 314 -12.70 -14.27 40.01
CA TYR D 314 -12.79 -12.83 39.89
C TYR D 314 -11.63 -12.17 40.60
N LYS D 315 -11.11 -12.84 41.61
CA LYS D 315 -10.04 -12.29 42.41
C LYS D 315 -8.69 -12.42 41.70
N GLN D 316 -8.57 -13.43 40.87
CA GLN D 316 -7.25 -13.87 40.37
C GLN D 316 -7.06 -13.79 38.86
N THR D 317 -8.14 -13.50 38.14
CA THR D 317 -8.03 -13.38 36.72
C THR D 317 -8.78 -12.15 36.25
N PRO D 318 -8.56 -11.75 35.00
CA PRO D 318 -9.20 -10.56 34.46
C PRO D 318 -10.67 -10.80 34.19
N LEU D 319 -11.26 -11.77 34.87
CA LEU D 319 -12.69 -12.01 34.78
C LEU D 319 -13.47 -10.84 35.36
N GLN D 320 -12.78 -10.12 36.24
CA GLN D 320 -13.24 -8.86 36.73
C GLN D 320 -12.06 -7.93 36.49
N THR D 321 -12.34 -6.73 36.03
CA THR D 321 -11.30 -5.79 35.69
C THR D 321 -11.91 -4.43 35.89
N SER D 322 -11.10 -3.46 36.30
CA SER D 322 -11.61 -2.13 36.47
C SER D 322 -11.31 -1.33 35.21
N PHE D 323 -12.11 -0.30 34.98
CA PHE D 323 -11.87 0.64 33.89
C PHE D 323 -11.60 1.98 34.56
N GLY D 324 -10.39 2.48 34.41
CA GLY D 324 -10.03 3.77 35.00
C GLY D 324 -10.37 4.94 34.12
N VAL D 325 -11.47 5.61 34.39
CA VAL D 325 -11.92 6.68 33.53
C VAL D 325 -11.05 7.90 33.75
N ASN D 326 -10.32 8.33 32.74
CA ASN D 326 -9.63 9.63 32.77
C ASN D 326 -10.04 10.43 31.55
N MET D 327 -10.81 11.48 31.75
CA MET D 327 -11.42 12.10 30.58
C MET D 327 -10.73 13.38 30.20
N ILE D 328 -9.57 13.23 29.58
CA ILE D 328 -8.86 14.38 29.02
C ILE D 328 -9.07 14.44 27.50
N ALA D 329 -9.60 15.55 27.01
CA ALA D 329 -9.81 15.74 25.57
C ALA D 329 -9.34 17.12 25.11
N LEU D 330 -8.91 17.20 23.85
CA LEU D 330 -8.53 18.48 23.27
C LEU D 330 -9.73 19.41 23.18
N VAL D 331 -9.63 20.53 23.90
CA VAL D 331 -10.63 21.60 23.88
C VAL D 331 -9.99 22.91 23.44
N ASN D 332 -10.43 23.46 22.32
CA ASN D 332 -9.82 24.65 21.75
C ASN D 332 -8.33 24.44 21.56
N GLY D 333 -7.98 23.25 21.08
CA GLY D 333 -6.62 22.94 20.80
C GLY D 333 -5.78 22.78 22.06
N ARG D 334 -6.38 22.85 23.26
N ARG D 334 -6.46 22.73 23.21
CA ARG D 334 -5.57 22.47 24.41
CA ARG D 334 -5.79 22.49 24.47
C ARG D 334 -6.20 21.38 25.25
C ARG D 334 -6.27 21.25 25.18
N PRO D 335 -5.33 20.45 25.75
CA PRO D 335 -5.66 19.30 26.62
C PRO D 335 -6.37 19.77 27.89
N LYS D 336 -7.58 19.24 28.11
CA LYS D 336 -8.33 19.59 29.29
C LYS D 336 -9.02 18.37 29.88
N LEU D 337 -9.04 18.30 31.21
CA LEU D 337 -9.78 17.26 31.90
C LEU D 337 -11.18 17.77 32.15
N ILE D 338 -12.16 17.05 31.63
CA ILE D 338 -13.53 17.52 31.63
C ILE D 338 -14.47 16.54 32.29
N ASN D 339 -15.43 17.07 33.05
CA ASN D 339 -16.52 16.27 33.60
C ASN D 339 -17.54 16.00 32.49
N LEU D 340 -18.59 15.26 32.80
CA LEU D 340 -19.53 14.82 31.78
C LEU D 340 -20.31 15.96 31.16
N LYS D 341 -20.74 16.90 31.99
CA LYS D 341 -21.50 18.02 31.50
C LYS D 341 -20.68 18.87 30.51
N GLU D 342 -19.43 19.15 30.86
CA GLU D 342 -18.53 19.90 29.97
C GLU D 342 -18.43 19.17 28.62
N ALA D 343 -18.34 17.85 28.68
CA ALA D 343 -18.22 17.01 27.50
C ALA D 343 -19.38 17.21 26.54
N LEU D 344 -20.58 17.32 27.10
CA LEU D 344 -21.80 17.56 26.33
C LEU D 344 -21.97 19.01 25.91
N VAL D 345 -21.55 19.93 26.76
CA VAL D 345 -21.65 21.33 26.45
C VAL D 345 -20.85 21.63 25.21
N HIS D 346 -19.61 21.16 25.17
CA HIS D 346 -18.77 21.46 24.03
C HIS D 346 -19.26 20.81 22.75
N TYR D 347 -19.81 19.60 22.86
CA TYR D 347 -20.35 18.95 21.68
C TYR D 347 -21.54 19.74 21.15
N LEU D 348 -22.33 20.31 22.04
CA LEU D 348 -23.54 21.01 21.63
C LEU D 348 -23.20 22.27 20.87
N GLU D 349 -22.34 23.08 21.44
N GLU D 349 -22.36 23.09 21.47
CA GLU D 349 -21.90 24.29 20.78
CA GLU D 349 -21.83 24.28 20.82
C GLU D 349 -21.41 24.04 19.37
C GLU D 349 -21.43 24.03 19.37
N HIS D 350 -20.86 22.83 19.14
CA HIS D 350 -20.29 22.45 17.87
C HIS D 350 -21.37 22.12 16.86
N GLN D 351 -22.45 21.50 17.33
CA GLN D 351 -23.58 21.23 16.47
C GLN D 351 -24.31 22.51 16.13
N LYS D 352 -24.26 23.51 17.01
CA LYS D 352 -24.88 24.82 16.75
C LYS D 352 -24.20 25.52 15.59
N THR D 353 -22.89 25.61 15.71
CA THR D 353 -22.03 26.16 14.70
C THR D 353 -22.06 25.37 13.41
N VAL D 354 -22.27 24.08 13.49
CA VAL D 354 -22.21 23.29 12.28
C VAL D 354 -23.46 23.55 11.48
N VAL D 355 -24.62 23.51 12.12
CA VAL D 355 -25.89 23.72 11.44
C VAL D 355 -26.06 25.18 11.02
N ARG D 356 -25.56 26.10 11.84
CA ARG D 356 -25.58 27.50 11.46
C ARG D 356 -24.78 27.68 10.18
N ARG D 357 -23.56 27.18 10.18
CA ARG D 357 -22.68 27.37 9.04
C ARG D 357 -23.20 26.71 7.79
N ARG D 358 -23.89 25.59 7.98
CA ARG D 358 -24.51 24.89 6.87
C ARG D 358 -25.57 25.78 6.26
N THR D 359 -26.49 26.22 7.11
CA THR D 359 -27.64 26.98 6.68
C THR D 359 -27.18 28.28 6.00
N GLN D 360 -26.13 28.91 6.52
CA GLN D 360 -25.58 30.10 5.88
C GLN D 360 -24.92 29.79 4.54
N TYR D 361 -24.29 28.64 4.46
CA TYR D 361 -23.63 28.25 3.24
C TYR D 361 -24.65 27.89 2.17
N ASN D 362 -25.65 27.11 2.54
CA ASN D 362 -26.77 26.79 1.63
C ASN D 362 -27.45 28.04 1.10
N LEU D 363 -27.41 29.10 1.89
CA LEU D 363 -27.98 30.37 1.50
C LEU D 363 -27.14 31.07 0.44
N ARG D 364 -25.88 31.35 0.76
CA ARG D 364 -24.96 31.97 -0.18
C ARG D 364 -25.11 31.33 -1.53
N LYS D 365 -25.16 30.01 -1.53
CA LYS D 365 -25.09 29.25 -2.77
C LYS D 365 -26.45 29.23 -3.49
N ALA D 366 -27.55 29.28 -2.72
CA ALA D 366 -28.87 29.40 -3.33
C ALA D 366 -29.07 30.80 -3.94
N LYS D 367 -28.58 31.84 -3.28
CA LYS D 367 -28.61 33.18 -3.85
C LYS D 367 -27.67 33.27 -5.05
N ASP D 368 -26.51 32.65 -4.96
CA ASP D 368 -25.58 32.58 -6.09
C ASP D 368 -26.24 31.97 -7.32
N ARG D 369 -26.99 30.89 -7.11
CA ARG D 369 -27.64 30.19 -8.21
C ARG D 369 -28.87 30.95 -8.70
N ALA D 370 -29.55 31.59 -7.76
CA ALA D 370 -30.72 32.39 -8.09
C ALA D 370 -30.28 33.49 -9.06
N HIS D 371 -29.29 34.26 -8.64
CA HIS D 371 -28.72 35.33 -9.46
C HIS D 371 -28.44 34.87 -10.88
N ILE D 372 -27.94 33.66 -11.00
CA ILE D 372 -27.67 33.12 -12.32
C ILE D 372 -28.97 32.88 -13.08
N LEU D 373 -29.93 32.24 -12.42
CA LEU D 373 -31.18 31.93 -13.07
C LEU D 373 -31.92 33.18 -13.50
N GLU D 374 -31.83 34.23 -12.71
CA GLU D 374 -32.37 35.52 -13.10
C GLU D 374 -31.69 36.00 -14.38
N GLY D 375 -30.40 35.74 -14.51
CA GLY D 375 -29.65 36.14 -15.69
C GLY D 375 -30.12 35.37 -16.91
N LEU D 376 -30.48 34.12 -16.72
CA LEU D 376 -30.93 33.25 -17.80
C LEU D 376 -32.36 33.56 -18.21
N ARG D 377 -33.22 33.78 -17.23
CA ARG D 377 -34.58 34.17 -17.49
C ARG D 377 -34.63 35.42 -18.36
N ILE D 378 -33.88 36.44 -17.96
CA ILE D 378 -33.76 37.63 -18.78
C ILE D 378 -33.48 37.26 -20.22
N ALA D 379 -32.51 36.39 -20.41
CA ALA D 379 -32.13 35.96 -21.74
C ALA D 379 -33.27 35.29 -22.48
N LEU D 380 -34.00 34.41 -21.79
CA LEU D 380 -35.13 33.75 -22.41
C LEU D 380 -36.14 34.78 -22.87
N ASP D 381 -36.27 35.85 -22.09
CA ASP D 381 -37.23 36.88 -22.40
C ASP D 381 -36.91 37.63 -23.66
N HIS D 382 -35.62 37.89 -23.86
CA HIS D 382 -35.16 38.74 -24.94
C HIS D 382 -34.19 38.01 -25.81
N ILE D 383 -34.47 36.74 -26.01
CA ILE D 383 -33.50 35.90 -26.64
C ILE D 383 -33.07 36.50 -28.00
N ASP D 384 -34.01 37.07 -28.76
CA ASP D 384 -33.64 37.57 -30.08
C ASP D 384 -32.58 38.68 -30.00
N GLU D 385 -32.66 39.50 -28.97
CA GLU D 385 -31.77 40.65 -28.82
C GLU D 385 -30.41 40.16 -28.41
N ILE D 386 -30.44 39.27 -27.44
CA ILE D 386 -29.27 38.57 -26.96
C ILE D 386 -28.44 38.01 -28.13
N ILE D 387 -29.07 37.23 -28.99
CA ILE D 387 -28.40 36.71 -30.17
C ILE D 387 -27.78 37.82 -31.02
N SER D 388 -28.61 38.78 -31.41
CA SER D 388 -28.15 39.91 -32.21
C SER D 388 -26.85 40.46 -31.62
N THR D 389 -26.88 40.65 -30.31
CA THR D 389 -25.77 41.27 -29.58
C THR D 389 -24.50 40.47 -29.68
N ILE D 390 -24.62 39.16 -29.67
CA ILE D 390 -23.47 38.28 -29.68
C ILE D 390 -22.93 38.17 -31.10
N ARG D 391 -23.83 37.93 -32.03
CA ARG D 391 -23.46 37.75 -33.42
C ARG D 391 -22.71 38.96 -33.92
N GLU D 392 -23.08 40.11 -33.39
CA GLU D 392 -22.46 41.37 -33.79
C GLU D 392 -21.22 41.67 -32.99
N SER D 393 -20.88 40.77 -32.07
CA SER D 393 -19.64 40.88 -31.33
C SER D 393 -18.60 40.02 -32.00
N ASP D 394 -17.39 40.54 -32.11
CA ASP D 394 -16.34 39.81 -32.77
C ASP D 394 -15.77 38.81 -31.79
N THR D 395 -15.71 39.21 -30.52
CA THR D 395 -15.01 38.44 -29.51
C THR D 395 -15.91 38.21 -28.30
N ASP D 396 -15.57 37.19 -27.52
CA ASP D 396 -16.40 36.83 -26.38
C ASP D 396 -16.38 37.91 -25.32
N LYS D 397 -15.20 38.49 -25.07
CA LYS D 397 -15.07 39.59 -24.13
C LYS D 397 -15.92 40.78 -24.56
N VAL D 398 -15.89 41.07 -25.85
CA VAL D 398 -16.72 42.14 -26.40
C VAL D 398 -18.16 41.79 -26.18
N ALA D 399 -18.52 40.55 -26.45
CA ALA D 399 -19.89 40.12 -26.26
C ALA D 399 -20.24 40.20 -24.79
N MET D 400 -19.28 39.94 -23.93
CA MET D 400 -19.50 40.04 -22.49
C MET D 400 -19.83 41.45 -22.08
N GLU D 401 -19.05 42.39 -22.60
CA GLU D 401 -19.25 43.79 -22.28
C GLU D 401 -20.59 44.28 -22.80
N SER D 402 -20.89 43.94 -24.05
CA SER D 402 -22.13 44.37 -24.68
C SER D 402 -23.34 43.83 -23.96
N LEU D 403 -23.25 42.57 -23.56
CA LEU D 403 -24.33 41.92 -22.84
C LEU D 403 -24.54 42.54 -21.46
N GLN D 404 -23.46 42.87 -20.77
CA GLN D 404 -23.59 43.52 -19.47
C GLN D 404 -24.18 44.90 -19.58
N GLN D 405 -23.74 45.65 -20.58
CA GLN D 405 -24.22 47.02 -20.78
C GLN D 405 -25.68 47.10 -21.20
N ARG D 406 -26.06 46.30 -22.20
CA ARG D 406 -27.41 46.42 -22.74
C ARG D 406 -28.48 45.95 -21.75
N PHE D 407 -28.26 44.82 -21.10
CA PHE D 407 -29.30 44.22 -20.26
C PHE D 407 -29.01 44.35 -18.77
N LYS D 408 -27.96 45.10 -18.45
CA LYS D 408 -27.66 45.44 -17.06
C LYS D 408 -27.37 44.19 -16.26
N LEU D 409 -26.48 43.38 -16.80
CA LEU D 409 -26.12 42.11 -16.20
C LEU D 409 -24.82 42.20 -15.43
N SER D 410 -24.67 41.29 -14.47
CA SER D 410 -23.41 41.07 -13.81
C SER D 410 -22.49 40.33 -14.77
N GLU D 411 -21.20 40.35 -14.49
CA GLU D 411 -20.29 39.62 -15.31
C GLU D 411 -20.62 38.14 -15.26
N LYS D 412 -21.00 37.67 -14.08
CA LYS D 412 -21.33 36.25 -13.90
C LYS D 412 -22.54 35.88 -14.72
N GLN D 413 -23.58 36.69 -14.62
CA GLN D 413 -24.79 36.45 -15.40
C GLN D 413 -24.49 36.35 -16.87
N ALA D 414 -23.63 37.24 -17.37
CA ALA D 414 -23.28 37.28 -18.79
C ALA D 414 -22.39 36.12 -19.23
N GLN D 415 -21.50 35.66 -18.37
CA GLN D 415 -20.68 34.49 -18.68
C GLN D 415 -21.59 33.29 -18.81
N ALA D 416 -22.52 33.18 -17.89
CA ALA D 416 -23.49 32.10 -17.87
C ALA D 416 -24.22 32.01 -19.21
N ILE D 417 -24.70 33.15 -19.68
CA ILE D 417 -25.45 33.23 -20.93
C ILE D 417 -24.58 32.76 -22.09
N LEU D 418 -23.37 33.26 -22.19
CA LEU D 418 -22.45 32.82 -23.23
C LEU D 418 -22.17 31.31 -23.20
N ASP D 419 -22.28 30.70 -22.03
CA ASP D 419 -22.03 29.27 -21.92
C ASP D 419 -23.29 28.45 -22.10
N MET D 420 -24.40 29.10 -22.35
CA MET D 420 -25.66 28.37 -22.46
C MET D 420 -25.79 27.63 -23.80
N ARG D 421 -26.08 26.33 -23.69
CA ARG D 421 -26.25 25.50 -24.87
C ARG D 421 -27.57 25.80 -25.58
N LEU D 422 -27.61 25.68 -26.91
CA LEU D 422 -28.81 25.99 -27.67
C LEU D 422 -30.04 25.17 -27.24
N ARG D 423 -29.82 23.92 -26.90
N ARG D 423 -29.85 23.91 -26.90
CA ARG D 423 -30.92 23.04 -26.53
CA ARG D 423 -31.00 23.07 -26.54
C ARG D 423 -31.71 23.54 -25.32
C ARG D 423 -31.79 23.70 -25.41
N ARG D 424 -31.10 24.43 -24.55
CA ARG D 424 -31.76 25.03 -23.39
C ARG D 424 -32.95 25.94 -23.81
N LEU D 425 -33.19 26.08 -25.13
CA LEU D 425 -34.29 26.90 -25.68
C LEU D 425 -35.55 26.14 -26.07
N THR D 426 -35.48 24.83 -26.06
CA THR D 426 -36.66 24.02 -26.30
C THR D 426 -37.65 24.32 -25.18
N GLY D 427 -38.92 23.99 -25.39
CA GLY D 427 -39.95 24.28 -24.40
C GLY D 427 -39.60 23.82 -23.00
N LEU D 428 -39.32 22.52 -22.85
CA LEU D 428 -39.06 21.94 -21.54
C LEU D 428 -37.87 22.53 -20.84
N GLU D 429 -36.83 22.84 -21.60
CA GLU D 429 -35.61 23.36 -20.99
C GLU D 429 -35.86 24.73 -20.39
N ARG D 430 -36.73 25.51 -21.02
CA ARG D 430 -37.09 26.82 -20.51
C ARG D 430 -37.92 26.69 -19.24
N ASP D 431 -38.86 25.75 -19.24
CA ASP D 431 -39.69 25.51 -18.09
C ASP D 431 -38.84 25.07 -16.91
N LYS D 432 -37.81 24.30 -17.18
CA LYS D 432 -36.93 23.81 -16.12
C LYS D 432 -36.22 24.94 -15.40
N ILE D 433 -35.85 25.97 -16.15
CA ILE D 433 -35.16 27.10 -15.59
C ILE D 433 -36.11 27.90 -14.69
N GLU D 434 -37.30 28.21 -15.19
CA GLU D 434 -38.28 28.96 -14.41
C GLU D 434 -38.74 28.13 -13.21
N ALA D 435 -38.73 26.82 -13.36
CA ALA D 435 -39.13 25.92 -12.28
C ALA D 435 -38.08 25.81 -11.19
N GLU D 436 -36.81 25.81 -11.58
CA GLU D 436 -35.73 25.76 -10.61
C GLU D 436 -35.76 27.03 -9.76
N TYR D 437 -35.88 28.17 -10.43
CA TYR D 437 -35.92 29.48 -9.78
C TYR D 437 -36.99 29.64 -8.72
N ASN D 438 -38.21 29.23 -9.04
CA ASN D 438 -39.28 29.43 -8.09
C ASN D 438 -39.06 28.55 -6.87
N GLU D 439 -38.75 27.27 -7.09
CA GLU D 439 -38.39 26.37 -5.99
C GLU D 439 -37.29 26.95 -5.11
N LEU D 440 -36.33 27.60 -5.76
CA LEU D 440 -35.17 28.14 -5.07
C LEU D 440 -35.48 29.36 -4.22
N LEU D 441 -36.42 30.17 -4.70
CA LEU D 441 -36.86 31.34 -3.97
C LEU D 441 -37.52 30.96 -2.65
N ASN D 442 -38.26 29.86 -2.68
N ASN D 442 -38.28 29.87 -2.68
CA ASN D 442 -38.93 29.38 -1.48
CA ASN D 442 -38.92 29.35 -1.49
C ASN D 442 -37.91 28.85 -0.48
C ASN D 442 -37.86 28.90 -0.49
N TYR D 443 -36.92 28.09 -0.99
CA TYR D 443 -35.84 27.54 -0.17
C TYR D 443 -35.07 28.62 0.58
N ILE D 444 -34.57 29.59 -0.18
CA ILE D 444 -33.95 30.77 0.38
C ILE D 444 -34.75 31.30 1.57
N SER D 445 -36.04 31.52 1.38
CA SER D 445 -36.83 32.11 2.45
C SER D 445 -37.08 31.10 3.57
N GLU D 446 -36.95 29.82 3.27
CA GLU D 446 -36.96 28.81 4.33
C GLU D 446 -35.69 29.00 5.16
N LEU D 447 -34.56 29.05 4.47
CA LEU D 447 -33.26 29.18 5.11
C LEU D 447 -33.16 30.45 5.94
N GLU D 448 -33.71 31.54 5.42
CA GLU D 448 -33.60 32.83 6.09
C GLU D 448 -34.37 32.85 7.41
N THR D 449 -35.38 32.01 7.50
CA THR D 449 -36.18 31.90 8.71
C THR D 449 -35.38 31.28 9.84
N ILE D 450 -34.65 30.21 9.51
CA ILE D 450 -33.83 29.49 10.46
C ILE D 450 -32.81 30.42 11.09
N LEU D 451 -32.19 31.22 10.23
CA LEU D 451 -31.10 32.06 10.64
C LEU D 451 -31.62 33.32 11.32
N ALA D 452 -32.93 33.53 11.25
CA ALA D 452 -33.53 34.75 11.80
C ALA D 452 -34.02 34.48 13.21
N ASP D 453 -34.03 33.22 13.61
CA ASP D 453 -34.44 32.87 14.96
C ASP D 453 -33.55 31.81 15.58
N GLU D 454 -32.96 32.17 16.72
CA GLU D 454 -32.01 31.29 17.42
C GLU D 454 -32.62 29.97 17.84
N GLU D 455 -33.92 30.00 18.15
CA GLU D 455 -34.62 28.84 18.68
C GLU D 455 -35.02 27.86 17.59
N VAL D 456 -35.41 28.40 16.44
CA VAL D 456 -35.71 27.58 15.27
C VAL D 456 -34.52 26.69 14.95
N LEU D 457 -33.40 27.35 14.73
CA LEU D 457 -32.11 26.71 14.57
C LEU D 457 -31.91 25.59 15.57
N LEU D 458 -32.01 25.93 16.84
CA LEU D 458 -31.84 24.95 17.89
C LEU D 458 -32.75 23.74 17.75
N GLN D 459 -34.03 23.98 17.58
CA GLN D 459 -34.98 22.90 17.43
C GLN D 459 -34.64 22.04 16.22
N LEU D 460 -34.06 22.66 15.20
CA LEU D 460 -33.67 21.93 14.00
C LEU D 460 -32.60 20.93 14.40
N VAL D 461 -31.64 21.41 15.17
CA VAL D 461 -30.60 20.57 15.71
C VAL D 461 -31.17 19.42 16.55
N ARG D 462 -32.22 19.72 17.32
CA ARG D 462 -32.86 18.70 18.16
C ARG D 462 -33.46 17.61 17.32
N ASP D 463 -34.27 18.03 16.35
CA ASP D 463 -34.94 17.12 15.47
C ASP D 463 -33.92 16.27 14.75
N GLU D 464 -32.83 16.89 14.32
CA GLU D 464 -31.83 16.19 13.52
C GLU D 464 -31.11 15.16 14.36
N LEU D 465 -31.01 15.42 15.66
CA LEU D 465 -30.47 14.44 16.57
C LEU D 465 -31.44 13.28 16.79
N THR D 466 -32.63 13.64 17.23
CA THR D 466 -33.69 12.69 17.51
C THR D 466 -33.84 11.68 16.39
N GLU D 467 -33.64 12.16 15.17
CA GLU D 467 -33.73 11.37 13.96
C GLU D 467 -32.62 10.34 13.90
N ILE D 468 -31.43 10.80 14.18
CA ILE D 468 -30.26 9.95 14.20
C ILE D 468 -30.46 8.96 15.32
N ARG D 469 -30.95 9.45 16.44
CA ARG D 469 -31.18 8.61 17.60
C ARG D 469 -32.18 7.54 17.25
N ASP D 470 -33.10 7.85 16.36
CA ASP D 470 -34.18 6.92 16.13
C ASP D 470 -33.74 5.87 15.16
N ARG D 471 -32.85 6.26 14.26
CA ARG D 471 -32.38 5.34 13.26
C ARG D 471 -31.30 4.45 13.81
N PHE D 472 -30.47 5.02 14.68
CA PHE D 472 -29.23 4.38 15.09
C PHE D 472 -29.19 3.99 16.54
N GLY D 473 -29.89 4.73 17.39
CA GLY D 473 -29.90 4.42 18.80
C GLY D 473 -30.22 2.95 19.00
N ASP D 474 -29.48 2.28 19.88
CA ASP D 474 -29.76 0.87 20.17
C ASP D 474 -29.88 0.60 21.64
N ASP D 475 -30.05 -0.69 21.94
CA ASP D 475 -30.19 -1.16 23.30
C ASP D 475 -28.92 -1.08 24.08
N ARG D 476 -29.05 -0.74 25.35
CA ARG D 476 -27.94 -0.84 26.27
C ARG D 476 -27.45 -2.28 26.27
N ARG D 477 -26.13 -2.46 26.28
CA ARG D 477 -25.54 -3.80 26.34
C ARG D 477 -25.07 -4.14 27.74
N THR D 478 -24.40 -3.19 28.38
CA THR D 478 -23.78 -3.43 29.67
C THR D 478 -24.77 -3.23 30.81
N GLU D 479 -24.86 -4.21 31.71
CA GLU D 479 -25.75 -4.09 32.84
C GLU D 479 -25.06 -3.44 34.01
N ILE D 480 -25.74 -2.46 34.58
CA ILE D 480 -25.24 -1.77 35.74
C ILE D 480 -25.93 -2.31 36.99
N GLN D 481 -25.27 -3.22 37.69
CA GLN D 481 -25.85 -3.85 38.87
C GLN D 481 -25.82 -2.96 40.10
N LEU D 482 -26.94 -2.91 40.80
CA LEU D 482 -27.17 -2.03 41.95
C LEU D 482 -27.40 -0.57 41.51
#